data_4K4Y
#
_entry.id   4K4Y
#
_cell.length_a   60.373
_cell.length_b   60.402
_cell.length_c   194.026
_cell.angle_alpha   89.92
_cell.angle_beta   89.96
_cell.angle_gamma   79.75
#
_symmetry.space_group_name_H-M   'P 1'
#
loop_
_entity.id
_entity.type
_entity.pdbx_description
1 polymer 'RNA-dependent RNA polymerase'
2 polymer "RNA (5'-R(*AP*AP*GP*UP*CP*UP*CP*CP*AP*GP*GP*UP*CP*UP*CP*UP*CP*GP*UP*CP*GP*AP*AP*A)-3')"
3 polymer "DNA/RNA (5'-R(*UP*GP*UP*UP*CP*GP*AP*CP*GP*AP*GP*AP*GP*AP*(DOC))-3')"
4 polymer "RNA (5'-R(*GP*GP*GP*AP*GP*AP*UP*GP*A)-3')"
5 non-polymer "2',3'-DIDEOXYCYTIDINE 5'-TRIPHOSPHATE"
6 non-polymer 'ACETATE ION'
7 non-polymer GLYCEROL
8 water water
#
loop_
_entity_poly.entity_id
_entity_poly.type
_entity_poly.pdbx_seq_one_letter_code
_entity_poly.pdbx_strand_id
1 'polypeptide(L)'
;GEIEFIESSKDAGFPVINTPSKTKLEPSVFHQVFEGNKEPAVLRSGDPRLKANFEEAIFSKYIGNVNTHVDEYMLEAVDH
YAGQLATLDISTEPMKLEDAVYGTEGLEALDLTTSAGYPYVALGIKKRDILSKKTKDLTKLKECMDKYGLNLPMVTYVKD
ELRSIEKVAKGKSRLIEASSLNDSVAMRQTFGNLYKTFHLNPGVVTGSAVGCDPDLFWSKIPVMLDGHLIAFDYSGYDAS
LSPVWFACLKMILEKLGYTHKETNYIDYLCNSHHLYRDKHYFVRGGMPSGCSGTSIFNSMINNIIIRTLMLKVYKGIDLD
QFRMIAYGDDVIASYPWPIDASLLAEAGKGYGLIMTPADKGECFNEVTWTNVTFLKRYFRADEQYPFLVHPVMPMKDIHE
SIRWTKDPKNTQDHVRSLCLLAWHNGEHEYEEFIRKIRSVPVGRCLTLPAFSTLRRKWLDSFGSSSHHHHHH
;
A,E,I,M
2 'polyribonucleotide' AAGUCUCCAGGUCUCUCGUCGAAA B,F,J,N
3 'polydeoxyribonucleotide/polyribonucleotide hybrid' UGUUCGACGAGAGA(DOC) C,G,K,O
4 'polyribonucleotide' GGGAGAUGA D,H,L,P
#
# COMPACT_ATOMS: atom_id res chain seq x y z
N GLY A 1 -49.75 -63.47 47.49
CA GLY A 1 -49.02 -64.59 46.93
C GLY A 1 -48.83 -65.75 47.90
N GLU A 2 -49.18 -66.94 47.45
CA GLU A 2 -49.05 -68.12 48.31
C GLU A 2 -48.80 -69.38 47.51
N ILE A 3 -47.85 -70.17 47.98
CA ILE A 3 -47.59 -71.48 47.38
C ILE A 3 -48.60 -72.43 48.00
N GLU A 4 -49.52 -72.92 47.18
CA GLU A 4 -50.61 -73.79 47.62
C GLU A 4 -50.19 -75.25 47.77
N PHE A 5 -49.37 -75.70 46.82
CA PHE A 5 -49.05 -77.10 46.70
C PHE A 5 -47.67 -77.32 46.13
N ILE A 6 -46.95 -78.28 46.68
CA ILE A 6 -45.68 -78.69 46.11
C ILE A 6 -45.76 -80.17 45.82
N GLU A 7 -45.28 -80.58 44.66
CA GLU A 7 -45.18 -81.99 44.36
C GLU A 7 -43.89 -82.26 43.62
N SER A 8 -43.46 -83.50 43.64
CA SER A 8 -42.33 -83.90 42.83
C SER A 8 -42.65 -83.75 41.35
N SER A 9 -41.74 -83.20 40.58
CA SER A 9 -41.97 -83.03 39.14
C SER A 9 -42.13 -84.39 38.44
N LYS A 10 -41.37 -85.41 38.87
CA LYS A 10 -41.55 -86.76 38.31
C LYS A 10 -43.01 -87.21 38.41
N ASP A 11 -43.58 -87.01 39.60
CA ASP A 11 -44.98 -87.26 39.88
C ASP A 11 -45.89 -86.61 38.86
N ALA A 12 -45.45 -85.46 38.33
CA ALA A 12 -46.30 -84.70 37.44
C ALA A 12 -45.77 -84.76 36.01
N GLY A 13 -44.90 -85.72 35.75
CA GLY A 13 -44.42 -85.94 34.39
C GLY A 13 -43.46 -84.87 33.92
N PHE A 14 -42.85 -84.17 34.87
CA PHE A 14 -41.89 -83.12 34.53
C PHE A 14 -40.42 -83.49 34.78
N PRO A 15 -39.57 -83.18 33.80
CA PRO A 15 -38.12 -83.39 33.93
C PRO A 15 -37.52 -82.50 35.01
N VAL A 16 -36.39 -82.87 35.58
CA VAL A 16 -35.68 -82.01 36.52
C VAL A 16 -34.97 -80.88 35.75
N ILE A 17 -35.05 -79.67 36.29
CA ILE A 17 -34.47 -78.51 35.60
C ILE A 17 -33.07 -78.13 36.12
N ASN A 18 -32.13 -78.01 35.19
CA ASN A 18 -30.78 -77.53 35.48
C ASN A 18 -30.85 -76.05 35.85
N THR A 19 -30.67 -75.76 37.14
CA THR A 19 -30.67 -74.38 37.59
C THR A 19 -29.26 -74.05 38.07
N PRO A 20 -28.57 -73.14 37.37
CA PRO A 20 -27.22 -72.70 37.65
C PRO A 20 -27.00 -72.29 39.11
N SER A 21 -25.81 -72.54 39.64
CA SER A 21 -25.50 -72.14 41.00
C SER A 21 -24.20 -71.32 41.09
N LYS A 22 -23.58 -71.06 39.94
CA LYS A 22 -22.31 -70.35 39.91
C LYS A 22 -22.50 -68.99 39.26
N THR A 23 -22.17 -67.92 39.99
CA THR A 23 -22.31 -66.56 39.44
C THR A 23 -21.37 -66.33 38.27
N LYS A 24 -21.75 -65.37 37.42
CA LYS A 24 -20.88 -64.93 36.33
C LYS A 24 -20.17 -63.62 36.68
N LEU A 25 -20.45 -63.08 37.86
CA LEU A 25 -19.88 -61.78 38.25
C LEU A 25 -18.51 -61.94 38.90
N GLU A 26 -17.51 -61.30 38.30
CA GLU A 26 -16.17 -61.23 38.88
C GLU A 26 -15.88 -59.79 39.31
N PRO A 27 -15.04 -59.61 40.35
CA PRO A 27 -14.51 -58.28 40.62
C PRO A 27 -13.79 -57.71 39.42
N SER A 28 -14.07 -56.45 39.11
CA SER A 28 -13.53 -55.80 37.92
C SER A 28 -12.23 -55.08 38.26
N VAL A 29 -11.56 -54.57 37.24
CA VAL A 29 -10.33 -53.82 37.49
C VAL A 29 -10.60 -52.60 38.40
N PHE A 30 -11.85 -52.13 38.46
CA PHE A 30 -12.22 -50.98 39.30
C PHE A 30 -12.74 -51.35 40.67
N HIS A 31 -12.75 -52.64 41.00
CA HIS A 31 -13.31 -53.14 42.26
C HIS A 31 -12.66 -52.43 43.46
N GLN A 32 -11.42 -51.98 43.29
CA GLN A 32 -10.69 -51.40 44.43
C GLN A 32 -10.74 -49.89 44.44
N VAL A 33 -10.85 -49.29 43.27
CA VAL A 33 -10.86 -47.83 43.18
C VAL A 33 -12.07 -47.24 43.89
N PHE A 34 -13.22 -47.88 43.70
CA PHE A 34 -14.46 -47.40 44.28
C PHE A 34 -14.90 -48.27 45.44
N GLU A 35 -15.73 -47.71 46.31
CA GLU A 35 -16.30 -48.47 47.43
C GLU A 35 -17.68 -49.00 47.03
N GLY A 36 -18.05 -50.16 47.58
CA GLY A 36 -19.32 -50.78 47.29
C GLY A 36 -19.71 -51.70 48.43
N ASN A 37 -21.00 -51.92 48.64
CA ASN A 37 -21.44 -52.87 49.67
C ASN A 37 -22.04 -54.15 49.11
N LYS A 38 -22.24 -54.20 47.80
CA LYS A 38 -22.87 -55.37 47.18
C LYS A 38 -21.88 -56.42 46.67
N GLU A 39 -22.28 -57.69 46.82
CA GLU A 39 -21.56 -58.80 46.22
C GLU A 39 -22.57 -59.53 45.36
N PRO A 40 -22.13 -60.53 44.56
CA PRO A 40 -23.15 -61.27 43.80
C PRO A 40 -24.10 -62.06 44.71
N ALA A 41 -25.36 -62.13 44.30
CA ALA A 41 -26.40 -62.80 45.09
C ALA A 41 -26.07 -64.27 45.30
N VAL A 42 -26.43 -64.77 46.49
CA VAL A 42 -26.33 -66.18 46.80
C VAL A 42 -27.14 -67.00 45.77
N LEU A 43 -26.55 -68.09 45.27
CA LEU A 43 -27.22 -68.89 44.24
C LEU A 43 -27.36 -70.37 44.63
N ARG A 44 -26.85 -70.72 45.81
CA ARG A 44 -26.88 -72.11 46.29
C ARG A 44 -26.80 -72.18 47.82
N SER A 45 -27.14 -73.35 48.38
CA SER A 45 -27.25 -73.48 49.83
C SER A 45 -25.90 -73.56 50.53
N GLY A 46 -24.85 -73.90 49.78
CA GLY A 46 -23.53 -74.00 50.36
C GLY A 46 -22.70 -72.71 50.39
N ASP A 47 -23.32 -71.58 50.07
CA ASP A 47 -22.61 -70.32 50.03
C ASP A 47 -22.14 -69.96 51.44
N PRO A 48 -20.80 -69.82 51.61
CA PRO A 48 -20.16 -69.53 52.91
C PRO A 48 -20.69 -68.28 53.63
N ARG A 49 -21.27 -67.34 52.88
CA ARG A 49 -21.77 -66.08 53.43
C ARG A 49 -23.21 -66.24 53.95
N LEU A 50 -23.81 -67.41 53.72
CA LEU A 50 -25.17 -67.67 54.20
C LEU A 50 -25.26 -67.69 55.71
N LYS A 51 -26.13 -66.83 56.25
CA LYS A 51 -26.43 -66.79 57.68
C LYS A 51 -27.86 -67.24 57.96
N ALA A 52 -28.51 -67.79 56.95
CA ALA A 52 -29.89 -68.25 57.08
C ALA A 52 -30.22 -69.32 56.03
N ASN A 53 -31.39 -69.93 56.13
CA ASN A 53 -31.76 -70.97 55.18
C ASN A 53 -32.05 -70.34 53.83
N PHE A 54 -31.32 -70.79 52.82
CA PHE A 54 -31.40 -70.24 51.46
C PHE A 54 -32.77 -70.47 50.84
N GLU A 55 -33.15 -71.74 50.66
CA GLU A 55 -34.41 -72.05 49.99
C GLU A 55 -35.60 -71.50 50.76
N GLU A 56 -35.48 -71.44 52.09
CA GLU A 56 -36.50 -70.78 52.92
C GLU A 56 -36.62 -69.31 52.56
N ALA A 57 -35.48 -68.67 52.34
CA ALA A 57 -35.38 -67.23 52.17
C ALA A 57 -35.86 -66.76 50.80
N ILE A 58 -35.47 -67.49 49.75
CA ILE A 58 -35.81 -67.08 48.37
C ILE A 58 -37.32 -67.12 48.11
N PHE A 59 -37.99 -68.04 48.79
CA PHE A 59 -39.43 -68.23 48.63
C PHE A 59 -40.24 -67.46 49.67
N SER A 60 -39.57 -66.98 50.72
CA SER A 60 -40.22 -66.24 51.81
C SER A 60 -41.01 -65.04 51.32
N LYS A 61 -40.78 -64.63 50.08
CA LYS A 61 -41.47 -63.50 49.48
C LYS A 61 -42.98 -63.71 49.40
N TYR A 62 -43.40 -64.98 49.36
CA TYR A 62 -44.82 -65.32 49.28
C TYR A 62 -45.48 -65.19 50.65
N ILE A 63 -45.73 -63.94 51.07
CA ILE A 63 -46.18 -63.61 52.43
C ILE A 63 -47.51 -64.25 52.83
N GLY A 64 -48.33 -64.56 51.82
CA GLY A 64 -49.68 -65.04 52.00
C GLY A 64 -50.63 -64.25 51.11
N ASN A 65 -51.93 -64.53 51.20
CA ASN A 65 -52.95 -63.76 50.52
C ASN A 65 -53.94 -63.24 51.54
N VAL A 66 -54.83 -62.35 51.11
CA VAL A 66 -55.94 -61.94 51.94
C VAL A 66 -57.19 -62.23 51.14
N ASN A 67 -58.20 -62.73 51.81
CA ASN A 67 -59.40 -63.09 51.12
C ASN A 67 -60.38 -61.97 51.31
N THR A 68 -60.54 -61.16 50.27
CA THR A 68 -61.47 -60.05 50.30
C THR A 68 -62.14 -59.99 48.93
N HIS A 69 -63.34 -59.44 48.90
CA HIS A 69 -64.04 -59.24 47.65
C HIS A 69 -63.64 -57.90 47.07
N VAL A 70 -63.96 -57.74 45.79
CA VAL A 70 -63.84 -56.48 45.11
C VAL A 70 -64.80 -55.51 45.81
N ASP A 71 -64.27 -54.67 46.70
CA ASP A 71 -65.15 -53.76 47.45
C ASP A 71 -65.49 -52.45 46.70
N GLU A 72 -66.29 -51.60 47.31
CA GLU A 72 -66.84 -50.42 46.63
C GLU A 72 -65.75 -49.45 46.21
N TYR A 73 -64.66 -49.45 46.95
CA TYR A 73 -63.53 -48.61 46.65
C TYR A 73 -62.79 -49.11 45.41
N MET A 74 -62.44 -50.39 45.38
CA MET A 74 -61.83 -51.02 44.21
C MET A 74 -62.65 -50.76 42.95
N LEU A 75 -63.95 -50.96 43.06
CA LEU A 75 -64.85 -50.81 41.93
C LEU A 75 -64.81 -49.39 41.38
N GLU A 76 -64.82 -48.41 42.28
CA GLU A 76 -64.80 -47.02 41.87
C GLU A 76 -63.44 -46.77 41.25
N ALA A 77 -62.43 -47.28 41.95
CA ALA A 77 -61.04 -47.21 41.51
C ALA A 77 -60.91 -47.67 40.08
N VAL A 78 -61.60 -48.76 39.76
CA VAL A 78 -61.49 -49.33 38.44
C VAL A 78 -62.16 -48.45 37.40
N ASP A 79 -63.29 -47.88 37.76
CA ASP A 79 -64.07 -47.14 36.78
C ASP A 79 -63.33 -45.89 36.40
N HIS A 80 -62.65 -45.32 37.38
CA HIS A 80 -61.88 -44.11 37.16
C HIS A 80 -60.70 -44.34 36.23
N TYR A 81 -59.86 -45.32 36.59
CA TYR A 81 -58.68 -45.63 35.76
C TYR A 81 -59.13 -46.10 34.36
N ALA A 82 -60.26 -46.79 34.29
CA ALA A 82 -60.74 -47.29 33.01
C ALA A 82 -61.12 -46.12 32.11
N GLY A 83 -61.65 -45.08 32.72
CA GLY A 83 -62.15 -43.94 31.97
C GLY A 83 -61.01 -43.18 31.32
N GLN A 84 -59.86 -43.16 31.99
CA GLN A 84 -58.64 -42.63 31.40
C GLN A 84 -58.22 -43.51 30.20
N LEU A 85 -58.07 -44.82 30.47
CA LEU A 85 -57.59 -45.74 29.45
C LEU A 85 -58.49 -45.72 28.23
N ALA A 86 -59.75 -45.35 28.41
CA ALA A 86 -60.68 -45.32 27.29
C ALA A 86 -60.33 -44.20 26.30
N THR A 87 -59.66 -43.16 26.79
CA THR A 87 -59.34 -42.05 25.90
C THR A 87 -58.31 -42.50 24.88
N LEU A 88 -57.54 -43.52 25.24
CA LEU A 88 -56.53 -44.10 24.37
C LEU A 88 -57.39 -45.10 23.67
N ASP A 89 -57.21 -45.35 22.39
CA ASP A 89 -58.14 -46.30 21.76
C ASP A 89 -57.61 -47.74 21.72
N ILE A 90 -57.33 -48.30 22.90
CA ILE A 90 -56.74 -49.64 22.98
C ILE A 90 -57.56 -50.68 22.22
N SER A 91 -56.94 -51.22 21.17
CA SER A 91 -57.57 -52.27 20.37
C SER A 91 -57.52 -53.57 21.10
N THR A 92 -58.66 -54.24 21.20
CA THR A 92 -58.71 -55.53 21.85
C THR A 92 -58.52 -56.62 20.82
N GLU A 93 -58.42 -56.23 19.54
CA GLU A 93 -58.12 -57.16 18.46
C GLU A 93 -56.76 -57.79 18.65
N PRO A 94 -56.65 -59.12 18.43
CA PRO A 94 -55.38 -59.80 18.65
C PRO A 94 -54.34 -59.29 17.66
N MET A 95 -53.10 -59.10 18.11
CA MET A 95 -52.04 -58.60 17.24
C MET A 95 -51.62 -59.68 16.22
N LYS A 96 -51.41 -59.24 14.97
CA LYS A 96 -50.89 -60.07 13.89
C LYS A 96 -49.66 -60.83 14.38
N LEU A 97 -49.58 -62.12 14.11
CA LEU A 97 -48.54 -62.95 14.73
C LEU A 97 -47.14 -62.48 14.38
N GLU A 98 -46.93 -62.02 13.15
CA GLU A 98 -45.59 -61.55 12.76
C GLU A 98 -45.18 -60.34 13.60
N ASP A 99 -46.15 -59.51 13.94
CA ASP A 99 -45.86 -58.33 14.74
C ASP A 99 -45.68 -58.70 16.22
N ALA A 100 -46.54 -59.57 16.72
CA ALA A 100 -46.46 -59.99 18.12
C ALA A 100 -45.14 -60.66 18.45
N VAL A 101 -44.52 -61.30 17.47
CA VAL A 101 -43.26 -62.03 17.69
C VAL A 101 -41.99 -61.26 17.29
N TYR A 102 -42.03 -60.61 16.14
CA TYR A 102 -40.83 -60.01 15.59
C TYR A 102 -40.92 -58.50 15.66
N GLY A 103 -41.73 -58.00 16.59
CA GLY A 103 -41.82 -56.57 16.83
C GLY A 103 -42.65 -55.71 15.86
N THR A 104 -43.15 -54.59 16.41
CA THR A 104 -43.84 -53.56 15.63
C THR A 104 -43.64 -52.25 16.36
N GLU A 105 -44.00 -51.12 15.75
CA GLU A 105 -43.90 -49.82 16.41
C GLU A 105 -44.63 -49.88 17.74
N GLY A 106 -43.90 -49.62 18.83
CA GLY A 106 -44.48 -49.66 20.16
C GLY A 106 -44.29 -50.95 20.93
N LEU A 107 -43.76 -51.98 20.26
CA LEU A 107 -43.52 -53.27 20.91
C LEU A 107 -42.37 -54.02 20.27
N GLU A 108 -41.25 -54.11 20.97
CA GLU A 108 -40.06 -54.76 20.44
C GLU A 108 -40.26 -56.26 20.32
N ALA A 109 -39.49 -56.89 19.46
CA ALA A 109 -39.57 -58.33 19.23
C ALA A 109 -39.26 -59.12 20.48
N LEU A 110 -39.54 -60.42 20.47
CA LEU A 110 -39.13 -61.26 21.59
C LEU A 110 -37.61 -61.19 21.77
N ASP A 111 -37.16 -61.34 23.01
CA ASP A 111 -35.74 -61.48 23.29
C ASP A 111 -35.27 -62.87 22.84
N LEU A 112 -34.56 -62.94 21.72
CA LEU A 112 -34.12 -64.23 21.15
C LEU A 112 -32.83 -64.76 21.77
N THR A 113 -32.29 -64.02 22.74
CA THR A 113 -31.06 -64.42 23.40
C THR A 113 -31.36 -65.12 24.72
N THR A 114 -32.64 -65.19 25.07
CA THR A 114 -33.02 -65.78 26.36
C THR A 114 -33.68 -67.15 26.21
N SER A 115 -33.85 -67.82 27.33
CA SER A 115 -34.43 -69.15 27.33
C SER A 115 -35.77 -69.19 26.59
N ALA A 116 -36.11 -70.37 26.10
CA ALA A 116 -37.38 -70.56 25.44
C ALA A 116 -38.36 -71.15 26.45
N GLY A 117 -37.83 -71.50 27.63
CA GLY A 117 -38.63 -72.04 28.71
C GLY A 117 -39.09 -73.45 28.44
N TYR A 118 -40.02 -73.92 29.27
CA TYR A 118 -40.58 -75.25 29.12
C TYR A 118 -41.46 -75.32 27.88
N PRO A 119 -41.42 -76.45 27.16
CA PRO A 119 -40.62 -77.66 27.39
C PRO A 119 -39.20 -77.55 26.87
N TYR A 120 -38.97 -76.60 25.97
CA TYR A 120 -37.72 -76.50 25.22
C TYR A 120 -36.44 -76.45 26.06
N VAL A 121 -36.54 -75.90 27.25
CA VAL A 121 -35.36 -75.80 28.11
C VAL A 121 -34.82 -77.18 28.49
N ALA A 122 -35.68 -78.21 28.47
CA ALA A 122 -35.22 -79.56 28.81
C ALA A 122 -35.04 -80.43 27.58
N LEU A 123 -35.40 -79.90 26.42
CA LEU A 123 -35.18 -80.57 25.14
C LEU A 123 -33.91 -80.05 24.54
N GLY A 124 -33.31 -79.09 25.24
CA GLY A 124 -32.13 -78.38 24.75
C GLY A 124 -32.39 -77.52 23.53
N ILE A 125 -33.57 -76.91 23.48
CA ILE A 125 -33.97 -76.06 22.36
C ILE A 125 -33.93 -74.58 22.70
N LYS A 126 -33.30 -73.79 21.84
CA LYS A 126 -33.13 -72.36 22.08
C LYS A 126 -34.15 -71.57 21.27
N LYS A 127 -34.47 -70.36 21.72
CA LYS A 127 -35.42 -69.52 20.99
C LYS A 127 -35.04 -69.46 19.51
N ARG A 128 -33.73 -69.43 19.27
CA ARG A 128 -33.21 -69.26 17.91
C ARG A 128 -33.35 -70.52 17.07
N ASP A 129 -33.53 -71.67 17.72
CA ASP A 129 -33.89 -72.88 16.97
C ASP A 129 -35.30 -72.76 16.34
N ILE A 130 -36.14 -71.90 16.92
CA ILE A 130 -37.53 -71.75 16.46
C ILE A 130 -37.76 -70.40 15.74
N LEU A 131 -36.98 -69.38 16.09
CA LEU A 131 -37.18 -68.05 15.51
C LEU A 131 -35.92 -67.46 14.89
N SER A 132 -36.12 -66.66 13.86
CA SER A 132 -35.08 -65.78 13.36
C SER A 132 -35.66 -64.44 12.96
N LYS A 133 -35.10 -63.37 13.52
CA LYS A 133 -35.47 -62.01 13.10
C LYS A 133 -35.13 -61.82 11.63
N LYS A 134 -34.02 -62.42 11.19
CA LYS A 134 -33.53 -62.27 9.81
C LYS A 134 -34.49 -62.82 8.78
N THR A 135 -35.17 -63.91 9.14
CA THR A 135 -36.07 -64.57 8.21
C THR A 135 -37.54 -64.26 8.53
N LYS A 136 -37.79 -63.91 9.80
CA LYS A 136 -39.13 -63.65 10.30
C LYS A 136 -40.05 -64.86 10.07
N ASP A 137 -39.48 -66.05 10.24
CA ASP A 137 -40.20 -67.29 10.01
C ASP A 137 -41.15 -67.59 11.16
N LEU A 138 -42.35 -68.03 10.82
CA LEU A 138 -43.35 -68.42 11.81
C LEU A 138 -43.69 -69.92 11.69
N THR A 139 -43.12 -70.56 10.66
CA THR A 139 -43.37 -71.97 10.36
C THR A 139 -43.12 -72.90 11.57
N LYS A 140 -41.89 -72.88 12.07
CA LYS A 140 -41.50 -73.72 13.19
C LYS A 140 -42.22 -73.31 14.49
N LEU A 141 -42.64 -72.04 14.56
CA LEU A 141 -43.32 -71.56 15.75
C LEU A 141 -44.70 -72.20 15.92
N LYS A 142 -45.60 -71.96 14.95
CA LYS A 142 -46.94 -72.58 14.95
C LYS A 142 -46.87 -74.07 15.27
N GLU A 143 -45.97 -74.76 14.58
CA GLU A 143 -45.66 -76.16 14.83
C GLU A 143 -45.44 -76.45 16.32
N CYS A 144 -44.50 -75.74 16.94
CA CYS A 144 -44.20 -75.91 18.35
C CYS A 144 -45.36 -75.54 19.26
N MET A 145 -46.08 -74.49 18.89
CA MET A 145 -47.23 -74.11 19.66
C MET A 145 -48.36 -75.15 19.58
N ASP A 146 -48.61 -75.66 18.37
CA ASP A 146 -49.59 -76.75 18.17
C ASP A 146 -49.26 -77.94 19.04
N LYS A 147 -47.98 -78.32 19.02
CA LYS A 147 -47.50 -79.51 19.70
C LYS A 147 -47.56 -79.38 21.21
N TYR A 148 -47.11 -78.24 21.73
CA TYR A 148 -46.92 -78.11 23.18
C TYR A 148 -47.99 -77.31 23.91
N GLY A 149 -48.78 -76.52 23.18
CA GLY A 149 -49.92 -75.85 23.76
C GLY A 149 -49.59 -74.59 24.55
N LEU A 150 -50.52 -74.18 25.41
CA LEU A 150 -50.36 -72.98 26.24
C LEU A 150 -50.44 -73.29 27.75
N ASN A 151 -50.40 -72.26 28.57
CA ASN A 151 -50.42 -72.41 30.03
C ASN A 151 -49.44 -73.48 30.51
N LEU A 152 -48.22 -73.43 29.98
CA LEU A 152 -47.14 -74.31 30.43
C LEU A 152 -46.54 -73.83 31.76
N PRO A 153 -45.89 -74.73 32.51
CA PRO A 153 -45.29 -74.26 33.76
C PRO A 153 -44.20 -73.20 33.51
N MET A 154 -44.04 -72.31 34.47
CA MET A 154 -43.00 -71.31 34.40
C MET A 154 -41.79 -71.89 35.08
N VAL A 155 -40.60 -71.64 34.55
CA VAL A 155 -39.40 -72.20 35.16
C VAL A 155 -38.74 -71.18 36.07
N THR A 156 -38.41 -71.63 37.28
CA THR A 156 -37.92 -70.74 38.32
C THR A 156 -36.41 -70.77 38.44
N TYR A 157 -35.77 -69.63 38.23
CA TYR A 157 -34.32 -69.50 38.41
C TYR A 157 -34.02 -68.45 39.46
N VAL A 158 -32.80 -68.49 39.99
CA VAL A 158 -32.32 -67.41 40.86
C VAL A 158 -31.58 -66.37 40.01
N LYS A 159 -31.75 -65.08 40.32
CA LYS A 159 -31.17 -64.06 39.47
C LYS A 159 -29.71 -63.80 39.80
N ASP A 160 -28.85 -63.93 38.79
CA ASP A 160 -27.43 -63.58 38.90
C ASP A 160 -27.29 -62.06 38.88
N GLU A 161 -26.99 -61.50 40.04
CA GLU A 161 -26.95 -60.05 40.23
C GLU A 161 -26.36 -59.62 41.58
N LEU A 162 -26.05 -58.35 41.72
CA LEU A 162 -25.52 -57.85 42.97
C LEU A 162 -26.64 -57.61 43.99
N ARG A 163 -26.34 -57.90 45.25
CA ARG A 163 -27.25 -57.69 46.35
C ARG A 163 -26.50 -57.06 47.50
N SER A 164 -27.22 -56.26 48.28
CA SER A 164 -26.69 -55.72 49.51
C SER A 164 -26.16 -56.86 50.37
N ILE A 165 -25.32 -56.50 51.33
CA ILE A 165 -24.55 -57.46 52.08
C ILE A 165 -25.43 -58.22 53.09
N GLU A 166 -26.59 -57.65 53.41
CA GLU A 166 -27.52 -58.25 54.35
C GLU A 166 -28.41 -59.18 53.59
N LYS A 167 -28.68 -58.83 52.33
CA LYS A 167 -29.48 -59.68 51.47
C LYS A 167 -28.68 -60.90 51.03
N VAL A 168 -27.36 -60.74 50.99
CA VAL A 168 -26.51 -61.89 50.74
C VAL A 168 -26.52 -62.80 51.96
N ALA A 169 -26.32 -62.20 53.14
CA ALA A 169 -26.27 -62.91 54.40
C ALA A 169 -27.60 -63.59 54.74
N LYS A 170 -28.69 -62.92 54.41
CA LYS A 170 -30.02 -63.47 54.67
C LYS A 170 -30.56 -64.34 53.54
N GLY A 171 -29.76 -64.55 52.50
CA GLY A 171 -30.16 -65.39 51.38
C GLY A 171 -31.34 -64.86 50.58
N LYS A 172 -31.66 -63.58 50.72
CA LYS A 172 -32.76 -63.02 49.95
C LYS A 172 -32.40 -62.76 48.47
N SER A 173 -31.88 -63.79 47.80
CA SER A 173 -31.68 -63.75 46.35
C SER A 173 -33.05 -63.66 45.67
N ARG A 174 -33.08 -63.22 44.42
CA ARG A 174 -34.37 -63.00 43.76
C ARG A 174 -34.71 -64.10 42.80
N LEU A 175 -35.97 -64.55 42.84
CA LEU A 175 -36.44 -65.51 41.85
C LEU A 175 -37.09 -64.81 40.64
N ILE A 176 -36.81 -65.34 39.46
CA ILE A 176 -37.61 -65.00 38.29
C ILE A 176 -38.28 -66.28 37.77
N GLU A 177 -39.29 -66.09 36.93
CA GLU A 177 -40.11 -67.16 36.42
C GLU A 177 -40.06 -67.14 34.91
N ALA A 178 -39.32 -68.08 34.33
CA ALA A 178 -39.14 -68.12 32.90
C ALA A 178 -40.44 -68.56 32.23
N SER A 179 -41.02 -67.63 31.48
CA SER A 179 -42.26 -67.91 30.74
C SER A 179 -41.96 -68.65 29.44
N SER A 180 -42.71 -69.70 29.17
CA SER A 180 -42.52 -70.41 27.91
C SER A 180 -42.73 -69.51 26.72
N LEU A 181 -41.89 -69.73 25.70
CA LEU A 181 -42.00 -69.08 24.41
C LEU A 181 -43.45 -69.04 23.91
N ASN A 182 -44.14 -70.16 24.10
CA ASN A 182 -45.53 -70.29 23.67
C ASN A 182 -46.42 -69.30 24.36
N ASP A 183 -46.29 -69.21 25.68
CA ASP A 183 -47.13 -68.31 26.48
C ASP A 183 -46.83 -66.85 26.22
N SER A 184 -45.54 -66.54 26.11
CA SER A 184 -45.13 -65.19 25.73
C SER A 184 -45.74 -64.79 24.39
N VAL A 185 -45.64 -65.66 23.39
CA VAL A 185 -46.29 -65.39 22.11
C VAL A 185 -47.82 -65.23 22.25
N ALA A 186 -48.49 -66.14 22.95
CA ALA A 186 -49.95 -66.07 23.02
C ALA A 186 -50.42 -64.78 23.70
N MET A 187 -49.74 -64.42 24.78
CA MET A 187 -50.09 -63.21 25.50
C MET A 187 -49.81 -61.98 24.69
N ARG A 188 -48.70 -62.00 23.94
CA ARG A 188 -48.36 -60.85 23.10
C ARG A 188 -49.41 -60.72 22.00
N GLN A 189 -49.79 -61.82 21.37
CA GLN A 189 -50.93 -61.81 20.42
C GLN A 189 -52.18 -61.18 21.03
N THR A 190 -52.59 -61.74 22.18
CA THR A 190 -53.80 -61.30 22.87
C THR A 190 -53.73 -59.85 23.36
N PHE A 191 -52.60 -59.46 23.95
CA PHE A 191 -52.49 -58.14 24.58
C PHE A 191 -51.48 -57.16 23.95
N GLY A 192 -51.07 -57.43 22.72
CA GLY A 192 -50.08 -56.61 22.04
C GLY A 192 -50.42 -55.16 21.81
N ASN A 193 -51.66 -54.93 21.41
CA ASN A 193 -52.13 -53.58 21.16
C ASN A 193 -52.25 -52.79 22.45
N LEU A 194 -52.48 -53.49 23.56
CA LEU A 194 -52.47 -52.86 24.88
C LEU A 194 -51.05 -52.46 25.27
N TYR A 195 -50.12 -53.42 25.14
CA TYR A 195 -48.70 -53.17 25.37
C TYR A 195 -48.22 -51.97 24.54
N LYS A 196 -48.60 -51.98 23.27
CA LYS A 196 -48.11 -51.00 22.32
C LYS A 196 -48.61 -49.62 22.69
N THR A 197 -49.92 -49.51 22.95
CA THR A 197 -50.52 -48.23 23.29
C THR A 197 -49.94 -47.73 24.61
N PHE A 198 -49.66 -48.65 25.52
CA PHE A 198 -49.01 -48.26 26.76
C PHE A 198 -47.58 -47.71 26.53
N HIS A 199 -46.74 -48.43 25.77
CA HIS A 199 -45.36 -48.00 25.51
C HIS A 199 -45.31 -46.67 24.76
N LEU A 200 -46.21 -46.49 23.79
CA LEU A 200 -46.27 -45.27 22.99
C LEU A 200 -46.88 -44.09 23.74
N ASN A 201 -47.40 -44.30 24.95
CA ASN A 201 -48.09 -43.22 25.67
C ASN A 201 -47.82 -43.16 27.19
N PRO A 202 -46.53 -43.12 27.58
CA PRO A 202 -46.25 -43.01 29.02
C PRO A 202 -46.64 -41.66 29.58
N GLY A 203 -47.10 -41.61 30.84
CA GLY A 203 -47.62 -40.39 31.44
C GLY A 203 -48.79 -40.57 32.40
N VAL A 204 -49.58 -39.52 32.58
CA VAL A 204 -50.62 -39.48 33.63
C VAL A 204 -51.99 -39.97 33.18
N VAL A 205 -52.08 -40.26 31.88
CA VAL A 205 -53.26 -40.90 31.33
C VAL A 205 -53.17 -42.41 31.52
N THR A 206 -52.08 -43.01 31.03
CA THR A 206 -51.81 -44.42 31.26
C THR A 206 -51.43 -44.66 32.72
N GLY A 207 -50.91 -43.61 33.36
CA GLY A 207 -50.36 -43.76 34.69
C GLY A 207 -49.13 -44.66 34.63
N SER A 208 -48.53 -44.78 33.45
CA SER A 208 -47.36 -45.66 33.34
C SER A 208 -46.14 -44.94 32.74
N ALA A 209 -44.97 -45.23 33.30
CA ALA A 209 -43.71 -44.73 32.79
C ALA A 209 -43.06 -45.67 31.77
N VAL A 210 -43.69 -46.82 31.52
CA VAL A 210 -43.13 -47.81 30.59
C VAL A 210 -43.04 -47.23 29.18
N GLY A 211 -41.83 -47.22 28.63
CA GLY A 211 -41.64 -46.68 27.28
C GLY A 211 -40.97 -45.31 27.26
N CYS A 212 -40.79 -44.73 28.44
CA CYS A 212 -40.14 -43.42 28.57
C CYS A 212 -38.61 -43.52 28.58
N ASP A 213 -37.97 -42.39 28.31
CA ASP A 213 -36.52 -42.21 28.46
C ASP A 213 -36.27 -41.08 29.47
N PRO A 214 -35.82 -41.46 30.68
CA PRO A 214 -35.57 -40.58 31.82
C PRO A 214 -34.88 -39.28 31.44
N ASP A 215 -34.06 -39.32 30.40
CA ASP A 215 -33.37 -38.14 29.92
C ASP A 215 -34.37 -37.09 29.47
N LEU A 216 -35.25 -37.50 28.56
CA LEU A 216 -36.25 -36.60 28.00
C LEU A 216 -37.48 -36.35 28.89
N PHE A 217 -37.75 -37.29 29.78
CA PHE A 217 -39.06 -37.42 30.38
C PHE A 217 -39.13 -36.77 31.75
N TRP A 218 -37.99 -36.68 32.42
CA TRP A 218 -37.92 -36.04 33.73
C TRP A 218 -38.42 -34.60 33.66
N SER A 219 -38.25 -33.97 32.51
CA SER A 219 -38.71 -32.60 32.31
C SER A 219 -40.23 -32.55 32.25
N LYS A 220 -40.85 -33.55 31.63
CA LYS A 220 -42.30 -33.58 31.54
C LYS A 220 -43.00 -33.89 32.86
N ILE A 221 -42.32 -34.62 33.75
CA ILE A 221 -42.97 -35.13 34.97
C ILE A 221 -43.48 -34.07 35.96
N PRO A 222 -42.65 -33.06 36.31
CA PRO A 222 -43.17 -32.07 37.26
C PRO A 222 -44.30 -31.25 36.68
N VAL A 223 -44.41 -31.20 35.36
CA VAL A 223 -45.53 -30.47 34.77
C VAL A 223 -46.80 -31.27 34.98
N MET A 224 -46.69 -32.58 34.76
CA MET A 224 -47.82 -33.47 34.97
C MET A 224 -48.22 -33.65 36.42
N LEU A 225 -47.27 -33.79 37.34
CA LEU A 225 -47.63 -33.94 38.74
C LEU A 225 -47.47 -32.64 39.48
N ASP A 226 -48.37 -31.70 39.22
CA ASP A 226 -48.25 -30.33 39.75
C ASP A 226 -48.67 -30.19 41.22
N GLY A 227 -49.36 -31.19 41.78
CA GLY A 227 -49.81 -31.08 43.15
C GLY A 227 -48.74 -31.34 44.19
N HIS A 228 -49.18 -31.67 45.41
CA HIS A 228 -48.28 -32.15 46.46
C HIS A 228 -47.88 -33.59 46.15
N LEU A 229 -46.60 -33.92 46.31
CA LEU A 229 -46.10 -35.26 45.96
C LEU A 229 -46.58 -36.37 46.90
N ILE A 230 -46.84 -37.53 46.30
CA ILE A 230 -47.13 -38.77 47.03
C ILE A 230 -46.14 -39.83 46.58
N ALA A 231 -45.46 -40.46 47.53
CA ALA A 231 -44.55 -41.54 47.17
C ALA A 231 -44.22 -42.48 48.32
N PHE A 232 -44.29 -43.76 48.02
CA PHE A 232 -43.90 -44.79 48.96
C PHE A 232 -43.17 -45.89 48.22
N ASP A 233 -42.69 -46.85 49.00
CA ASP A 233 -42.09 -48.05 48.45
C ASP A 233 -42.95 -49.24 48.84
N TYR A 234 -42.82 -50.32 48.09
CA TYR A 234 -43.44 -51.60 48.40
C TYR A 234 -42.38 -52.62 48.80
N SER A 235 -42.71 -53.49 49.74
CA SER A 235 -41.91 -54.68 50.00
C SER A 235 -42.51 -55.84 49.19
N GLY A 236 -41.70 -56.42 48.30
CA GLY A 236 -42.13 -57.56 47.50
C GLY A 236 -43.50 -57.41 46.92
N TYR A 237 -43.68 -56.39 46.09
CA TYR A 237 -44.97 -56.10 45.49
C TYR A 237 -45.56 -57.33 44.76
N ASP A 238 -44.78 -57.82 43.81
CA ASP A 238 -45.23 -58.86 42.87
C ASP A 238 -45.80 -60.06 43.63
N ALA A 239 -45.04 -60.50 44.64
CA ALA A 239 -45.41 -61.64 45.45
C ALA A 239 -46.52 -61.31 46.46
N SER A 240 -46.82 -60.03 46.63
CA SER A 240 -47.81 -59.62 47.61
C SER A 240 -49.20 -59.40 47.02
N LEU A 241 -49.32 -59.37 45.70
CA LEU A 241 -50.62 -59.18 45.08
C LEU A 241 -51.62 -60.33 45.34
N SER A 242 -52.62 -60.12 46.19
CA SER A 242 -53.65 -61.14 46.38
C SER A 242 -54.50 -61.26 45.13
N PRO A 243 -55.24 -62.36 45.00
CA PRO A 243 -56.06 -62.59 43.81
C PRO A 243 -57.08 -61.49 43.54
N VAL A 244 -57.52 -60.80 44.58
CA VAL A 244 -58.58 -59.81 44.42
C VAL A 244 -58.12 -58.67 43.50
N TRP A 245 -56.83 -58.33 43.53
CA TRP A 245 -56.27 -57.30 42.64
C TRP A 245 -56.28 -57.76 41.17
N PHE A 246 -56.07 -59.06 40.98
CA PHE A 246 -56.19 -59.66 39.65
C PHE A 246 -57.65 -59.63 39.18
N ALA A 247 -58.56 -59.94 40.10
CA ALA A 247 -59.98 -59.82 39.79
C ALA A 247 -60.24 -58.39 39.33
N CYS A 248 -59.66 -57.42 40.07
CA CYS A 248 -59.81 -56.01 39.71
C CYS A 248 -59.29 -55.79 38.32
N LEU A 249 -58.06 -56.23 38.06
CA LEU A 249 -57.48 -56.11 36.71
C LEU A 249 -58.33 -56.75 35.60
N LYS A 250 -58.89 -57.94 35.85
CA LYS A 250 -59.79 -58.57 34.87
C LYS A 250 -60.98 -57.65 34.62
N MET A 251 -61.54 -57.10 35.68
CA MET A 251 -62.70 -56.23 35.54
C MET A 251 -62.41 -54.98 34.69
N ILE A 252 -61.20 -54.44 34.81
CA ILE A 252 -60.88 -53.24 34.04
C ILE A 252 -60.58 -53.65 32.61
N LEU A 253 -59.91 -54.79 32.44
CA LEU A 253 -59.77 -55.38 31.11
C LEU A 253 -61.14 -55.57 30.46
N GLU A 254 -62.10 -56.10 31.21
CA GLU A 254 -63.45 -56.25 30.67
C GLU A 254 -64.03 -54.89 30.23
N LYS A 255 -63.88 -53.85 31.04
CA LYS A 255 -64.38 -52.53 30.63
C LYS A 255 -63.80 -52.07 29.29
N LEU A 256 -62.54 -52.43 29.03
CA LEU A 256 -61.79 -51.97 27.85
C LEU A 256 -62.21 -52.66 26.55
N GLY A 257 -62.98 -53.75 26.67
CA GLY A 257 -63.53 -54.43 25.51
C GLY A 257 -63.12 -55.87 25.44
N TYR A 258 -62.40 -56.32 26.46
CA TYR A 258 -61.87 -57.68 26.48
C TYR A 258 -62.94 -58.72 26.84
N THR A 259 -62.97 -59.79 26.06
CA THR A 259 -63.86 -60.93 26.25
C THR A 259 -63.43 -61.71 27.50
N HIS A 260 -64.35 -62.42 28.14
CA HIS A 260 -64.00 -63.36 29.20
C HIS A 260 -62.95 -64.36 28.75
N LYS A 261 -62.90 -64.62 27.45
CA LYS A 261 -61.93 -65.52 26.88
C LYS A 261 -60.51 -65.03 27.09
N GLU A 262 -60.32 -63.73 26.88
CA GLU A 262 -59.00 -63.13 26.90
C GLU A 262 -58.56 -62.75 28.32
N THR A 263 -59.47 -62.17 29.10
CA THR A 263 -59.20 -61.94 30.52
C THR A 263 -58.77 -63.21 31.24
N ASN A 264 -59.13 -64.38 30.73
CA ASN A 264 -58.74 -65.62 31.41
C ASN A 264 -57.23 -65.86 31.42
N TYR A 265 -56.49 -65.22 30.52
CA TYR A 265 -55.03 -65.31 30.60
C TYR A 265 -54.49 -64.71 31.91
N ILE A 266 -55.27 -63.83 32.55
CA ILE A 266 -54.83 -63.21 33.80
C ILE A 266 -54.83 -64.27 34.86
N ASP A 267 -55.75 -65.24 34.72
CA ASP A 267 -55.80 -66.42 35.59
C ASP A 267 -54.49 -67.24 35.59
N TYR A 268 -53.83 -67.32 34.44
CA TYR A 268 -52.57 -68.03 34.32
C TYR A 268 -51.46 -67.30 35.08
N LEU A 269 -51.66 -66.01 35.32
CA LEU A 269 -50.66 -65.26 36.06
C LEU A 269 -50.94 -65.37 37.55
N CYS A 270 -52.20 -65.19 37.94
CA CYS A 270 -52.57 -65.13 39.33
C CYS A 270 -52.44 -66.50 39.94
N ASN A 271 -52.90 -67.48 39.18
CA ASN A 271 -52.89 -68.85 39.62
C ASN A 271 -51.90 -69.63 38.80
N SER A 272 -50.66 -69.64 39.23
CA SER A 272 -49.65 -70.07 38.31
C SER A 272 -48.99 -71.36 38.76
N HIS A 273 -48.22 -71.97 37.86
CA HIS A 273 -47.54 -73.16 38.24
C HIS A 273 -46.15 -73.12 37.66
N HIS A 274 -45.24 -73.69 38.46
CA HIS A 274 -43.83 -73.51 38.29
C HIS A 274 -43.05 -74.82 38.38
N LEU A 275 -41.87 -74.80 37.79
CA LEU A 275 -40.86 -75.83 37.99
C LEU A 275 -39.68 -75.17 38.70
N TYR A 276 -39.19 -75.81 39.76
CA TYR A 276 -37.95 -75.35 40.37
C TYR A 276 -37.12 -76.57 40.72
N ARG A 277 -36.14 -76.85 39.87
CA ARG A 277 -35.24 -77.99 40.08
C ARG A 277 -35.98 -79.33 39.94
N ASP A 278 -36.27 -79.99 41.06
CA ASP A 278 -36.97 -81.28 41.01
C ASP A 278 -38.42 -81.19 41.51
N LYS A 279 -38.97 -79.97 41.58
CA LYS A 279 -40.31 -79.80 42.14
C LYS A 279 -41.24 -79.03 41.20
N HIS A 280 -42.52 -79.29 41.35
CA HIS A 280 -43.57 -78.63 40.60
C HIS A 280 -44.48 -78.06 41.66
N TYR A 281 -44.76 -76.76 41.61
CA TYR A 281 -45.58 -76.12 42.63
C TYR A 281 -46.53 -75.07 42.10
N PHE A 282 -47.50 -74.72 42.94
CA PHE A 282 -48.63 -73.90 42.54
C PHE A 282 -48.75 -72.64 43.38
N VAL A 283 -48.77 -71.50 42.69
CA VAL A 283 -48.93 -70.24 43.39
C VAL A 283 -50.29 -69.61 43.09
N ARG A 284 -50.99 -69.26 44.15
CA ARG A 284 -52.25 -68.53 44.04
C ARG A 284 -52.01 -67.09 44.39
N GLY A 285 -52.35 -66.21 43.46
CA GLY A 285 -52.02 -64.81 43.62
C GLY A 285 -50.54 -64.63 43.33
N GLY A 286 -50.10 -63.38 43.41
CA GLY A 286 -48.74 -63.03 43.07
C GLY A 286 -48.62 -62.84 41.57
N MET A 287 -47.98 -61.74 41.17
CA MET A 287 -47.63 -61.55 39.79
C MET A 287 -46.34 -62.28 39.57
N PRO A 288 -46.33 -63.22 38.63
CA PRO A 288 -45.08 -63.96 38.40
C PRO A 288 -44.08 -63.10 37.64
N SER A 289 -42.97 -62.75 38.30
CA SER A 289 -41.97 -61.87 37.70
C SER A 289 -41.23 -62.58 36.56
N GLY A 290 -41.56 -62.22 35.31
CA GLY A 290 -40.98 -62.91 34.17
C GLY A 290 -41.97 -63.38 33.12
N CYS A 291 -43.25 -63.29 33.46
CA CYS A 291 -44.31 -63.54 32.51
C CYS A 291 -44.27 -62.41 31.48
N SER A 292 -44.88 -62.62 30.32
CA SER A 292 -45.10 -61.49 29.42
C SER A 292 -46.15 -60.59 30.08
N GLY A 293 -46.00 -59.28 29.94
CA GLY A 293 -46.97 -58.34 30.49
C GLY A 293 -46.69 -57.86 31.90
N THR A 294 -45.72 -58.48 32.56
CA THR A 294 -45.44 -58.18 33.96
C THR A 294 -45.33 -56.66 34.23
N SER A 295 -44.59 -55.90 33.42
CA SER A 295 -44.52 -54.45 33.67
C SER A 295 -45.87 -53.73 33.47
N ILE A 296 -46.60 -54.05 32.41
CA ILE A 296 -47.89 -53.40 32.16
C ILE A 296 -48.98 -53.77 33.19
N PHE A 297 -49.04 -55.04 33.58
CA PHE A 297 -50.10 -55.47 34.46
C PHE A 297 -49.81 -55.09 35.92
N ASN A 298 -48.55 -55.24 36.35
CA ASN A 298 -48.10 -54.66 37.61
C ASN A 298 -48.43 -53.15 37.70
N SER A 299 -48.29 -52.43 36.59
CA SER A 299 -48.51 -51.01 36.61
C SER A 299 -50.01 -50.67 36.69
N MET A 300 -50.80 -51.30 35.83
CA MET A 300 -52.27 -51.13 35.86
C MET A 300 -52.81 -51.46 37.27
N ILE A 301 -52.30 -52.52 37.88
CA ILE A 301 -52.75 -52.86 39.23
C ILE A 301 -52.38 -51.79 40.23
N ASN A 302 -51.21 -51.20 40.08
CA ASN A 302 -50.79 -50.13 40.97
C ASN A 302 -51.72 -48.91 40.83
N ASN A 303 -52.15 -48.64 39.61
CA ASN A 303 -53.13 -47.59 39.41
C ASN A 303 -54.42 -47.91 40.15
N ILE A 304 -54.81 -49.18 40.15
CA ILE A 304 -56.04 -49.59 40.85
C ILE A 304 -55.81 -49.56 42.35
N ILE A 305 -54.69 -50.11 42.80
CA ILE A 305 -54.34 -50.10 44.21
C ILE A 305 -54.38 -48.67 44.83
N ILE A 306 -53.47 -47.80 44.41
CA ILE A 306 -53.37 -46.48 45.06
C ILE A 306 -54.70 -45.73 45.00
N ARG A 307 -55.43 -45.84 43.89
CA ARG A 307 -56.74 -45.19 43.78
C ARG A 307 -57.67 -45.71 44.86
N THR A 308 -57.59 -47.00 45.12
CA THR A 308 -58.42 -47.64 46.12
C THR A 308 -58.15 -47.13 47.52
N LEU A 309 -56.88 -47.19 47.92
CA LEU A 309 -56.46 -46.71 49.22
C LEU A 309 -56.91 -45.25 49.47
N MET A 310 -56.81 -44.41 48.44
CA MET A 310 -57.22 -43.02 48.57
C MET A 310 -58.71 -42.95 48.80
N LEU A 311 -59.47 -43.58 47.92
CA LEU A 311 -60.93 -43.62 48.05
C LEU A 311 -61.36 -44.22 49.39
N LYS A 312 -60.54 -45.11 49.94
CA LYS A 312 -60.90 -45.76 51.18
C LYS A 312 -60.56 -44.90 52.38
N VAL A 313 -59.30 -44.45 52.42
CA VAL A 313 -58.79 -43.70 53.56
C VAL A 313 -59.39 -42.29 53.61
N TYR A 314 -59.39 -41.60 52.47
CA TYR A 314 -59.99 -40.28 52.40
C TYR A 314 -61.33 -40.37 51.69
N LYS A 315 -62.36 -40.76 52.41
CA LYS A 315 -63.67 -40.88 51.79
C LYS A 315 -64.15 -39.50 51.34
N GLY A 316 -64.71 -39.43 50.14
CA GLY A 316 -64.93 -38.13 49.52
C GLY A 316 -63.60 -37.52 49.10
N ILE A 317 -63.08 -38.00 47.96
CA ILE A 317 -61.84 -37.51 47.39
C ILE A 317 -62.00 -37.46 45.89
N ASP A 318 -61.44 -36.44 45.25
CA ASP A 318 -61.69 -36.23 43.83
C ASP A 318 -60.54 -36.72 42.99
N LEU A 319 -60.69 -37.91 42.43
CA LEU A 319 -59.59 -38.51 41.69
C LEU A 319 -59.37 -37.80 40.34
N ASP A 320 -60.25 -36.89 39.96
CA ASP A 320 -60.02 -36.13 38.73
C ASP A 320 -58.83 -35.18 38.88
N GLN A 321 -58.37 -35.02 40.11
CA GLN A 321 -57.25 -34.14 40.42
C GLN A 321 -56.06 -34.93 40.93
N PHE A 322 -56.18 -36.25 40.91
CA PHE A 322 -55.10 -37.14 41.29
C PHE A 322 -54.27 -37.47 40.05
N ARG A 323 -52.96 -37.59 40.22
CA ARG A 323 -52.08 -37.89 39.09
C ARG A 323 -51.03 -38.88 39.57
N MET A 324 -50.85 -39.97 38.84
CA MET A 324 -49.77 -40.89 39.16
C MET A 324 -49.13 -41.50 37.93
N ILE A 325 -47.84 -41.79 38.08
CA ILE A 325 -47.03 -42.50 37.10
C ILE A 325 -46.49 -43.71 37.81
N ALA A 326 -46.69 -44.88 37.26
CA ALA A 326 -46.20 -46.09 37.89
C ALA A 326 -45.22 -46.76 36.94
N TYR A 327 -44.20 -47.40 37.48
CA TYR A 327 -43.45 -48.35 36.66
C TYR A 327 -43.41 -49.70 37.39
N GLY A 328 -44.49 -50.47 37.26
CA GLY A 328 -44.60 -51.70 38.04
C GLY A 328 -44.88 -51.29 39.46
N ASP A 329 -44.02 -51.65 40.42
CA ASP A 329 -44.28 -51.26 41.81
C ASP A 329 -43.86 -49.82 42.05
N ASP A 330 -42.96 -49.32 41.21
CA ASP A 330 -42.44 -47.98 41.43
C ASP A 330 -43.46 -46.92 41.04
N VAL A 331 -43.69 -45.97 41.95
CA VAL A 331 -44.71 -44.96 41.71
C VAL A 331 -44.31 -43.58 42.20
N ILE A 332 -44.61 -42.60 41.37
CA ILE A 332 -44.52 -41.22 41.77
C ILE A 332 -45.91 -40.64 41.50
N ALA A 333 -46.44 -39.86 42.43
CA ALA A 333 -47.80 -39.34 42.28
C ALA A 333 -47.95 -37.99 42.95
N SER A 334 -49.10 -37.36 42.75
CA SER A 334 -49.38 -36.11 43.42
C SER A 334 -50.87 -35.91 43.58
N TYR A 335 -51.24 -35.18 44.63
CA TYR A 335 -52.62 -34.74 44.85
C TYR A 335 -52.58 -33.28 45.29
N PRO A 336 -53.58 -32.48 44.89
CA PRO A 336 -53.61 -31.06 45.29
C PRO A 336 -53.57 -30.83 46.81
N TRP A 337 -53.87 -31.84 47.60
CA TRP A 337 -53.79 -31.67 49.05
C TRP A 337 -52.89 -32.70 49.73
N PRO A 338 -52.33 -32.33 50.88
CA PRO A 338 -51.51 -33.22 51.69
C PRO A 338 -52.18 -34.55 51.97
N ILE A 339 -51.53 -35.63 51.56
CA ILE A 339 -52.03 -36.98 51.84
C ILE A 339 -51.06 -37.70 52.74
N ASP A 340 -51.57 -38.27 53.83
CA ASP A 340 -50.73 -39.03 54.75
C ASP A 340 -50.56 -40.46 54.23
N ALA A 341 -49.39 -40.73 53.67
CA ALA A 341 -49.11 -42.04 53.07
C ALA A 341 -48.93 -43.12 54.12
N SER A 342 -48.83 -42.73 55.39
CA SER A 342 -48.77 -43.74 56.46
C SER A 342 -50.15 -44.38 56.62
N LEU A 343 -51.18 -43.59 56.36
CA LEU A 343 -52.57 -44.05 56.41
C LEU A 343 -52.89 -44.90 55.18
N LEU A 344 -52.34 -44.50 54.03
CA LEU A 344 -52.52 -45.28 52.82
C LEU A 344 -51.82 -46.61 52.99
N ALA A 345 -50.79 -46.62 53.85
CA ALA A 345 -50.06 -47.83 54.16
C ALA A 345 -50.90 -48.74 55.07
N GLU A 346 -51.47 -48.16 56.12
CA GLU A 346 -52.34 -48.90 57.01
C GLU A 346 -53.42 -49.62 56.22
N ALA A 347 -54.13 -48.88 55.37
CA ALA A 347 -55.14 -49.46 54.48
C ALA A 347 -54.54 -50.56 53.59
N GLY A 348 -53.45 -50.23 52.89
CA GLY A 348 -52.74 -51.20 52.08
C GLY A 348 -52.49 -52.52 52.79
N LYS A 349 -52.15 -52.43 54.08
CA LYS A 349 -51.86 -53.62 54.87
C LYS A 349 -53.07 -54.55 54.92
N GLY A 350 -54.26 -53.95 55.03
CA GLY A 350 -55.50 -54.70 55.10
C GLY A 350 -55.79 -55.46 53.81
N TYR A 351 -55.24 -54.99 52.70
CA TYR A 351 -55.34 -55.68 51.41
C TYR A 351 -54.12 -56.56 51.04
N GLY A 352 -53.31 -56.93 52.03
CA GLY A 352 -52.14 -57.74 51.75
C GLY A 352 -50.88 -57.00 51.34
N LEU A 353 -50.97 -55.69 51.11
CA LEU A 353 -49.83 -54.94 50.62
C LEU A 353 -48.97 -54.33 51.72
N ILE A 354 -47.65 -54.45 51.56
CA ILE A 354 -46.72 -53.88 52.52
C ILE A 354 -46.01 -52.62 51.97
N MET A 355 -46.53 -51.46 52.36
CA MET A 355 -46.00 -50.20 51.87
C MET A 355 -45.12 -49.57 52.95
N THR A 356 -43.96 -49.07 52.53
CA THR A 356 -42.98 -48.48 53.45
C THR A 356 -42.59 -47.09 52.96
N PRO A 357 -41.99 -46.27 53.84
CA PRO A 357 -41.58 -44.92 53.41
C PRO A 357 -40.57 -44.94 52.25
N ALA A 358 -40.75 -44.01 51.31
CA ALA A 358 -39.96 -43.93 50.07
C ALA A 358 -38.46 -43.80 50.26
N ASP A 359 -37.72 -44.59 49.48
CA ASP A 359 -36.26 -44.47 49.38
C ASP A 359 -35.62 -44.76 50.73
N LYS A 360 -36.14 -45.79 51.41
CA LYS A 360 -35.64 -46.26 52.71
C LYS A 360 -35.74 -45.19 53.79
N GLY A 361 -35.89 -45.63 55.03
CA GLY A 361 -35.94 -44.76 56.19
C GLY A 361 -37.17 -45.20 56.97
N GLU A 362 -37.36 -44.67 58.18
CA GLU A 362 -38.48 -45.12 59.01
C GLU A 362 -39.49 -44.02 59.38
N CYS A 363 -39.55 -42.95 58.59
CA CYS A 363 -40.62 -41.96 58.69
C CYS A 363 -41.27 -41.70 57.35
N PHE A 364 -42.60 -41.62 57.34
CA PHE A 364 -43.36 -41.23 56.16
C PHE A 364 -43.29 -39.72 56.04
N ASN A 365 -42.07 -39.24 55.82
CA ASN A 365 -41.78 -37.83 55.72
C ASN A 365 -42.56 -37.10 54.63
N GLU A 366 -42.32 -35.80 54.57
CA GLU A 366 -42.76 -35.04 53.43
C GLU A 366 -41.94 -35.52 52.23
N VAL A 367 -42.61 -35.74 51.10
CA VAL A 367 -41.91 -36.10 49.88
C VAL A 367 -41.75 -34.85 49.03
N THR A 368 -40.52 -34.36 48.99
CA THR A 368 -40.22 -33.12 48.29
C THR A 368 -39.70 -33.49 46.91
N TRP A 369 -39.59 -32.51 46.03
CA TRP A 369 -38.99 -32.77 44.74
C TRP A 369 -37.49 -32.97 44.89
N THR A 370 -37.00 -32.67 46.09
CA THR A 370 -35.57 -32.72 46.41
C THR A 370 -35.15 -34.14 46.75
N ASN A 371 -35.97 -34.83 47.52
CA ASN A 371 -35.62 -36.15 47.98
C ASN A 371 -36.37 -37.28 47.30
N VAL A 372 -37.35 -36.94 46.47
CA VAL A 372 -38.11 -37.98 45.76
C VAL A 372 -37.27 -38.65 44.66
N THR A 373 -37.38 -39.97 44.51
CA THR A 373 -36.73 -40.65 43.39
C THR A 373 -37.77 -41.40 42.56
N PHE A 374 -37.42 -41.70 41.31
CA PHE A 374 -38.26 -42.54 40.47
C PHE A 374 -37.30 -43.27 39.57
N LEU A 375 -37.56 -44.55 39.29
CA LEU A 375 -36.62 -45.39 38.56
C LEU A 375 -35.18 -45.22 39.08
N LYS A 376 -35.06 -45.07 40.40
CA LYS A 376 -33.78 -44.89 41.12
C LYS A 376 -33.08 -43.54 40.86
N ARG A 377 -33.72 -42.68 40.09
CA ARG A 377 -33.15 -41.38 39.70
C ARG A 377 -33.79 -40.22 40.47
N TYR A 378 -32.96 -39.32 40.97
CA TYR A 378 -33.47 -38.08 41.55
C TYR A 378 -33.86 -37.10 40.47
N PHE A 379 -34.56 -36.04 40.89
CA PHE A 379 -34.96 -34.94 40.02
C PHE A 379 -34.16 -33.65 40.30
N ARG A 380 -33.32 -33.18 39.38
CA ARG A 380 -32.65 -31.87 39.55
C ARG A 380 -32.84 -31.01 38.31
N ALA A 381 -33.29 -29.78 38.48
CA ALA A 381 -33.43 -28.89 37.35
C ALA A 381 -32.07 -28.37 36.95
N ASP A 382 -31.88 -28.13 35.66
CA ASP A 382 -30.66 -27.47 35.20
C ASP A 382 -30.49 -26.13 35.87
N GLU A 383 -29.25 -25.79 36.23
CA GLU A 383 -29.02 -24.48 36.83
C GLU A 383 -29.10 -23.37 35.78
N GLN A 384 -28.98 -23.77 34.51
CA GLN A 384 -28.93 -22.87 33.37
C GLN A 384 -30.27 -22.79 32.62
N TYR A 385 -30.95 -23.93 32.51
CA TYR A 385 -32.30 -23.96 31.94
C TYR A 385 -33.25 -24.65 32.89
N PRO A 386 -33.90 -23.89 33.78
CA PRO A 386 -34.63 -24.48 34.92
C PRO A 386 -35.91 -25.28 34.57
N PHE A 387 -36.30 -25.32 33.30
CA PHE A 387 -37.42 -26.15 32.89
C PHE A 387 -36.97 -27.53 32.37
N LEU A 388 -35.66 -27.68 32.17
CA LEU A 388 -35.10 -28.98 31.87
C LEU A 388 -34.60 -29.63 33.16
N VAL A 389 -35.04 -30.86 33.43
CA VAL A 389 -34.74 -31.55 34.68
C VAL A 389 -33.85 -32.75 34.43
N HIS A 390 -32.90 -32.94 35.32
CA HIS A 390 -31.92 -34.01 35.22
C HIS A 390 -32.41 -35.25 35.95
N PRO A 391 -32.33 -36.42 35.30
CA PRO A 391 -32.58 -37.66 36.05
C PRO A 391 -31.30 -37.99 36.83
N VAL A 392 -31.34 -37.99 38.16
CA VAL A 392 -30.05 -38.11 38.83
C VAL A 392 -29.85 -39.41 39.59
N MET A 393 -29.20 -40.34 38.89
CA MET A 393 -28.77 -41.58 39.50
C MET A 393 -27.65 -41.31 40.49
N PRO A 394 -27.85 -41.71 41.74
CA PRO A 394 -26.82 -41.49 42.77
C PRO A 394 -25.49 -42.12 42.36
N MET A 395 -24.38 -41.40 42.57
CA MET A 395 -23.09 -41.94 42.16
C MET A 395 -22.76 -43.23 42.91
N LYS A 396 -23.35 -43.41 44.09
CA LYS A 396 -23.04 -44.59 44.88
C LYS A 396 -23.58 -45.85 44.22
N ASP A 397 -24.65 -45.71 43.45
CA ASP A 397 -25.23 -46.87 42.78
C ASP A 397 -24.49 -47.17 41.47
N ILE A 398 -23.95 -46.14 40.84
CA ILE A 398 -23.12 -46.32 39.66
C ILE A 398 -21.83 -47.02 40.05
N HIS A 399 -21.26 -46.58 41.17
CA HIS A 399 -20.11 -47.24 41.80
C HIS A 399 -20.33 -48.75 41.99
N GLU A 400 -21.46 -49.15 42.57
CA GLU A 400 -21.74 -50.57 42.77
C GLU A 400 -21.56 -51.36 41.46
N SER A 401 -22.17 -50.85 40.37
CA SER A 401 -22.09 -51.49 39.06
C SER A 401 -20.66 -51.68 38.51
N ILE A 402 -19.83 -50.66 38.62
CA ILE A 402 -18.55 -50.70 37.94
C ILE A 402 -17.57 -51.67 38.62
N ARG A 403 -17.77 -51.90 39.92
CA ARG A 403 -16.86 -52.75 40.70
C ARG A 403 -16.94 -54.24 40.30
N TRP A 404 -17.89 -54.58 39.44
CA TRP A 404 -18.02 -55.96 38.97
C TRP A 404 -18.17 -56.04 37.46
N THR A 405 -18.00 -57.26 36.94
CA THR A 405 -18.26 -57.53 35.54
C THR A 405 -18.67 -58.99 35.35
N LYS A 406 -19.43 -59.27 34.30
CA LYS A 406 -19.74 -60.65 34.00
C LYS A 406 -18.80 -61.14 32.90
N ASP A 407 -18.05 -60.20 32.34
CA ASP A 407 -17.12 -60.47 31.23
C ASP A 407 -16.37 -59.18 30.90
N PRO A 408 -15.06 -59.15 31.17
CA PRO A 408 -14.19 -57.98 31.00
C PRO A 408 -14.02 -57.55 29.54
N LYS A 409 -14.43 -58.43 28.61
CA LYS A 409 -14.49 -58.07 27.19
C LYS A 409 -15.40 -56.87 26.97
N ASN A 410 -16.27 -56.59 27.94
CA ASN A 410 -17.27 -55.55 27.78
C ASN A 410 -16.97 -54.27 28.55
N THR A 411 -15.80 -54.21 29.18
CA THR A 411 -15.48 -53.09 30.08
C THR A 411 -15.66 -51.71 29.43
N GLN A 412 -15.46 -51.63 28.12
CA GLN A 412 -15.57 -50.34 27.46
C GLN A 412 -17.04 -49.94 27.38
N ASP A 413 -17.85 -50.82 26.82
CA ASP A 413 -19.29 -50.59 26.74
C ASP A 413 -19.86 -50.32 28.14
N HIS A 414 -19.51 -51.19 29.08
CA HIS A 414 -19.99 -51.06 30.46
C HIS A 414 -19.72 -49.67 31.02
N VAL A 415 -18.46 -49.26 31.00
CA VAL A 415 -18.09 -47.96 31.55
C VAL A 415 -18.75 -46.79 30.79
N ARG A 416 -18.73 -46.81 29.44
CA ARG A 416 -19.46 -45.77 28.65
C ARG A 416 -20.92 -45.63 29.05
N SER A 417 -21.60 -46.76 29.20
CA SER A 417 -22.99 -46.70 29.62
C SER A 417 -23.09 -46.07 31.00
N LEU A 418 -22.18 -46.45 31.89
CA LEU A 418 -22.18 -45.88 33.23
C LEU A 418 -21.96 -44.36 33.15
N CYS A 419 -21.15 -43.93 32.20
CA CYS A 419 -20.86 -42.51 32.07
C CYS A 419 -22.15 -41.74 31.72
N LEU A 420 -22.93 -42.26 30.78
CA LEU A 420 -24.22 -41.65 30.41
C LEU A 420 -25.23 -41.63 31.54
N LEU A 421 -24.92 -42.27 32.66
CA LEU A 421 -25.75 -42.12 33.85
C LEU A 421 -25.16 -41.09 34.80
N ALA A 422 -23.83 -41.10 34.95
CA ALA A 422 -23.15 -40.37 36.00
C ALA A 422 -23.17 -38.87 35.80
N TRP A 423 -23.18 -38.44 34.54
CA TRP A 423 -22.89 -37.04 34.23
C TRP A 423 -23.99 -36.08 34.72
N HIS A 424 -25.21 -36.60 34.83
CA HIS A 424 -26.32 -35.84 35.43
C HIS A 424 -26.06 -35.49 36.91
N ASN A 425 -25.01 -36.04 37.51
CA ASN A 425 -24.58 -35.63 38.85
C ASN A 425 -23.84 -34.29 38.84
N GLY A 426 -23.50 -33.79 37.65
CA GLY A 426 -22.78 -32.54 37.54
C GLY A 426 -21.34 -32.69 37.06
N GLU A 427 -20.72 -31.59 36.63
CA GLU A 427 -19.37 -31.67 36.07
C GLU A 427 -18.34 -32.07 37.11
N HIS A 428 -18.49 -31.53 38.32
CA HIS A 428 -17.57 -31.85 39.40
C HIS A 428 -17.52 -33.35 39.59
N GLU A 429 -18.70 -33.92 39.85
CA GLU A 429 -18.83 -35.35 40.15
C GLU A 429 -18.40 -36.22 38.98
N TYR A 430 -18.76 -35.83 37.76
CA TYR A 430 -18.42 -36.65 36.60
C TYR A 430 -16.92 -36.72 36.38
N GLU A 431 -16.20 -35.63 36.63
CA GLU A 431 -14.77 -35.60 36.39
C GLU A 431 -14.01 -36.37 37.45
N GLU A 432 -14.51 -36.31 38.68
CA GLU A 432 -13.99 -37.12 39.79
C GLU A 432 -14.13 -38.60 39.46
N PHE A 433 -15.22 -38.91 38.77
CA PHE A 433 -15.55 -40.26 38.36
C PHE A 433 -14.59 -40.66 37.25
N ILE A 434 -14.50 -39.81 36.24
CA ILE A 434 -13.58 -40.05 35.14
C ILE A 434 -12.13 -40.11 35.65
N ARG A 435 -11.83 -39.37 36.72
CA ARG A 435 -10.49 -39.41 37.29
C ARG A 435 -10.25 -40.77 37.95
N LYS A 436 -11.15 -41.16 38.85
CA LYS A 436 -11.03 -42.45 39.53
C LYS A 436 -10.94 -43.62 38.53
N ILE A 437 -11.71 -43.54 37.44
CA ILE A 437 -11.60 -44.54 36.38
C ILE A 437 -10.22 -44.55 35.74
N ARG A 438 -9.67 -43.35 35.53
CA ARG A 438 -8.37 -43.16 34.89
C ARG A 438 -7.22 -43.54 35.84
N SER A 439 -7.52 -43.60 37.14
CA SER A 439 -6.52 -43.92 38.16
C SER A 439 -6.12 -45.39 38.15
N VAL A 440 -6.41 -46.07 37.05
CA VAL A 440 -6.15 -47.50 36.96
C VAL A 440 -5.87 -47.87 35.50
N PRO A 441 -4.75 -48.58 35.27
CA PRO A 441 -4.15 -48.86 33.95
C PRO A 441 -5.14 -49.13 32.83
N VAL A 442 -6.16 -49.93 33.11
CA VAL A 442 -7.19 -50.25 32.13
C VAL A 442 -8.09 -49.05 31.84
N GLY A 443 -8.38 -48.26 32.86
CA GLY A 443 -9.16 -47.04 32.70
C GLY A 443 -8.53 -46.05 31.73
N ARG A 444 -7.19 -46.07 31.69
CA ARG A 444 -6.45 -45.23 30.78
C ARG A 444 -6.48 -45.77 29.33
N CYS A 445 -7.18 -46.89 29.11
CA CYS A 445 -7.22 -47.50 27.78
C CYS A 445 -8.61 -47.37 27.15
N LEU A 446 -9.51 -46.70 27.85
CA LEU A 446 -10.90 -46.58 27.39
C LEU A 446 -11.17 -45.22 26.79
N THR A 447 -12.00 -45.22 25.75
CA THR A 447 -12.61 -44.01 25.22
C THR A 447 -13.79 -43.57 26.09
N LEU A 448 -13.60 -42.53 26.90
CA LEU A 448 -14.69 -41.98 27.71
C LEU A 448 -15.29 -40.71 27.10
N PRO A 449 -16.62 -40.56 27.18
CA PRO A 449 -17.21 -39.35 26.57
C PRO A 449 -16.90 -38.12 27.39
N ALA A 450 -16.68 -36.99 26.71
CA ALA A 450 -16.47 -35.74 27.41
C ALA A 450 -17.79 -35.18 27.96
N PHE A 451 -17.77 -34.76 29.23
CA PHE A 451 -18.93 -34.12 29.86
C PHE A 451 -19.59 -33.12 28.93
N SER A 452 -18.80 -32.17 28.45
CA SER A 452 -19.27 -31.14 27.55
C SER A 452 -20.08 -31.71 26.40
N THR A 453 -19.65 -32.84 25.88
CA THR A 453 -20.38 -33.48 24.78
C THR A 453 -21.70 -34.09 25.25
N LEU A 454 -21.71 -34.62 26.47
CA LEU A 454 -22.93 -35.17 27.00
C LEU A 454 -23.97 -34.07 27.18
N ARG A 455 -23.62 -33.06 27.98
CA ARG A 455 -24.51 -31.92 28.19
C ARG A 455 -25.05 -31.33 26.89
N ARG A 456 -24.18 -31.25 25.88
CA ARG A 456 -24.58 -30.68 24.61
C ARG A 456 -25.65 -31.53 23.94
N LYS A 457 -25.38 -32.82 23.77
CA LYS A 457 -26.33 -33.71 23.12
C LYS A 457 -27.68 -33.73 23.85
N TRP A 458 -27.63 -33.61 25.17
CA TRP A 458 -28.83 -33.63 26.00
C TRP A 458 -29.71 -32.42 25.70
N LEU A 459 -29.13 -31.22 25.88
CA LEU A 459 -29.81 -29.96 25.53
C LEU A 459 -30.30 -30.02 24.09
N ASP A 460 -29.49 -30.64 23.23
CA ASP A 460 -29.82 -30.76 21.82
C ASP A 460 -31.05 -31.62 21.57
N SER A 461 -31.34 -32.58 22.47
CA SER A 461 -32.47 -33.53 22.32
C SER A 461 -33.84 -32.84 22.44
N PHE A 462 -33.94 -31.90 23.36
CA PHE A 462 -35.09 -31.01 23.42
C PHE A 462 -35.10 -30.04 22.22
N GLY A 463 -35.41 -30.58 21.05
CA GLY A 463 -35.44 -29.82 19.81
C GLY A 463 -36.08 -30.68 18.73
N GLY E 1 -14.52 -8.34 -34.65
CA GLY E 1 -13.20 -8.84 -34.29
C GLY E 1 -12.19 -8.66 -35.40
N GLU E 2 -11.05 -8.08 -35.08
CA GLU E 2 -10.03 -7.84 -36.09
C GLU E 2 -8.64 -7.88 -35.49
N ILE E 3 -7.73 -8.56 -36.18
CA ILE E 3 -6.34 -8.60 -35.76
C ILE E 3 -5.67 -7.35 -36.28
N GLU E 4 -5.25 -6.46 -35.40
CA GLU E 4 -4.69 -5.17 -35.82
C GLU E 4 -3.22 -5.27 -36.17
N PHE E 5 -2.49 -6.02 -35.37
CA PHE E 5 -1.05 -6.05 -35.45
C PHE E 5 -0.48 -7.39 -35.06
N ILE E 6 0.50 -7.84 -35.82
CA ILE E 6 1.26 -9.02 -35.49
C ILE E 6 2.73 -8.62 -35.42
N GLU E 7 3.40 -9.11 -34.39
CA GLU E 7 4.83 -8.92 -34.26
C GLU E 7 5.42 -10.20 -33.72
N SER E 8 6.71 -10.39 -33.90
CA SER E 8 7.40 -11.51 -33.28
C SER E 8 7.38 -11.39 -31.76
N SER E 9 7.11 -12.48 -31.07
CA SER E 9 7.13 -12.45 -29.60
C SER E 9 8.53 -12.12 -29.04
N LYS E 10 9.59 -12.58 -29.70
CA LYS E 10 10.94 -12.17 -29.30
C LYS E 10 11.05 -10.64 -29.27
N ASP E 11 10.55 -10.00 -30.32
CA ASP E 11 10.51 -8.55 -30.42
C ASP E 11 9.84 -7.92 -29.22
N ALA E 12 8.87 -8.63 -28.65
CA ALA E 12 8.06 -8.04 -27.59
C ALA E 12 8.40 -8.65 -26.24
N GLY E 13 9.54 -9.31 -26.16
CA GLY E 13 10.01 -9.84 -24.91
C GLY E 13 9.22 -11.06 -24.46
N PHE E 14 8.59 -11.75 -25.42
CA PHE E 14 7.82 -12.94 -25.09
C PHE E 14 8.47 -14.25 -25.58
N PRO E 15 8.49 -15.27 -24.71
CA PRO E 15 8.99 -16.61 -25.03
C PRO E 15 8.11 -17.28 -26.08
N VAL E 16 8.65 -18.23 -26.86
CA VAL E 16 7.81 -19.01 -27.79
C VAL E 16 6.96 -20.00 -26.99
N ILE E 17 5.68 -20.14 -27.37
CA ILE E 17 4.77 -21.03 -26.65
C ILE E 17 4.65 -22.43 -27.29
N ASN E 18 4.85 -23.47 -26.47
CA ASN E 18 4.58 -24.86 -26.89
C ASN E 18 3.08 -25.09 -27.09
N THR E 19 2.65 -25.18 -28.35
CA THR E 19 1.24 -25.45 -28.62
C THR E 19 1.12 -26.85 -29.25
N PRO E 20 0.47 -27.78 -28.53
CA PRO E 20 0.28 -29.17 -28.96
C PRO E 20 -0.30 -29.31 -30.37
N SER E 21 0.15 -30.34 -31.09
CA SER E 21 -0.36 -30.60 -32.45
C SER E 21 -0.87 -32.03 -32.64
N LYS E 22 -0.82 -32.83 -31.57
CA LYS E 22 -1.21 -34.23 -31.64
C LYS E 22 -2.46 -34.44 -30.82
N THR E 23 -3.54 -34.88 -31.46
CA THR E 23 -4.80 -35.09 -30.76
C THR E 23 -4.73 -36.18 -29.71
N LYS E 24 -5.61 -36.11 -28.73
CA LYS E 24 -5.74 -37.16 -27.73
C LYS E 24 -6.93 -38.08 -28.04
N LEU E 25 -7.62 -37.83 -29.15
CA LEU E 25 -8.79 -38.64 -29.50
C LEU E 25 -8.42 -39.87 -30.32
N GLU E 26 -8.74 -41.04 -29.78
CA GLU E 26 -8.61 -42.30 -30.50
C GLU E 26 -10.01 -42.84 -30.78
N PRO E 27 -10.19 -43.55 -31.91
CA PRO E 27 -11.44 -44.30 -32.10
C PRO E 27 -11.69 -45.28 -30.96
N SER E 28 -12.93 -45.33 -30.46
CA SER E 28 -13.25 -46.14 -29.30
C SER E 28 -13.80 -47.46 -29.74
N VAL E 29 -14.01 -48.37 -28.78
CA VAL E 29 -14.53 -49.71 -29.09
C VAL E 29 -15.89 -49.65 -29.79
N PHE E 30 -16.57 -48.53 -29.66
CA PHE E 30 -17.86 -48.33 -30.30
C PHE E 30 -17.81 -47.59 -31.63
N HIS E 31 -16.60 -47.29 -32.11
CA HIS E 31 -16.43 -46.48 -33.34
C HIS E 31 -17.16 -47.12 -34.52
N GLN E 32 -17.30 -48.45 -34.48
CA GLN E 32 -17.84 -49.17 -35.62
C GLN E 32 -19.33 -49.47 -35.44
N VAL E 33 -19.79 -49.59 -34.21
CA VAL E 33 -21.19 -49.92 -33.95
C VAL E 33 -22.12 -48.79 -34.41
N PHE E 34 -21.73 -47.55 -34.13
CA PHE E 34 -22.54 -46.41 -34.46
C PHE E 34 -21.98 -45.68 -35.67
N GLU E 35 -22.81 -44.88 -36.33
CA GLU E 35 -22.32 -44.05 -37.42
C GLU E 35 -21.96 -42.62 -36.98
N GLY E 36 -20.98 -42.01 -37.64
CA GLY E 36 -20.56 -40.66 -37.31
C GLY E 36 -19.88 -39.93 -38.46
N ASN E 37 -20.00 -38.60 -38.48
CA ASN E 37 -19.30 -37.83 -39.51
C ASN E 37 -18.14 -36.99 -38.97
N LYS E 38 -17.98 -36.95 -37.65
CA LYS E 38 -16.92 -36.14 -37.05
C LYS E 38 -15.62 -36.93 -36.83
N GLU E 39 -14.50 -36.25 -37.03
CA GLU E 39 -13.18 -36.76 -36.68
C GLU E 39 -12.54 -35.72 -35.78
N PRO E 40 -11.38 -36.02 -35.18
CA PRO E 40 -10.72 -34.96 -34.39
C PRO E 40 -10.29 -33.77 -35.24
N ALA E 41 -10.41 -32.57 -34.68
CA ALA E 41 -10.08 -31.33 -35.40
C ALA E 41 -8.62 -31.31 -35.81
N VAL E 42 -8.37 -30.72 -36.97
CA VAL E 42 -7.02 -30.47 -37.45
C VAL E 42 -6.21 -29.64 -36.44
N LEU E 43 -4.98 -30.05 -36.14
CA LEU E 43 -4.18 -29.34 -35.14
C LEU E 43 -2.84 -28.86 -35.67
N ARG E 44 -2.57 -29.11 -36.94
CA ARG E 44 -1.31 -28.72 -37.58
C ARG E 44 -1.46 -28.62 -39.09
N SER E 45 -0.52 -27.95 -39.75
CA SER E 45 -0.66 -27.66 -41.18
C SER E 45 -0.38 -28.88 -42.05
N GLY E 46 0.31 -29.88 -41.49
CA GLY E 46 0.61 -31.07 -42.24
C GLY E 46 -0.45 -32.15 -42.19
N ASP E 47 -1.62 -31.84 -41.65
CA ASP E 47 -2.69 -32.82 -41.54
C ASP E 47 -3.16 -33.23 -42.94
N PRO E 48 -3.02 -34.52 -43.27
CA PRO E 48 -3.32 -35.08 -44.60
C PRO E 48 -4.73 -34.76 -45.10
N ARG E 49 -5.66 -34.46 -44.19
CA ARG E 49 -7.05 -34.21 -44.53
C ARG E 49 -7.29 -32.75 -44.90
N LEU E 50 -6.27 -31.92 -44.73
CA LEU E 50 -6.36 -30.49 -45.06
C LEU E 50 -6.55 -30.23 -46.55
N LYS E 51 -7.62 -29.52 -46.88
CA LYS E 51 -7.89 -29.09 -48.26
C LYS E 51 -7.78 -27.57 -48.40
N ALA E 52 -7.26 -26.90 -47.37
CA ALA E 52 -7.13 -25.45 -47.36
C ALA E 52 -6.04 -25.02 -46.39
N ASN E 53 -5.68 -23.74 -46.40
CA ASN E 53 -4.64 -23.26 -45.51
C ASN E 53 -5.12 -23.28 -44.06
N PHE E 54 -4.38 -24.01 -43.23
CA PHE E 54 -4.77 -24.21 -41.84
C PHE E 54 -4.76 -22.90 -41.07
N GLU E 55 -3.60 -22.27 -40.97
CA GLU E 55 -3.46 -21.06 -40.18
C GLU E 55 -4.35 -19.95 -40.70
N GLU E 56 -4.58 -19.93 -42.01
CA GLU E 56 -5.53 -18.98 -42.61
C GLU E 56 -6.91 -19.22 -42.05
N ALA E 57 -7.24 -20.50 -41.92
CA ALA E 57 -8.60 -20.93 -41.58
C ALA E 57 -8.93 -20.69 -40.12
N ILE E 58 -8.00 -21.05 -39.22
CA ILE E 58 -8.27 -20.94 -37.78
C ILE E 58 -8.47 -19.49 -37.35
N PHE E 59 -7.84 -18.57 -38.07
CA PHE E 59 -7.94 -17.15 -37.78
C PHE E 59 -9.01 -16.42 -38.60
N SER E 60 -9.50 -17.06 -39.65
CA SER E 60 -10.53 -16.46 -40.51
C SER E 60 -11.79 -16.02 -39.77
N LYS E 61 -11.94 -16.47 -38.52
CA LYS E 61 -13.12 -16.11 -37.72
C LYS E 61 -13.21 -14.62 -37.45
N TYR E 62 -12.06 -13.94 -37.50
CA TYR E 62 -12.02 -12.50 -37.28
C TYR E 62 -12.47 -11.74 -38.52
N ILE E 63 -13.78 -11.73 -38.77
CA ILE E 63 -14.37 -11.23 -40.02
C ILE E 63 -14.05 -9.75 -40.28
N GLY E 64 -13.80 -9.03 -39.19
CA GLY E 64 -13.61 -7.61 -39.22
C GLY E 64 -14.48 -6.96 -38.16
N ASN E 65 -14.44 -5.63 -38.11
CA ASN E 65 -15.34 -4.87 -37.25
C ASN E 65 -16.15 -3.91 -38.08
N VAL E 66 -17.16 -3.31 -37.44
CA VAL E 66 -17.86 -2.20 -38.05
C VAL E 66 -17.73 -1.05 -37.10
N ASN E 67 -17.56 0.11 -37.69
CA ASN E 67 -17.36 1.30 -36.92
C ASN E 67 -18.70 2.02 -36.88
N THR E 68 -19.36 1.92 -35.72
CA THR E 68 -20.63 2.59 -35.52
C THR E 68 -20.67 3.07 -34.08
N HIS E 69 -21.47 4.09 -33.82
CA HIS E 69 -21.61 4.59 -32.47
C HIS E 69 -22.72 3.85 -31.77
N VAL E 70 -22.73 3.97 -30.46
CA VAL E 70 -23.82 3.47 -29.66
C VAL E 70 -25.04 4.27 -30.12
N ASP E 71 -25.89 3.67 -30.96
CA ASP E 71 -27.03 4.41 -31.50
C ASP E 71 -28.28 4.39 -30.58
N GLU E 72 -29.34 5.06 -31.02
CA GLU E 72 -30.51 5.27 -30.15
C GLU E 72 -31.20 3.96 -29.81
N TYR E 73 -31.06 2.99 -30.70
CA TYR E 73 -31.64 1.69 -30.45
C TYR E 73 -30.83 0.97 -29.36
N MET E 74 -29.50 0.93 -29.53
CA MET E 74 -28.62 0.37 -28.52
C MET E 74 -28.85 0.95 -27.15
N LEU E 75 -28.94 2.26 -27.08
CA LEU E 75 -29.11 2.99 -25.83
C LEU E 75 -30.40 2.57 -25.14
N GLU E 76 -31.46 2.43 -25.93
CA GLU E 76 -32.75 2.03 -25.38
C GLU E 76 -32.68 0.59 -24.90
N ALA E 77 -32.09 -0.25 -25.75
CA ALA E 77 -31.85 -1.67 -25.47
C ALA E 77 -31.17 -1.83 -24.14
N VAL E 78 -30.20 -0.96 -23.88
CA VAL E 78 -29.43 -1.08 -22.66
C VAL E 78 -30.29 -0.70 -21.46
N ASP E 79 -31.12 0.32 -21.64
CA ASP E 79 -31.85 0.84 -20.51
C ASP E 79 -32.87 -0.16 -20.07
N HIS E 80 -33.40 -0.86 -21.06
CA HIS E 80 -34.40 -1.89 -20.83
C HIS E 80 -33.82 -3.10 -20.11
N TYR E 81 -32.75 -3.66 -20.66
CA TYR E 81 -32.10 -4.83 -20.05
C TYR E 81 -31.57 -4.50 -18.65
N ALA E 82 -31.13 -3.27 -18.47
CA ALA E 82 -30.59 -2.85 -17.19
C ALA E 82 -31.68 -2.81 -16.14
N GLY E 83 -32.89 -2.47 -16.57
CA GLY E 83 -34.01 -2.27 -15.67
C GLY E 83 -34.42 -3.58 -15.07
N GLN E 84 -34.30 -4.64 -15.86
CA GLN E 84 -34.49 -6.01 -15.39
C GLN E 84 -33.41 -6.34 -14.36
N LEU E 85 -32.14 -6.19 -14.76
CA LEU E 85 -31.02 -6.58 -13.92
C LEU E 85 -31.01 -5.85 -12.57
N ALA E 86 -31.63 -4.68 -12.51
CA ALA E 86 -31.63 -3.91 -11.26
C ALA E 86 -32.47 -4.60 -10.18
N THR E 87 -33.43 -5.42 -10.60
CA THR E 87 -34.28 -6.09 -9.65
C THR E 87 -33.51 -7.11 -8.84
N LEU E 88 -32.35 -7.53 -9.34
CA LEU E 88 -31.58 -8.61 -8.73
C LEU E 88 -30.65 -8.12 -7.62
N ASP E 89 -30.33 -6.83 -7.63
CA ASP E 89 -29.47 -6.18 -6.64
C ASP E 89 -28.05 -6.74 -6.69
N ILE E 90 -27.49 -6.79 -7.90
CA ILE E 90 -26.13 -7.22 -8.13
C ILE E 90 -25.16 -6.33 -7.35
N SER E 91 -24.40 -6.91 -6.43
CA SER E 91 -23.40 -6.13 -5.69
C SER E 91 -22.20 -5.79 -6.57
N THR E 92 -21.81 -4.53 -6.59
CA THR E 92 -20.60 -4.15 -7.33
C THR E 92 -19.39 -4.21 -6.42
N GLU E 93 -19.61 -4.55 -5.16
CA GLU E 93 -18.50 -4.74 -4.23
C GLU E 93 -17.63 -5.90 -4.70
N PRO E 94 -16.30 -5.70 -4.66
CA PRO E 94 -15.39 -6.74 -5.15
C PRO E 94 -15.50 -7.96 -4.24
N MET E 95 -15.53 -9.15 -4.82
CA MET E 95 -15.69 -10.41 -4.07
C MET E 95 -14.44 -10.68 -3.26
N LYS E 96 -14.65 -11.15 -2.03
CA LYS E 96 -13.58 -11.61 -1.12
C LYS E 96 -12.65 -12.60 -1.85
N LEU E 97 -11.34 -12.42 -1.73
CA LEU E 97 -10.38 -13.16 -2.54
C LEU E 97 -10.50 -14.66 -2.33
N GLU E 98 -10.79 -15.09 -1.11
CA GLU E 98 -10.94 -16.53 -0.87
C GLU E 98 -12.16 -17.08 -1.60
N ASP E 99 -13.21 -16.27 -1.73
CA ASP E 99 -14.39 -16.74 -2.44
C ASP E 99 -14.18 -16.68 -3.96
N ALA E 100 -13.54 -15.62 -4.44
CA ALA E 100 -13.29 -15.45 -5.86
C ALA E 100 -12.40 -16.56 -6.42
N VAL E 101 -11.52 -17.11 -5.59
CA VAL E 101 -10.59 -18.15 -6.04
C VAL E 101 -11.06 -19.58 -5.73
N TYR E 102 -11.59 -19.80 -4.54
CA TYR E 102 -11.85 -21.15 -4.09
C TYR E 102 -13.34 -21.45 -4.00
N GLY E 103 -14.13 -20.74 -4.79
CA GLY E 103 -15.56 -21.00 -4.86
C GLY E 103 -16.39 -20.46 -3.70
N THR E 104 -17.64 -20.15 -4.00
CA THR E 104 -18.64 -19.73 -3.01
C THR E 104 -19.96 -20.12 -3.61
N GLU E 105 -21.05 -20.04 -2.86
CA GLU E 105 -22.37 -20.36 -3.40
C GLU E 105 -22.65 -19.54 -4.66
N GLY E 106 -22.87 -20.23 -5.78
CA GLY E 106 -23.13 -19.54 -7.03
C GLY E 106 -21.94 -19.32 -7.97
N LEU E 107 -20.75 -19.64 -7.49
CA LEU E 107 -19.55 -19.47 -8.29
C LEU E 107 -18.50 -20.48 -7.83
N GLU E 108 -18.27 -21.48 -8.66
CA GLU E 108 -17.31 -22.53 -8.35
C GLU E 108 -15.88 -22.00 -8.39
N ALA E 109 -14.97 -22.71 -7.73
CA ALA E 109 -13.57 -22.33 -7.68
C ALA E 109 -12.93 -22.34 -9.05
N LEU E 110 -11.74 -21.76 -9.15
CA LEU E 110 -10.97 -21.82 -10.38
C LEU E 110 -10.72 -23.28 -10.75
N ASP E 111 -10.63 -23.56 -12.04
CA ASP E 111 -10.27 -24.90 -12.50
C ASP E 111 -8.78 -25.20 -12.25
N LEU E 112 -8.49 -26.01 -11.24
CA LEU E 112 -7.09 -26.24 -10.88
C LEU E 112 -6.42 -27.31 -11.74
N THR E 113 -7.15 -27.84 -12.70
CA THR E 113 -6.58 -28.85 -13.61
C THR E 113 -6.15 -28.23 -14.93
N THR E 114 -6.37 -26.94 -15.12
CA THR E 114 -6.06 -26.36 -16.41
C THR E 114 -4.84 -25.46 -16.34
N SER E 115 -4.38 -25.02 -17.50
CA SER E 115 -3.20 -24.15 -17.56
C SER E 115 -3.35 -22.94 -16.65
N ALA E 116 -2.22 -22.38 -16.23
CA ALA E 116 -2.26 -21.15 -15.45
C ALA E 116 -2.03 -19.97 -16.37
N GLY E 117 -1.78 -20.24 -17.65
CA GLY E 117 -1.56 -19.23 -18.65
C GLY E 117 -0.21 -18.53 -18.49
N TYR E 118 -0.05 -17.42 -19.20
CA TYR E 118 1.17 -16.62 -19.12
C TYR E 118 1.28 -15.85 -17.80
N PRO E 119 2.51 -15.72 -17.25
CA PRO E 119 3.80 -16.23 -17.71
C PRO E 119 4.05 -17.71 -17.32
N TYR E 120 3.28 -18.22 -16.36
CA TYR E 120 3.55 -19.54 -15.75
C TYR E 120 3.67 -20.69 -16.75
N VAL E 121 2.95 -20.63 -17.86
CA VAL E 121 3.04 -21.67 -18.87
C VAL E 121 4.45 -21.77 -19.47
N ALA E 122 5.24 -20.70 -19.39
CA ALA E 122 6.59 -20.77 -19.94
C ALA E 122 7.60 -20.92 -18.82
N LEU E 123 7.14 -20.85 -17.59
CA LEU E 123 7.99 -21.10 -16.42
C LEU E 123 7.86 -22.53 -15.97
N GLY E 124 7.00 -23.27 -16.67
CA GLY E 124 6.67 -24.63 -16.29
C GLY E 124 5.92 -24.68 -14.96
N ILE E 125 5.06 -23.70 -14.70
CA ILE E 125 4.31 -23.62 -13.44
C ILE E 125 2.81 -23.93 -13.59
N LYS E 126 2.29 -24.79 -12.73
CA LYS E 126 0.91 -25.23 -12.82
C LYS E 126 0.04 -24.51 -11.79
N LYS E 127 -1.26 -24.37 -12.07
CA LYS E 127 -2.18 -23.73 -11.13
C LYS E 127 -1.99 -24.30 -9.74
N ARG E 128 -1.71 -25.61 -9.68
CA ARG E 128 -1.57 -26.29 -8.41
C ARG E 128 -0.23 -25.98 -7.71
N ASP E 129 0.76 -25.49 -8.45
CA ASP E 129 1.97 -24.95 -7.80
C ASP E 129 1.65 -23.67 -7.00
N ILE E 130 0.57 -22.99 -7.35
CA ILE E 130 0.20 -21.73 -6.69
C ILE E 130 -1.04 -21.89 -5.77
N LEU E 131 -1.95 -22.81 -6.11
CA LEU E 131 -3.19 -22.96 -5.35
C LEU E 131 -3.47 -24.38 -4.85
N SER E 132 -4.14 -24.49 -3.70
CA SER E 132 -4.73 -25.74 -3.27
C SER E 132 -6.10 -25.52 -2.64
N LYS E 133 -7.11 -26.22 -3.14
CA LYS E 133 -8.45 -26.23 -2.56
C LYS E 133 -8.43 -26.79 -1.14
N LYS E 134 -7.54 -27.76 -0.91
CA LYS E 134 -7.41 -28.43 0.38
C LYS E 134 -6.97 -27.49 1.48
N THR E 135 -6.09 -26.55 1.13
CA THR E 135 -5.53 -25.63 2.10
C THR E 135 -6.14 -24.23 2.00
N LYS E 136 -6.65 -23.89 0.82
CA LYS E 136 -7.20 -22.57 0.51
C LYS E 136 -6.16 -21.43 0.70
N ASP E 137 -4.92 -21.70 0.33
CA ASP E 137 -3.84 -20.75 0.51
C ASP E 137 -3.88 -19.64 -0.55
N LEU E 138 -3.66 -18.42 -0.10
CA LEU E 138 -3.62 -17.27 -0.99
C LEU E 138 -2.22 -16.64 -0.97
N THR E 139 -1.36 -17.15 -0.09
CA THR E 139 -0.01 -16.64 0.08
C THR E 139 0.79 -16.55 -1.22
N LYS E 140 0.98 -17.70 -1.88
CA LYS E 140 1.74 -17.75 -3.13
C LYS E 140 1.02 -17.04 -4.25
N LEU E 141 -0.31 -16.90 -4.14
CA LEU E 141 -1.07 -16.23 -5.17
C LEU E 141 -0.75 -14.72 -5.23
N LYS E 142 -1.06 -13.99 -4.15
CA LYS E 142 -0.74 -12.56 -4.03
C LYS E 142 0.69 -12.24 -4.47
N GLU E 143 1.65 -13.04 -3.98
CA GLU E 143 3.04 -13.00 -4.42
C GLU E 143 3.16 -12.99 -5.95
N CYS E 144 2.56 -13.98 -6.61
CA CYS E 144 2.56 -14.09 -8.07
C CYS E 144 1.84 -12.97 -8.79
N MET E 145 0.75 -12.50 -8.21
CA MET E 145 0.05 -11.37 -8.79
C MET E 145 0.86 -10.09 -8.66
N ASP E 146 1.45 -9.86 -7.49
CA ASP E 146 2.34 -8.70 -7.29
C ASP E 146 3.46 -8.74 -8.29
N LYS E 147 4.05 -9.92 -8.46
CA LYS E 147 5.23 -10.05 -9.29
C LYS E 147 4.91 -9.85 -10.77
N TYR E 148 3.84 -10.47 -11.25
CA TYR E 148 3.56 -10.51 -12.69
C TYR E 148 2.43 -9.58 -13.16
N GLY E 149 1.59 -9.12 -12.24
CA GLY E 149 0.62 -8.10 -12.58
C GLY E 149 -0.63 -8.57 -13.30
N LEU E 150 -1.32 -7.62 -13.95
CA LEU E 150 -2.57 -7.91 -14.65
C LEU E 150 -2.46 -7.60 -16.15
N ASN E 151 -3.56 -7.80 -16.87
CA ASN E 151 -3.61 -7.59 -18.31
C ASN E 151 -2.43 -8.26 -19.02
N LEU E 152 -2.20 -9.52 -18.68
CA LEU E 152 -1.19 -10.32 -19.39
C LEU E 152 -1.74 -10.85 -20.73
N PRO E 153 -0.86 -11.18 -21.68
CA PRO E 153 -1.39 -11.70 -22.93
C PRO E 153 -2.11 -13.02 -22.71
N MET E 154 -3.09 -13.30 -23.56
CA MET E 154 -3.78 -14.55 -23.53
C MET E 154 -3.03 -15.50 -24.45
N VAL E 155 -2.94 -16.77 -24.07
CA VAL E 155 -2.22 -17.73 -24.90
C VAL E 155 -3.19 -18.50 -25.78
N THR E 156 -2.87 -18.61 -27.06
CA THR E 156 -3.77 -19.18 -28.06
C THR E 156 -3.47 -20.62 -28.39
N TYR E 157 -4.43 -21.50 -28.12
CA TYR E 157 -4.29 -22.92 -28.49
C TYR E 157 -5.40 -23.34 -29.44
N VAL E 158 -5.18 -24.43 -30.15
CA VAL E 158 -6.24 -25.03 -30.97
C VAL E 158 -7.02 -26.07 -30.13
N LYS E 159 -8.32 -26.16 -30.31
CA LYS E 159 -9.11 -27.03 -29.45
C LYS E 159 -9.06 -28.47 -29.95
N ASP E 160 -8.65 -29.35 -29.06
CA ASP E 160 -8.69 -30.80 -29.29
C ASP E 160 -10.13 -31.26 -29.12
N GLU E 161 -10.78 -31.56 -30.24
CA GLU E 161 -12.22 -31.87 -30.20
C GLU E 161 -12.69 -32.42 -31.54
N LEU E 162 -13.90 -32.96 -31.58
CA LEU E 162 -14.46 -33.45 -32.83
C LEU E 162 -15.05 -32.32 -33.67
N ARG E 163 -14.86 -32.41 -34.98
CA ARG E 163 -15.40 -31.45 -35.96
C ARG E 163 -16.00 -32.18 -37.14
N SER E 164 -17.02 -31.58 -37.74
CA SER E 164 -17.59 -32.09 -38.97
C SER E 164 -16.49 -32.27 -40.01
N ILE E 165 -16.79 -33.06 -41.03
CA ILE E 165 -15.78 -33.52 -41.96
C ILE E 165 -15.37 -32.40 -42.92
N GLU E 166 -16.21 -31.38 -43.01
CA GLU E 166 -15.94 -30.25 -43.89
C GLU E 166 -15.09 -29.27 -43.12
N LYS E 167 -15.33 -29.19 -41.82
CA LYS E 167 -14.57 -28.32 -40.94
C LYS E 167 -13.18 -28.90 -40.71
N VAL E 168 -13.05 -30.20 -40.82
CA VAL E 168 -11.74 -30.82 -40.77
C VAL E 168 -11.03 -30.52 -42.07
N ALA E 169 -11.77 -30.71 -43.16
CA ALA E 169 -11.25 -30.51 -44.52
C ALA E 169 -10.85 -29.07 -44.79
N LYS E 170 -11.62 -28.12 -44.26
CA LYS E 170 -11.38 -26.69 -44.42
C LYS E 170 -10.46 -26.10 -43.33
N GLY E 171 -9.98 -26.96 -42.44
CA GLY E 171 -9.10 -26.56 -41.35
C GLY E 171 -9.75 -25.62 -40.33
N LYS E 172 -11.08 -25.52 -40.32
CA LYS E 172 -11.76 -24.65 -39.36
C LYS E 172 -11.78 -25.22 -37.93
N SER E 173 -10.59 -25.54 -37.41
CA SER E 173 -10.44 -25.89 -36.00
C SER E 173 -10.71 -24.64 -35.18
N ARG E 174 -11.01 -24.80 -33.90
CA ARG E 174 -11.35 -23.66 -33.06
C ARG E 174 -10.23 -23.25 -32.14
N LEU E 175 -10.00 -21.95 -32.05
CA LEU E 175 -9.02 -21.39 -31.14
C LEU E 175 -9.66 -21.08 -29.79
N ILE E 176 -8.92 -21.34 -28.72
CA ILE E 176 -9.30 -20.78 -27.43
C ILE E 176 -8.16 -19.91 -26.93
N GLU E 177 -8.48 -19.08 -25.94
CA GLU E 177 -7.53 -18.10 -25.43
C GLU E 177 -7.30 -18.35 -23.95
N ALA E 178 -6.10 -18.80 -23.62
CA ALA E 178 -5.77 -19.09 -22.24
C ALA E 178 -5.58 -17.81 -21.46
N SER E 179 -6.50 -17.57 -20.54
CA SER E 179 -6.40 -16.40 -19.67
C SER E 179 -5.44 -16.69 -18.50
N SER E 180 -4.53 -15.77 -18.26
CA SER E 180 -3.61 -15.90 -17.14
C SER E 180 -4.37 -16.06 -15.83
N LEU E 181 -3.84 -16.90 -14.96
CA LEU E 181 -4.38 -17.06 -13.60
C LEU E 181 -4.67 -15.72 -12.92
N ASN E 182 -3.73 -14.79 -13.07
CA ASN E 182 -3.82 -13.47 -12.48
C ASN E 182 -5.08 -12.75 -12.97
N ASP E 183 -5.27 -12.73 -14.29
CA ASP E 183 -6.41 -12.05 -14.90
C ASP E 183 -7.72 -12.73 -14.55
N SER E 184 -7.74 -14.06 -14.56
CA SER E 184 -8.94 -14.78 -14.10
C SER E 184 -9.29 -14.39 -12.66
N VAL E 185 -8.31 -14.42 -11.76
CA VAL E 185 -8.56 -14.00 -10.38
C VAL E 185 -9.06 -12.56 -10.29
N ALA E 186 -8.40 -11.61 -10.95
CA ALA E 186 -8.77 -10.20 -10.84
C ALA E 186 -10.19 -9.96 -11.34
N MET E 187 -10.53 -10.60 -12.45
CA MET E 187 -11.89 -10.47 -12.96
C MET E 187 -12.94 -11.09 -12.07
N ARG E 188 -12.62 -12.24 -11.45
CA ARG E 188 -13.56 -12.89 -10.54
C ARG E 188 -13.76 -12.01 -9.29
N GLN E 189 -12.66 -11.48 -8.75
CA GLN E 189 -12.74 -10.46 -7.68
C GLN E 189 -13.69 -9.33 -8.06
N THR E 190 -13.41 -8.71 -9.21
CA THR E 190 -14.17 -7.55 -9.68
C THR E 190 -15.63 -7.89 -9.98
N PHE E 191 -15.86 -9.00 -10.68
CA PHE E 191 -17.21 -9.34 -11.16
C PHE E 191 -17.83 -10.61 -10.57
N GLY E 192 -17.32 -11.07 -9.44
CA GLY E 192 -17.83 -12.27 -8.84
C GLY E 192 -19.29 -12.19 -8.42
N ASN E 193 -19.69 -11.07 -7.81
CA ASN E 193 -21.05 -10.94 -7.35
C ASN E 193 -22.02 -10.89 -8.53
N LEU E 194 -21.53 -10.41 -9.68
CA LEU E 194 -22.33 -10.46 -10.92
C LEU E 194 -22.46 -11.89 -11.45
N TYR E 195 -21.33 -12.59 -11.55
CA TYR E 195 -21.31 -14.00 -11.94
C TYR E 195 -22.26 -14.82 -11.05
N LYS E 196 -22.16 -14.56 -9.76
CA LYS E 196 -22.87 -15.34 -8.77
C LYS E 196 -24.37 -15.17 -8.90
N THR E 197 -24.80 -13.91 -9.01
CA THR E 197 -26.23 -13.61 -9.11
C THR E 197 -26.81 -14.15 -10.43
N PHE E 198 -26.02 -14.08 -11.50
CA PHE E 198 -26.44 -14.63 -12.78
C PHE E 198 -26.61 -16.14 -12.68
N HIS E 199 -25.61 -16.82 -12.13
CA HIS E 199 -25.68 -18.28 -12.00
C HIS E 199 -26.86 -18.73 -11.11
N LEU E 200 -27.10 -18.03 -10.00
CA LEU E 200 -28.21 -18.36 -9.09
C LEU E 200 -29.58 -17.93 -9.60
N ASN E 201 -29.63 -17.21 -10.73
CA ASN E 201 -30.91 -16.71 -11.23
C ASN E 201 -31.07 -16.83 -12.75
N PRO E 202 -30.89 -18.03 -13.31
CA PRO E 202 -31.12 -18.14 -14.75
C PRO E 202 -32.62 -18.05 -15.06
N GLY E 203 -32.98 -17.50 -16.21
CA GLY E 203 -34.37 -17.24 -16.57
C GLY E 203 -34.58 -15.98 -17.41
N VAL E 204 -35.79 -15.42 -17.40
CA VAL E 204 -36.09 -14.35 -18.35
C VAL E 204 -35.81 -12.93 -17.84
N VAL E 205 -35.44 -12.85 -16.56
CA VAL E 205 -35.00 -11.61 -15.95
C VAL E 205 -33.51 -11.36 -16.22
N THR E 206 -32.65 -12.33 -15.91
CA THR E 206 -31.25 -12.22 -16.30
C THR E 206 -31.15 -12.40 -17.82
N GLY E 207 -32.15 -13.08 -18.40
CA GLY E 207 -32.07 -13.46 -19.79
C GLY E 207 -30.95 -14.45 -20.06
N SER E 208 -30.51 -15.14 -19.01
CA SER E 208 -29.43 -16.11 -19.19
C SER E 208 -29.78 -17.53 -18.67
N ALA E 209 -29.35 -18.54 -19.43
CA ALA E 209 -29.51 -19.95 -19.03
C ALA E 209 -28.33 -20.47 -18.20
N VAL E 210 -27.32 -19.63 -18.00
CA VAL E 210 -26.12 -20.04 -17.27
C VAL E 210 -26.46 -20.42 -15.85
N GLY E 211 -26.14 -21.64 -15.47
CA GLY E 211 -26.43 -22.10 -14.13
C GLY E 211 -27.61 -23.04 -14.07
N CYS E 212 -28.27 -23.22 -15.21
CA CYS E 212 -29.43 -24.10 -15.28
C CYS E 212 -29.05 -25.59 -15.46
N ASP E 213 -29.99 -26.46 -15.11
CA ASP E 213 -29.89 -27.89 -15.39
C ASP E 213 -31.07 -28.24 -16.29
N PRO E 214 -30.80 -28.47 -17.59
CA PRO E 214 -31.76 -28.82 -18.63
C PRO E 214 -32.81 -29.85 -18.22
N ASP E 215 -32.45 -30.73 -17.30
CA ASP E 215 -33.38 -31.76 -16.82
C ASP E 215 -34.56 -31.05 -16.18
N LEU E 216 -34.25 -30.22 -15.19
CA LEU E 216 -35.27 -29.47 -14.45
C LEU E 216 -35.81 -28.21 -15.16
N PHE E 217 -35.05 -27.68 -16.10
CA PHE E 217 -35.23 -26.30 -16.53
C PHE E 217 -36.10 -26.21 -17.78
N TRP E 218 -36.10 -27.30 -18.56
CA TRP E 218 -36.92 -27.35 -19.77
C TRP E 218 -38.38 -27.20 -19.43
N SER E 219 -38.76 -27.62 -18.23
CA SER E 219 -40.15 -27.55 -17.85
C SER E 219 -40.59 -26.10 -17.62
N LYS E 220 -39.69 -25.31 -17.04
CA LYS E 220 -39.96 -23.90 -16.78
C LYS E 220 -39.95 -23.03 -18.04
N ILE E 221 -39.20 -23.42 -19.07
CA ILE E 221 -38.99 -22.55 -20.24
C ILE E 221 -40.26 -22.18 -21.03
N PRO E 222 -41.11 -23.16 -21.37
CA PRO E 222 -42.31 -22.77 -22.12
C PRO E 222 -43.27 -21.89 -21.32
N VAL E 223 -43.16 -21.91 -19.99
CA VAL E 223 -43.98 -21.04 -19.15
C VAL E 223 -43.52 -19.62 -19.28
N MET E 224 -42.20 -19.43 -19.25
CA MET E 224 -41.60 -18.10 -19.38
C MET E 224 -41.73 -17.51 -20.79
N LEU E 225 -41.54 -18.33 -21.82
CA LEU E 225 -41.65 -17.87 -23.20
C LEU E 225 -43.01 -18.28 -23.78
N ASP E 226 -44.07 -17.62 -23.31
CA ASP E 226 -45.46 -17.94 -23.68
C ASP E 226 -45.86 -17.38 -25.06
N GLY E 227 -45.07 -16.47 -25.61
CA GLY E 227 -45.40 -15.87 -26.90
C GLY E 227 -45.05 -16.73 -28.11
N HIS E 228 -44.96 -16.08 -29.27
CA HIS E 228 -44.46 -16.72 -30.49
C HIS E 228 -42.93 -16.87 -30.43
N LEU E 229 -42.39 -18.03 -30.81
CA LEU E 229 -40.96 -18.26 -30.69
C LEU E 229 -40.11 -17.46 -31.66
N ILE E 230 -38.96 -17.03 -31.15
CA ILE E 230 -37.91 -16.39 -31.96
C ILE E 230 -36.60 -17.14 -31.77
N ALA E 231 -35.99 -17.60 -32.86
CA ALA E 231 -34.68 -18.24 -32.75
C ALA E 231 -33.93 -18.26 -34.06
N PHE E 232 -32.66 -17.89 -33.98
CA PHE E 232 -31.73 -17.90 -35.09
C PHE E 232 -30.42 -18.40 -34.53
N ASP E 233 -29.43 -18.58 -35.40
CA ASP E 233 -28.06 -18.92 -35.02
C ASP E 233 -27.11 -17.80 -35.42
N TYR E 234 -25.94 -17.77 -34.79
CA TYR E 234 -24.87 -16.85 -35.14
C TYR E 234 -23.77 -17.65 -35.82
N SER E 235 -23.12 -17.06 -36.80
CA SER E 235 -21.86 -17.60 -37.29
C SER E 235 -20.71 -16.88 -36.60
N GLY E 236 -19.93 -17.63 -35.84
CA GLY E 236 -18.79 -17.07 -35.13
C GLY E 236 -19.08 -15.79 -34.37
N TYR E 237 -20.03 -15.86 -33.45
CA TYR E 237 -20.47 -14.73 -32.64
C TYR E 237 -19.33 -14.01 -31.92
N ASP E 238 -18.59 -14.77 -31.11
CA ASP E 238 -17.56 -14.20 -30.24
C ASP E 238 -16.57 -13.33 -31.03
N ALA E 239 -16.09 -13.86 -32.16
CA ALA E 239 -15.14 -13.14 -33.00
C ALA E 239 -15.78 -12.05 -33.85
N SER E 240 -17.10 -12.03 -33.92
CA SER E 240 -17.79 -11.02 -34.74
C SER E 240 -18.26 -9.79 -33.95
N LEU E 241 -18.20 -9.85 -32.62
CA LEU E 241 -18.59 -8.70 -31.79
C LEU E 241 -17.68 -7.48 -31.98
N SER E 242 -18.18 -6.44 -32.64
CA SER E 242 -17.41 -5.19 -32.83
C SER E 242 -17.30 -4.38 -31.54
N PRO E 243 -16.35 -3.43 -31.50
CA PRO E 243 -16.14 -2.71 -30.23
C PRO E 243 -17.39 -2.03 -29.67
N VAL E 244 -18.31 -1.68 -30.55
CA VAL E 244 -19.47 -0.92 -30.10
C VAL E 244 -20.32 -1.72 -29.13
N TRP E 245 -20.41 -3.04 -29.33
CA TRP E 245 -21.18 -3.88 -28.40
C TRP E 245 -20.52 -3.92 -27.02
N PHE E 246 -19.19 -3.86 -27.01
CA PHE E 246 -18.49 -3.72 -25.74
C PHE E 246 -18.73 -2.33 -25.11
N ALA E 247 -18.73 -1.28 -25.94
CA ALA E 247 -19.12 0.04 -25.42
C ALA E 247 -20.48 -0.08 -24.76
N CYS E 248 -21.39 -0.80 -25.43
CA CYS E 248 -22.73 -1.06 -24.91
C CYS E 248 -22.67 -1.79 -23.56
N LEU E 249 -21.94 -2.90 -23.50
CA LEU E 249 -21.79 -3.64 -22.24
C LEU E 249 -21.21 -2.78 -21.12
N LYS E 250 -20.22 -1.94 -21.44
CA LYS E 250 -19.68 -1.01 -20.45
C LYS E 250 -20.76 -0.06 -19.94
N MET E 251 -21.58 0.46 -20.85
CA MET E 251 -22.62 1.39 -20.43
C MET E 251 -23.63 0.74 -19.48
N ILE E 252 -23.91 -0.55 -19.66
CA ILE E 252 -24.90 -1.21 -18.79
C ILE E 252 -24.26 -1.55 -17.47
N LEU E 253 -23.00 -1.98 -17.52
CA LEU E 253 -22.24 -2.16 -16.28
C LEU E 253 -22.26 -0.87 -15.45
N GLU E 254 -22.04 0.26 -16.11
CA GLU E 254 -22.08 1.55 -15.41
C GLU E 254 -23.46 1.75 -14.77
N LYS E 255 -24.54 1.51 -15.50
CA LYS E 255 -25.88 1.62 -14.92
C LYS E 255 -26.05 0.78 -13.65
N LEU E 256 -25.40 -0.38 -13.60
CA LEU E 256 -25.56 -1.30 -12.48
C LEU E 256 -24.77 -0.84 -11.23
N GLY E 257 -23.89 0.13 -11.41
CA GLY E 257 -23.16 0.69 -10.27
C GLY E 257 -21.66 0.60 -10.42
N TYR E 258 -21.22 0.12 -11.58
CA TYR E 258 -19.79 -0.08 -11.80
C TYR E 258 -19.05 1.23 -12.12
N THR E 259 -17.91 1.40 -11.45
CA THR E 259 -17.00 2.52 -11.64
C THR E 259 -16.33 2.41 -13.00
N HIS E 260 -15.94 3.54 -13.58
CA HIS E 260 -15.11 3.57 -14.78
C HIS E 260 -13.85 2.71 -14.59
N LYS E 261 -13.43 2.56 -13.34
CA LYS E 261 -12.26 1.76 -13.01
C LYS E 261 -12.45 0.30 -13.36
N GLU E 262 -13.63 -0.20 -13.03
CA GLU E 262 -13.96 -1.60 -13.15
C GLU E 262 -14.41 -1.98 -14.57
N THR E 263 -15.27 -1.15 -15.15
CA THR E 263 -15.68 -1.33 -16.54
C THR E 263 -14.49 -1.43 -17.47
N ASN E 264 -13.35 -0.89 -17.06
CA ASN E 264 -12.16 -0.91 -17.91
C ASN E 264 -11.59 -2.29 -18.14
N TYR E 265 -11.93 -3.26 -17.30
CA TYR E 265 -11.53 -4.64 -17.59
C TYR E 265 -12.16 -5.13 -18.90
N ILE E 266 -13.27 -4.51 -19.32
CA ILE E 266 -13.95 -4.93 -20.54
C ILE E 266 -13.09 -4.57 -21.73
N ASP E 267 -12.30 -3.51 -21.55
CA ASP E 267 -11.30 -3.06 -22.54
C ASP E 267 -10.26 -4.13 -22.82
N TYR E 268 -9.91 -4.90 -21.79
CA TYR E 268 -8.96 -5.99 -21.91
C TYR E 268 -9.58 -7.15 -22.67
N LEU E 269 -10.91 -7.20 -22.72
CA LEU E 269 -11.56 -8.25 -23.51
C LEU E 269 -11.73 -7.80 -24.96
N CYS E 270 -12.22 -6.57 -25.12
CA CYS E 270 -12.52 -6.06 -26.45
C CYS E 270 -11.23 -5.83 -27.20
N ASN E 271 -10.26 -5.25 -26.53
CA ASN E 271 -8.99 -4.94 -27.17
C ASN E 271 -7.89 -5.83 -26.61
N SER E 272 -7.70 -6.97 -27.23
CA SER E 272 -6.98 -8.02 -26.55
C SER E 272 -5.62 -8.34 -27.16
N HIS E 273 -4.96 -9.25 -26.46
CA HIS E 273 -3.55 -9.27 -26.33
C HIS E 273 -3.18 -10.76 -26.31
N HIS E 274 -2.51 -11.25 -27.34
CA HIS E 274 -2.39 -12.71 -27.50
C HIS E 274 -0.98 -13.22 -27.80
N LEU E 275 -0.74 -14.46 -27.41
CA LEU E 275 0.43 -15.24 -27.86
C LEU E 275 -0.04 -16.50 -28.60
N TYR E 276 0.51 -16.74 -29.77
CA TYR E 276 0.28 -17.97 -30.50
C TYR E 276 1.59 -18.41 -31.10
N ARG E 277 2.21 -19.42 -30.51
CA ARG E 277 3.45 -19.99 -31.02
C ARG E 277 4.63 -19.02 -30.94
N ASP E 278 5.02 -18.44 -32.07
CA ASP E 278 6.14 -17.50 -32.08
C ASP E 278 5.70 -16.05 -32.31
N LYS E 279 4.41 -15.78 -32.13
CA LYS E 279 3.88 -14.46 -32.48
C LYS E 279 3.14 -13.83 -31.33
N HIS E 280 3.09 -12.51 -31.36
CA HIS E 280 2.35 -11.74 -30.39
C HIS E 280 1.44 -10.84 -31.18
N TYR E 281 0.14 -10.90 -30.95
CA TYR E 281 -0.76 -10.08 -31.77
C TYR E 281 -1.91 -9.44 -31.00
N PHE E 282 -2.53 -8.45 -31.65
CA PHE E 282 -3.50 -7.59 -31.01
C PHE E 282 -4.86 -7.67 -31.70
N VAL E 283 -5.89 -7.94 -30.91
CA VAL E 283 -7.22 -8.01 -31.46
C VAL E 283 -8.06 -6.86 -30.97
N ARG E 284 -8.69 -6.16 -31.90
CA ARG E 284 -9.65 -5.14 -31.52
C ARG E 284 -11.03 -5.71 -31.72
N GLY E 285 -11.81 -5.70 -30.66
CA GLY E 285 -13.12 -6.33 -30.71
C GLY E 285 -13.00 -7.84 -30.60
N GLY E 286 -14.14 -8.50 -30.60
CA GLY E 286 -14.18 -9.93 -30.41
C GLY E 286 -14.14 -10.27 -28.94
N MET E 287 -14.99 -11.21 -28.54
CA MET E 287 -14.93 -11.74 -27.18
C MET E 287 -13.91 -12.84 -27.21
N PRO E 288 -12.89 -12.73 -26.37
CA PRO E 288 -11.87 -13.80 -26.39
C PRO E 288 -12.37 -15.06 -25.66
N SER E 289 -12.58 -16.14 -26.42
CA SER E 289 -13.13 -17.36 -25.85
C SER E 289 -12.11 -18.00 -24.94
N GLY E 290 -12.34 -17.87 -23.64
CA GLY E 290 -11.38 -18.38 -22.68
C GLY E 290 -11.04 -17.42 -21.57
N CYS E 291 -11.45 -16.17 -21.73
CA CYS E 291 -11.33 -15.22 -20.66
C CYS E 291 -12.32 -15.67 -19.58
N SER E 292 -12.13 -15.19 -18.35
CA SER E 292 -13.19 -15.32 -17.35
C SER E 292 -14.36 -14.44 -17.76
N GLY E 293 -15.58 -14.89 -17.47
CA GLY E 293 -16.76 -14.10 -17.74
C GLY E 293 -17.33 -14.32 -19.13
N THR E 294 -16.58 -15.02 -19.97
CA THR E 294 -16.97 -15.21 -21.37
C THR E 294 -18.46 -15.64 -21.50
N SER E 295 -18.93 -16.57 -20.68
CA SER E 295 -20.35 -16.91 -20.75
C SER E 295 -21.28 -15.78 -20.31
N ILE E 296 -20.95 -15.10 -19.22
CA ILE E 296 -21.82 -14.04 -18.71
C ILE E 296 -21.85 -12.81 -19.63
N PHE E 297 -20.70 -12.40 -20.14
CA PHE E 297 -20.65 -11.17 -20.92
C PHE E 297 -21.16 -11.41 -22.34
N ASN E 298 -20.80 -12.55 -22.95
CA ASN E 298 -21.43 -12.93 -24.21
C ASN E 298 -22.97 -12.89 -24.10
N SER E 299 -23.50 -13.35 -22.95
CA SER E 299 -24.93 -13.45 -22.77
C SER E 299 -25.56 -12.08 -22.57
N MET E 300 -24.96 -11.27 -21.70
CA MET E 300 -25.40 -9.88 -21.54
C MET E 300 -25.40 -9.14 -22.87
N ILE E 301 -24.34 -9.32 -23.66
CA ILE E 301 -24.25 -8.66 -24.95
C ILE E 301 -25.35 -9.15 -25.89
N ASN E 302 -25.69 -10.42 -25.81
CA ASN E 302 -26.76 -10.92 -26.66
C ASN E 302 -28.13 -10.30 -26.30
N ASN E 303 -28.35 -10.10 -25.00
CA ASN E 303 -29.57 -9.44 -24.54
C ASN E 303 -29.66 -8.03 -25.11
N ILE E 304 -28.51 -7.37 -25.21
CA ILE E 304 -28.44 -6.04 -25.78
C ILE E 304 -28.62 -6.08 -27.29
N ILE E 305 -27.91 -7.00 -27.94
CA ILE E 305 -28.02 -7.20 -29.37
C ILE E 305 -29.47 -7.42 -29.82
N ILE E 306 -30.08 -8.54 -29.42
CA ILE E 306 -31.41 -8.88 -29.92
C ILE E 306 -32.41 -7.74 -29.65
N ARG E 307 -32.33 -7.14 -28.47
CA ARG E 307 -33.20 -6.01 -28.14
C ARG E 307 -33.03 -4.84 -29.13
N THR E 308 -31.79 -4.60 -29.52
CA THR E 308 -31.45 -3.54 -30.45
C THR E 308 -32.07 -3.77 -31.80
N LEU E 309 -31.82 -4.96 -32.36
CA LEU E 309 -32.38 -5.35 -33.65
C LEU E 309 -33.89 -5.20 -33.67
N MET E 310 -34.55 -5.53 -32.56
CA MET E 310 -36.00 -5.43 -32.48
C MET E 310 -36.43 -3.97 -32.53
N LEU E 311 -35.85 -3.15 -31.65
CA LEU E 311 -36.14 -1.72 -31.61
C LEU E 311 -35.87 -1.07 -32.96
N LYS E 312 -34.91 -1.62 -33.70
CA LYS E 312 -34.52 -0.99 -34.94
C LYS E 312 -35.43 -1.41 -36.08
N VAL E 313 -35.64 -2.72 -36.22
CA VAL E 313 -36.45 -3.25 -37.32
C VAL E 313 -37.94 -2.99 -37.12
N TYR E 314 -38.46 -3.29 -35.93
CA TYR E 314 -39.86 -3.04 -35.62
C TYR E 314 -39.94 -1.81 -34.76
N LYS E 315 -39.87 -0.63 -35.37
CA LYS E 315 -39.93 0.60 -34.59
C LYS E 315 -41.30 0.67 -33.95
N GLY E 316 -41.35 1.09 -32.69
CA GLY E 316 -42.58 0.97 -31.92
C GLY E 316 -42.83 -0.49 -31.60
N ILE E 317 -42.13 -0.97 -30.58
CA ILE E 317 -42.23 -2.35 -30.13
C ILE E 317 -42.13 -2.40 -28.60
N ASP E 318 -42.91 -3.26 -27.97
CA ASP E 318 -42.97 -3.20 -26.51
C ASP E 318 -42.12 -4.31 -25.90
N LEU E 319 -40.92 -3.94 -25.46
CA LEU E 319 -40.00 -4.94 -24.94
C LEU E 319 -40.44 -5.43 -23.57
N ASP E 320 -41.43 -4.78 -22.96
CA ASP E 320 -41.96 -5.30 -21.70
C ASP E 320 -42.67 -6.63 -21.94
N GLN E 321 -42.87 -6.97 -23.21
CA GLN E 321 -43.55 -8.20 -23.58
C GLN E 321 -42.62 -9.13 -24.35
N PHE E 322 -41.35 -8.74 -24.44
CA PHE E 322 -40.32 -9.55 -25.07
C PHE E 322 -39.70 -10.42 -23.99
N ARG E 323 -39.32 -11.65 -24.35
CA ARG E 323 -38.68 -12.59 -23.43
C ARG E 323 -37.58 -13.38 -24.13
N MET E 324 -36.37 -13.41 -23.53
CA MET E 324 -35.31 -14.25 -24.08
C MET E 324 -34.44 -14.85 -23.00
N ILE E 325 -33.92 -16.04 -23.33
CA ILE E 325 -32.94 -16.74 -22.52
C ILE E 325 -31.74 -16.92 -23.42
N ALA E 326 -30.59 -16.44 -22.97
CA ALA E 326 -29.40 -16.55 -23.79
C ALA E 326 -28.41 -17.44 -23.08
N TYR E 327 -27.67 -18.24 -23.83
CA TYR E 327 -26.49 -18.87 -23.26
C TYR E 327 -25.30 -18.55 -24.19
N GLY E 328 -24.69 -17.39 -23.98
CA GLY E 328 -23.62 -16.95 -24.85
C GLY E 328 -24.28 -16.57 -26.15
N ASP E 329 -23.88 -17.22 -27.25
CA ASP E 329 -24.50 -16.90 -28.53
C ASP E 329 -25.85 -17.60 -28.66
N ASP E 330 -26.05 -18.65 -27.89
CA ASP E 330 -27.28 -19.42 -28.01
C ASP E 330 -28.47 -18.71 -27.36
N VAL E 331 -29.55 -18.60 -28.13
CA VAL E 331 -30.71 -17.88 -27.67
C VAL E 331 -32.02 -18.55 -28.06
N ILE E 332 -32.93 -18.58 -27.11
CA ILE E 332 -34.28 -18.95 -27.41
C ILE E 332 -35.12 -17.78 -26.94
N ALA E 333 -36.12 -17.36 -27.71
CA ALA E 333 -36.90 -16.18 -27.31
C ALA E 333 -38.34 -16.22 -27.80
N SER E 334 -39.12 -15.25 -27.33
CA SER E 334 -40.49 -15.15 -27.76
C SER E 334 -40.98 -13.70 -27.69
N TYR E 335 -41.93 -13.40 -28.58
CA TYR E 335 -42.64 -12.14 -28.59
C TYR E 335 -44.12 -12.45 -28.84
N PRO E 336 -45.04 -11.66 -28.24
CA PRO E 336 -46.47 -11.90 -28.46
C PRO E 336 -46.91 -11.87 -29.94
N TRP E 337 -46.12 -11.27 -30.82
CA TRP E 337 -46.47 -11.24 -32.23
C TRP E 337 -45.37 -11.79 -33.15
N PRO E 338 -45.75 -12.28 -34.34
CA PRO E 338 -44.81 -12.79 -35.34
C PRO E 338 -43.69 -11.83 -35.63
N ILE E 339 -42.46 -12.29 -35.43
CA ILE E 339 -41.30 -11.49 -35.76
C ILE E 339 -40.54 -12.18 -36.87
N ASP E 340 -40.20 -11.44 -37.92
CA ASP E 340 -39.44 -11.99 -39.04
C ASP E 340 -37.93 -11.92 -38.76
N ALA E 341 -37.35 -13.06 -38.44
CA ALA E 341 -35.94 -13.09 -38.04
C ALA E 341 -34.99 -12.83 -39.18
N SER E 342 -35.48 -12.90 -40.41
CA SER E 342 -34.62 -12.60 -41.56
C SER E 342 -34.35 -11.08 -41.61
N LEU E 343 -35.30 -10.31 -41.13
CA LEU E 343 -35.14 -8.88 -41.06
C LEU E 343 -34.20 -8.52 -39.88
N LEU E 344 -34.30 -9.28 -38.78
CA LEU E 344 -33.42 -9.05 -37.63
C LEU E 344 -32.02 -9.40 -38.04
N ALA E 345 -31.93 -10.32 -38.98
CA ALA E 345 -30.63 -10.74 -39.51
C ALA E 345 -30.07 -9.63 -40.37
N GLU E 346 -30.89 -9.12 -41.27
CA GLU E 346 -30.50 -8.02 -42.12
C GLU E 346 -29.96 -6.89 -41.27
N ALA E 347 -30.74 -6.52 -40.25
CA ALA E 347 -30.31 -5.51 -39.30
C ALA E 347 -28.98 -5.88 -38.69
N GLY E 348 -28.92 -7.07 -38.11
CA GLY E 348 -27.69 -7.59 -37.53
C GLY E 348 -26.48 -7.42 -38.42
N LYS E 349 -26.66 -7.63 -39.72
CA LYS E 349 -25.56 -7.58 -40.67
C LYS E 349 -24.92 -6.20 -40.65
N GLY E 350 -25.77 -5.19 -40.48
CA GLY E 350 -25.35 -3.81 -40.43
C GLY E 350 -24.49 -3.56 -39.20
N TYR E 351 -24.66 -4.37 -38.16
CA TYR E 351 -23.78 -4.22 -36.99
C TYR E 351 -22.65 -5.24 -36.91
N GLY E 352 -22.29 -5.89 -38.02
CA GLY E 352 -21.22 -6.88 -37.96
C GLY E 352 -21.65 -8.31 -37.59
N LEU E 353 -22.91 -8.51 -37.22
CA LEU E 353 -23.35 -9.82 -36.78
C LEU E 353 -23.89 -10.63 -37.96
N ILE E 354 -23.50 -11.91 -38.01
CA ILE E 354 -23.95 -12.80 -39.07
C ILE E 354 -24.95 -13.82 -38.52
N MET E 355 -26.24 -13.56 -38.73
CA MET E 355 -27.29 -14.42 -38.20
C MET E 355 -27.87 -15.30 -39.30
N THR E 356 -28.05 -16.58 -38.97
CA THR E 356 -28.52 -17.60 -39.90
C THR E 356 -29.74 -18.31 -39.30
N PRO E 357 -30.54 -18.99 -40.14
CA PRO E 357 -31.73 -19.71 -39.62
C PRO E 357 -31.38 -20.78 -38.60
N ALA E 358 -32.19 -20.93 -37.56
CA ALA E 358 -31.90 -21.86 -36.47
C ALA E 358 -31.71 -23.29 -36.95
N ASP E 359 -30.63 -23.91 -36.47
CA ASP E 359 -30.33 -25.32 -36.68
C ASP E 359 -30.07 -25.70 -38.14
N LYS E 360 -29.26 -24.88 -38.82
CA LYS E 360 -28.76 -25.18 -40.16
C LYS E 360 -29.84 -25.41 -41.23
N GLY E 361 -30.56 -24.34 -41.57
CA GLY E 361 -31.51 -24.38 -42.67
C GLY E 361 -31.28 -23.15 -43.54
N GLU E 362 -31.94 -23.08 -44.69
CA GLU E 362 -31.73 -21.96 -45.61
C GLU E 362 -33.02 -21.16 -45.84
N CYS E 363 -33.99 -21.40 -44.97
CA CYS E 363 -35.20 -20.59 -44.87
C CYS E 363 -35.40 -20.23 -43.41
N PHE E 364 -35.72 -18.97 -43.14
CA PHE E 364 -36.07 -18.54 -41.80
C PHE E 364 -37.49 -18.96 -41.53
N ASN E 365 -37.72 -20.27 -41.51
CA ASN E 365 -39.04 -20.84 -41.29
C ASN E 365 -39.66 -20.38 -40.00
N GLU E 366 -40.88 -20.85 -39.77
CA GLU E 366 -41.46 -20.71 -38.46
C GLU E 366 -40.66 -21.57 -37.48
N VAL E 367 -40.40 -21.00 -36.32
CA VAL E 367 -39.72 -21.69 -35.27
C VAL E 367 -40.79 -22.21 -34.33
N THR E 368 -41.01 -23.52 -34.38
CA THR E 368 -42.06 -24.14 -33.59
C THR E 368 -41.46 -24.73 -32.33
N TRP E 369 -42.27 -25.12 -31.35
CA TRP E 369 -41.72 -25.80 -30.19
C TRP E 369 -41.24 -27.19 -30.55
N THR E 370 -41.59 -27.61 -31.75
CA THR E 370 -41.32 -28.95 -32.25
C THR E 370 -39.91 -29.04 -32.75
N ASN E 371 -39.50 -28.01 -33.47
CA ASN E 371 -38.20 -27.98 -34.12
C ASN E 371 -37.18 -27.05 -33.46
N VAL E 372 -37.61 -26.26 -32.48
CA VAL E 372 -36.68 -25.36 -31.78
C VAL E 372 -35.70 -26.11 -30.89
N THR E 373 -34.43 -25.70 -30.89
CA THR E 373 -33.47 -26.29 -29.96
C THR E 373 -32.83 -25.23 -29.11
N PHE E 374 -32.31 -25.65 -27.97
CA PHE E 374 -31.55 -24.77 -27.10
C PHE E 374 -30.52 -25.66 -26.39
N LEU E 375 -29.31 -25.16 -26.21
CA LEU E 375 -28.21 -25.97 -25.66
C LEU E 375 -28.14 -27.35 -26.35
N LYS E 376 -28.43 -27.37 -27.66
CA LYS E 376 -28.42 -28.57 -28.52
C LYS E 376 -29.58 -29.56 -28.24
N ARG E 377 -30.44 -29.21 -27.29
CA ARG E 377 -31.55 -30.07 -26.86
C ARG E 377 -32.90 -29.59 -27.40
N TYR E 378 -33.68 -30.51 -27.94
CA TYR E 378 -35.04 -30.24 -28.34
C TYR E 378 -35.93 -30.18 -27.11
N PHE E 379 -37.17 -29.74 -27.31
CA PHE E 379 -38.20 -29.72 -26.27
C PHE E 379 -39.33 -30.73 -26.52
N ARG E 380 -39.49 -31.74 -25.66
CA ARG E 380 -40.63 -32.67 -25.78
C ARG E 380 -41.34 -32.82 -24.45
N ALA E 381 -42.65 -32.66 -24.43
CA ALA E 381 -43.37 -32.83 -23.19
C ALA E 381 -43.55 -34.31 -22.94
N ASP E 382 -43.54 -34.69 -21.66
CA ASP E 382 -43.86 -36.05 -21.29
C ASP E 382 -45.22 -36.43 -21.82
N GLU E 383 -45.34 -37.67 -22.27
CA GLU E 383 -46.63 -38.16 -22.77
C GLU E 383 -47.56 -38.42 -21.59
N GLN E 384 -46.98 -38.57 -20.40
CA GLN E 384 -47.71 -38.94 -19.19
C GLN E 384 -47.99 -37.75 -18.27
N TYR E 385 -47.01 -36.85 -18.17
CA TYR E 385 -47.19 -35.60 -17.43
C TYR E 385 -46.84 -34.44 -18.34
N PRO E 386 -47.84 -33.89 -19.05
CA PRO E 386 -47.55 -32.98 -20.16
C PRO E 386 -46.95 -31.62 -19.77
N PHE E 387 -46.86 -31.33 -18.48
CA PHE E 387 -46.28 -30.07 -18.03
C PHE E 387 -44.78 -30.19 -17.73
N LEU E 388 -44.29 -31.43 -17.72
CA LEU E 388 -42.87 -31.72 -17.63
C LEU E 388 -42.36 -31.92 -19.05
N VAL E 389 -41.26 -31.23 -19.37
CA VAL E 389 -40.70 -31.23 -20.71
C VAL E 389 -39.33 -31.91 -20.69
N HIS E 390 -39.04 -32.69 -21.74
CA HIS E 390 -37.78 -33.42 -21.83
C HIS E 390 -36.78 -32.57 -22.61
N PRO E 391 -35.54 -32.46 -22.08
CA PRO E 391 -34.49 -31.90 -22.92
C PRO E 391 -34.05 -33.01 -23.86
N VAL E 392 -34.23 -32.85 -25.17
CA VAL E 392 -33.95 -34.00 -26.04
C VAL E 392 -32.72 -33.81 -26.94
N MET E 393 -31.58 -34.29 -26.45
CA MET E 393 -30.38 -34.35 -27.27
C MET E 393 -30.53 -35.40 -28.36
N PRO E 394 -30.36 -35.01 -29.64
CA PRO E 394 -30.46 -35.97 -30.74
C PRO E 394 -29.51 -37.16 -30.58
N MET E 395 -30.02 -38.36 -30.87
CA MET E 395 -29.22 -39.57 -30.72
C MET E 395 -28.02 -39.55 -31.65
N LYS E 396 -28.10 -38.77 -32.72
CA LYS E 396 -26.97 -38.68 -33.67
C LYS E 396 -25.79 -37.89 -33.05
N ASP E 397 -26.08 -36.97 -32.13
CA ASP E 397 -25.00 -36.21 -31.52
C ASP E 397 -24.36 -36.99 -30.37
N ILE E 398 -25.17 -37.83 -29.74
CA ILE E 398 -24.68 -38.76 -28.73
C ILE E 398 -23.80 -39.84 -29.40
N HIS E 399 -24.27 -40.33 -30.54
CA HIS E 399 -23.46 -41.23 -31.36
C HIS E 399 -22.05 -40.64 -31.64
N GLU E 400 -21.96 -39.39 -32.10
CA GLU E 400 -20.65 -38.77 -32.37
C GLU E 400 -19.69 -38.93 -31.18
N SER E 401 -20.16 -38.58 -29.98
CA SER E 401 -19.36 -38.67 -28.77
C SER E 401 -18.83 -40.08 -28.49
N ILE E 402 -19.70 -41.07 -28.61
CA ILE E 402 -19.36 -42.41 -28.12
C ILE E 402 -18.31 -43.10 -28.99
N ARG E 403 -18.23 -42.70 -30.25
CA ARG E 403 -17.30 -43.31 -31.20
C ARG E 403 -15.81 -42.96 -30.93
N TRP E 404 -15.57 -42.02 -30.01
CA TRP E 404 -14.19 -41.63 -29.68
C TRP E 404 -13.91 -41.58 -28.18
N THR E 405 -12.63 -41.54 -27.84
CA THR E 405 -12.20 -41.35 -26.45
C THR E 405 -10.84 -40.65 -26.39
N LYS E 406 -10.57 -39.96 -25.30
CA LYS E 406 -9.25 -39.40 -25.07
C LYS E 406 -8.48 -40.33 -24.16
N ASP E 407 -9.18 -41.32 -23.62
CA ASP E 407 -8.59 -42.31 -22.71
C ASP E 407 -9.66 -43.37 -22.38
N PRO E 408 -9.46 -44.61 -22.85
CA PRO E 408 -10.46 -45.70 -22.68
C PRO E 408 -10.62 -46.13 -21.22
N LYS E 409 -9.71 -45.71 -20.35
CA LYS E 409 -9.83 -45.90 -18.91
C LYS E 409 -11.13 -45.29 -18.39
N ASN E 410 -11.70 -44.38 -19.16
CA ASN E 410 -12.90 -43.66 -18.72
C ASN E 410 -14.16 -44.13 -19.41
N THR E 411 -14.04 -45.19 -20.20
CA THR E 411 -15.15 -45.63 -21.05
C THR E 411 -16.44 -45.85 -20.27
N GLN E 412 -16.32 -46.20 -19.00
CA GLN E 412 -17.51 -46.47 -18.19
C GLN E 412 -18.24 -45.17 -17.85
N ASP E 413 -17.49 -44.24 -17.27
CA ASP E 413 -18.01 -42.94 -16.93
C ASP E 413 -18.61 -42.27 -18.18
N HIS E 414 -17.85 -42.31 -19.27
CA HIS E 414 -18.26 -41.73 -20.55
C HIS E 414 -19.63 -42.26 -21.00
N VAL E 415 -19.73 -43.58 -21.13
CA VAL E 415 -20.97 -44.17 -21.61
C VAL E 415 -22.12 -43.90 -20.63
N ARG E 416 -21.89 -44.01 -19.32
CA ARG E 416 -22.92 -43.60 -18.32
C ARG E 416 -23.40 -42.16 -18.50
N SER E 417 -22.47 -41.23 -18.67
CA SER E 417 -22.84 -39.86 -18.87
C SER E 417 -23.68 -39.72 -20.14
N LEU E 418 -23.29 -40.43 -21.18
CA LEU E 418 -24.05 -40.40 -22.41
C LEU E 418 -25.48 -40.92 -22.20
N CYS E 419 -25.63 -41.96 -21.37
CA CYS E 419 -26.94 -42.57 -21.12
C CYS E 419 -27.89 -41.52 -20.52
N LEU E 420 -27.42 -40.77 -19.53
CA LEU E 420 -28.20 -39.67 -18.96
C LEU E 420 -28.55 -38.57 -19.97
N LEU E 421 -28.01 -38.63 -21.18
CA LEU E 421 -28.49 -37.72 -22.20
C LEU E 421 -29.52 -38.42 -23.09
N ALA E 422 -29.24 -39.67 -23.43
CA ALA E 422 -29.97 -40.39 -24.47
C ALA E 422 -31.41 -40.77 -24.10
N TRP E 423 -31.66 -40.99 -22.81
CA TRP E 423 -32.92 -41.60 -22.39
C TRP E 423 -34.10 -40.68 -22.62
N HIS E 424 -33.84 -39.37 -22.63
CA HIS E 424 -34.88 -38.40 -22.96
C HIS E 424 -35.39 -38.56 -24.39
N ASN E 425 -34.74 -39.38 -25.20
CA ASN E 425 -35.27 -39.72 -26.52
C ASN E 425 -36.43 -40.74 -26.43
N GLY E 426 -36.63 -41.35 -25.26
CA GLY E 426 -37.66 -42.37 -25.10
C GLY E 426 -37.14 -43.78 -24.83
N GLU E 427 -38.01 -44.69 -24.39
CA GLU E 427 -37.57 -46.03 -24.04
C GLU E 427 -37.12 -46.83 -25.26
N HIS E 428 -37.82 -46.68 -26.39
CA HIS E 428 -37.42 -47.38 -27.60
C HIS E 428 -36.00 -47.05 -27.96
N GLU E 429 -35.75 -45.77 -28.16
CA GLU E 429 -34.46 -45.27 -28.62
C GLU E 429 -33.37 -45.62 -27.61
N TYR E 430 -33.69 -45.49 -26.33
CA TYR E 430 -32.70 -45.76 -25.30
C TYR E 430 -32.31 -47.23 -25.30
N GLU E 431 -33.26 -48.14 -25.52
CA GLU E 431 -32.92 -49.55 -25.46
C GLU E 431 -32.18 -49.99 -26.72
N GLU E 432 -32.55 -49.41 -27.86
CA GLU E 432 -31.79 -49.60 -29.09
C GLU E 432 -30.33 -49.12 -28.90
N PHE E 433 -30.17 -48.08 -28.09
CA PHE E 433 -28.88 -47.50 -27.79
C PHE E 433 -28.13 -48.46 -26.87
N ILE E 434 -28.82 -48.89 -25.82
CA ILE E 434 -28.26 -49.85 -24.89
C ILE E 434 -27.92 -51.15 -25.59
N ARG E 435 -28.68 -51.51 -26.62
CA ARG E 435 -28.44 -52.73 -27.38
C ARG E 435 -27.16 -52.62 -28.21
N LYS E 436 -27.07 -51.56 -28.99
CA LYS E 436 -25.89 -51.34 -29.82
C LYS E 436 -24.61 -51.29 -28.94
N ILE E 437 -24.73 -50.64 -27.77
CA ILE E 437 -23.66 -50.64 -26.79
C ILE E 437 -23.30 -52.06 -26.33
N ARG E 438 -24.32 -52.89 -26.13
CA ARG E 438 -24.14 -54.26 -25.66
C ARG E 438 -23.61 -55.18 -26.77
N SER E 439 -23.80 -54.77 -28.01
CA SER E 439 -23.41 -55.56 -29.18
C SER E 439 -21.92 -55.67 -29.39
N VAL E 440 -21.16 -55.37 -28.33
CA VAL E 440 -19.71 -55.29 -28.43
C VAL E 440 -19.11 -55.70 -27.08
N PRO E 441 -18.11 -56.60 -27.10
CA PRO E 441 -17.56 -57.27 -25.91
C PRO E 441 -17.36 -56.35 -24.70
N VAL E 442 -16.79 -55.17 -24.93
CA VAL E 442 -16.53 -54.21 -23.85
C VAL E 442 -17.85 -53.62 -23.32
N GLY E 443 -18.79 -53.39 -24.21
CA GLY E 443 -20.11 -52.91 -23.83
C GLY E 443 -20.80 -53.82 -22.85
N ARG E 444 -20.51 -55.12 -22.98
CA ARG E 444 -21.09 -56.11 -22.09
C ARG E 444 -20.41 -56.10 -20.72
N CYS E 445 -19.44 -55.19 -20.54
CA CYS E 445 -18.67 -55.14 -19.31
C CYS E 445 -18.97 -53.91 -18.46
N LEU E 446 -19.93 -53.12 -18.92
CA LEU E 446 -20.27 -51.86 -18.26
C LEU E 446 -21.54 -51.96 -17.46
N THR E 447 -21.54 -51.26 -16.34
CA THR E 447 -22.75 -50.96 -15.61
C THR E 447 -23.54 -49.78 -16.24
N LEU E 448 -24.62 -50.09 -16.96
CA LEU E 448 -25.49 -49.08 -17.54
C LEU E 448 -26.77 -48.91 -16.73
N PRO E 449 -27.25 -47.66 -16.58
CA PRO E 449 -28.47 -47.42 -15.79
C PRO E 449 -29.73 -47.92 -16.50
N ALA E 450 -30.70 -48.46 -15.76
CA ALA E 450 -31.96 -48.86 -16.37
C ALA E 450 -32.82 -47.64 -16.68
N PHE E 451 -33.40 -47.59 -17.88
CA PHE E 451 -34.33 -46.51 -18.28
C PHE E 451 -35.27 -46.16 -17.15
N SER E 452 -36.01 -47.16 -16.69
CA SER E 452 -36.99 -47.01 -15.63
C SER E 452 -36.43 -46.27 -14.43
N THR E 453 -35.16 -46.50 -14.12
CA THR E 453 -34.50 -45.79 -13.02
C THR E 453 -34.22 -44.34 -13.38
N LEU E 454 -33.88 -44.11 -14.65
CA LEU E 454 -33.64 -42.76 -15.10
C LEU E 454 -34.97 -42.00 -15.01
N ARG E 455 -35.99 -42.50 -15.71
CA ARG E 455 -37.31 -41.88 -15.69
C ARG E 455 -37.81 -41.59 -14.27
N ARG E 456 -37.60 -42.54 -13.37
CA ARG E 456 -38.06 -42.39 -12.00
C ARG E 456 -37.36 -41.24 -11.28
N LYS E 457 -36.04 -41.23 -11.30
CA LYS E 457 -35.27 -40.17 -10.64
C LYS E 457 -35.65 -38.81 -11.18
N TRP E 458 -35.94 -38.76 -12.48
CA TRP E 458 -36.30 -37.52 -13.14
C TRP E 458 -37.61 -36.98 -12.57
N LEU E 459 -38.68 -37.79 -12.67
CA LEU E 459 -39.97 -37.43 -12.07
C LEU E 459 -39.81 -37.05 -10.59
N ASP E 460 -38.93 -37.76 -9.90
CA ASP E 460 -38.66 -37.54 -8.49
C ASP E 460 -38.06 -36.16 -8.24
N SER E 461 -37.42 -35.59 -9.27
CA SER E 461 -36.73 -34.29 -9.15
C SER E 461 -37.73 -33.16 -8.86
N PHE E 462 -38.80 -33.16 -9.64
CA PHE E 462 -39.92 -32.27 -9.42
C PHE E 462 -40.68 -32.68 -8.15
N GLY E 463 -40.10 -32.37 -7.00
CA GLY E 463 -40.66 -32.70 -5.70
C GLY E 463 -39.93 -32.08 -4.51
N GLY I 1 3.75 4.79 -37.90
CA GLY I 1 2.59 5.37 -37.24
C GLY I 1 1.29 5.20 -38.01
N GLU I 2 0.28 4.67 -37.33
CA GLU I 2 -1.00 4.40 -37.97
C GLU I 2 -2.14 4.52 -36.97
N ILE I 3 -3.23 5.15 -37.43
CA ILE I 3 -4.46 5.23 -36.64
C ILE I 3 -5.25 3.96 -36.85
N GLU I 4 -5.37 3.15 -35.81
CA GLU I 4 -6.03 1.85 -35.94
C GLU I 4 -7.54 1.93 -35.88
N PHE I 5 -8.03 2.78 -34.98
CA PHE I 5 -9.43 2.81 -34.62
C PHE I 5 -9.89 4.21 -34.28
N ILE I 6 -11.08 4.56 -34.73
CA ILE I 6 -11.71 5.80 -34.31
C ILE I 6 -13.07 5.44 -33.76
N GLU I 7 -13.42 6.05 -32.64
CA GLU I 7 -14.75 5.88 -32.06
C GLU I 7 -15.19 7.22 -31.52
N SER I 8 -16.49 7.36 -31.31
CA SER I 8 -17.03 8.53 -30.64
C SER I 8 -16.54 8.58 -29.19
N SER I 9 -16.11 9.75 -28.72
CA SER I 9 -15.66 9.81 -27.33
C SER I 9 -16.79 9.49 -26.35
N LYS I 10 -18.03 9.91 -26.64
CA LYS I 10 -19.18 9.57 -25.80
C LYS I 10 -19.27 8.06 -25.59
N ASP I 11 -19.11 7.34 -26.69
CA ASP I 11 -19.07 5.89 -26.67
C ASP I 11 -18.08 5.36 -25.65
N ALA I 12 -16.98 6.08 -25.45
CA ALA I 12 -15.90 5.57 -24.61
C ALA I 12 -15.82 6.31 -23.29
N GLY I 13 -16.89 7.01 -22.93
CA GLY I 13 -16.94 7.70 -21.65
C GLY I 13 -16.06 8.94 -21.58
N PHE I 14 -15.77 9.54 -22.73
CA PHE I 14 -14.98 10.78 -22.78
C PHE I 14 -15.77 12.04 -23.17
N PRO I 15 -15.55 13.13 -22.43
CA PRO I 15 -16.13 14.43 -22.74
C PRO I 15 -15.59 14.98 -24.07
N VAL I 16 -16.35 15.87 -24.72
CA VAL I 16 -15.87 16.56 -25.92
C VAL I 16 -14.85 17.60 -25.51
N ILE I 17 -13.75 17.70 -26.25
CA ILE I 17 -12.67 18.60 -25.92
C ILE I 17 -12.77 19.92 -26.70
N ASN I 18 -12.72 21.03 -25.96
CA ASN I 18 -12.60 22.37 -26.56
C ASN I 18 -11.22 22.54 -27.20
N THR I 19 -11.18 22.52 -28.52
CA THR I 19 -9.93 22.73 -29.23
C THR I 19 -10.00 24.08 -29.95
N PRO I 20 -9.16 25.04 -29.52
CA PRO I 20 -9.11 26.38 -30.10
C PRO I 20 -9.02 26.41 -31.62
N SER I 21 -9.63 27.40 -32.28
CA SER I 21 -9.54 27.54 -33.72
C SER I 21 -9.12 28.95 -34.17
N LYS I 22 -8.86 29.84 -33.20
CA LYS I 22 -8.52 31.23 -33.52
C LYS I 22 -7.08 31.48 -33.13
N THR I 23 -6.26 31.86 -34.10
CA THR I 23 -4.83 32.07 -33.85
C THR I 23 -4.59 33.24 -32.90
N LYS I 24 -3.47 33.22 -32.22
CA LYS I 24 -3.09 34.35 -31.39
C LYS I 24 -2.06 35.27 -32.07
N LEU I 25 -1.69 34.93 -33.30
CA LEU I 25 -0.69 35.68 -34.05
C LEU I 25 -1.32 36.81 -34.83
N GLU I 26 -0.86 38.03 -34.54
CA GLU I 26 -1.21 39.23 -35.32
C GLU I 26 0.04 39.74 -36.04
N PRO I 27 -0.15 40.35 -37.21
CA PRO I 27 0.95 41.08 -37.82
C PRO I 27 1.49 42.16 -36.90
N SER I 28 2.81 42.23 -36.79
CA SER I 28 3.46 43.14 -35.86
C SER I 28 3.86 44.41 -36.59
N VAL I 29 4.34 45.39 -35.84
CA VAL I 29 4.75 46.66 -36.45
C VAL I 29 5.86 46.48 -37.49
N PHE I 30 6.60 45.37 -37.42
CA PHE I 30 7.66 45.14 -38.39
C PHE I 30 7.25 44.26 -39.55
N HIS I 31 5.96 43.93 -39.60
CA HIS I 31 5.42 43.04 -40.63
C HIS I 31 5.75 43.55 -42.04
N GLN I 32 5.87 44.87 -42.16
CA GLN I 32 6.03 45.48 -43.47
C GLN I 32 7.49 45.79 -43.78
N VAL I 33 8.27 46.06 -42.75
CA VAL I 33 9.68 46.38 -42.94
C VAL I 33 10.43 45.20 -43.55
N PHE I 34 10.12 44.00 -43.05
CA PHE I 34 10.79 42.80 -43.50
C PHE I 34 9.91 41.96 -44.42
N GLU I 35 10.54 41.10 -45.22
CA GLU I 35 9.78 40.18 -46.06
C GLU I 35 9.62 38.82 -45.37
N GLY I 36 8.51 38.14 -45.65
CA GLY I 36 8.24 36.84 -45.05
C GLY I 36 7.28 36.05 -45.91
N ASN I 37 7.40 34.73 -45.87
CA ASN I 37 6.47 33.88 -46.61
C ASN I 37 5.52 33.07 -45.71
N LYS I 38 5.73 33.14 -44.40
CA LYS I 38 4.90 32.41 -43.46
C LYS I 38 3.72 33.24 -42.94
N GLU I 39 2.60 32.56 -42.74
CA GLU I 39 1.42 33.11 -42.05
C GLU I 39 1.06 32.17 -40.91
N PRO I 40 0.13 32.58 -40.03
CA PRO I 40 -0.24 31.60 -38.99
C PRO I 40 -0.88 30.33 -39.56
N ALA I 41 -0.55 29.20 -38.95
CA ALA I 41 -1.04 27.90 -39.41
C ALA I 41 -2.55 27.86 -39.36
N VAL I 42 -3.13 27.18 -40.34
CA VAL I 42 -4.57 26.91 -40.39
C VAL I 42 -5.01 26.16 -39.12
N LEU I 43 -6.11 26.57 -38.50
CA LEU I 43 -6.56 25.94 -37.26
C LEU I 43 -8.00 25.40 -37.34
N ARG I 44 -8.62 25.56 -38.51
CA ARG I 44 -10.00 25.12 -38.71
C ARG I 44 -10.29 24.88 -40.19
N SER I 45 -11.42 24.24 -40.45
CA SER I 45 -11.75 23.80 -41.79
C SER I 45 -12.25 24.92 -42.68
N GLY I 46 -12.74 26.00 -42.08
CA GLY I 46 -13.27 27.12 -42.84
C GLY I 46 -12.27 28.20 -43.23
N ASP I 47 -10.99 27.94 -43.01
CA ASP I 47 -9.96 28.91 -43.32
C ASP I 47 -9.93 29.17 -44.81
N PRO I 48 -10.15 30.44 -45.20
CA PRO I 48 -10.25 30.88 -46.60
C PRO I 48 -9.04 30.47 -47.44
N ARG I 49 -7.91 30.24 -46.79
CA ARG I 49 -6.67 29.91 -47.50
C ARG I 49 -6.55 28.43 -47.77
N LEU I 50 -7.46 27.62 -47.22
CA LEU I 50 -7.44 26.17 -47.45
C LEU I 50 -7.71 25.77 -48.90
N LYS I 51 -6.74 25.07 -49.49
CA LYS I 51 -6.89 24.52 -50.84
C LYS I 51 -6.96 23.00 -50.81
N ALA I 52 -7.13 22.43 -49.62
CA ALA I 52 -7.18 20.98 -49.45
C ALA I 52 -7.95 20.63 -48.18
N ASN I 53 -8.26 19.35 -47.99
CA ASN I 53 -9.02 18.97 -46.81
C ASN I 53 -8.18 19.11 -45.55
N PHE I 54 -8.66 19.94 -44.64
CA PHE I 54 -7.93 20.28 -43.43
C PHE I 54 -7.74 19.04 -42.56
N GLU I 55 -8.83 18.45 -42.09
CA GLU I 55 -8.72 17.31 -41.19
C GLU I 55 -8.03 16.14 -41.86
N GLU I 56 -8.19 16.00 -43.18
CA GLU I 56 -7.43 14.99 -43.91
C GLU I 56 -5.93 15.27 -43.79
N ALA I 57 -5.57 16.55 -43.89
CA ALA I 57 -4.17 16.95 -44.00
C ALA I 57 -3.42 16.81 -42.68
N ILE I 58 -4.03 17.28 -41.58
CA ILE I 58 -3.37 17.28 -40.28
C ILE I 58 -3.06 15.85 -39.82
N PHE I 59 -3.90 14.89 -40.25
CA PHE I 59 -3.72 13.51 -39.85
C PHE I 59 -2.93 12.69 -40.87
N SER I 60 -2.78 13.21 -42.08
CA SER I 60 -2.01 12.54 -43.13
C SER I 60 -0.58 12.19 -42.74
N LYS I 61 -0.10 12.75 -41.63
CA LYS I 61 1.26 12.47 -41.18
C LYS I 61 1.46 11.00 -40.83
N TYR I 62 0.38 10.32 -40.47
CA TYR I 62 0.45 8.91 -40.09
C TYR I 62 0.56 8.04 -41.33
N ILE I 63 1.77 7.99 -41.92
CA ILE I 63 1.95 7.36 -43.24
C ILE I 63 1.58 5.88 -43.28
N GLY I 64 1.64 5.24 -42.12
CA GLY I 64 1.43 3.82 -42.00
C GLY I 64 2.57 3.23 -41.21
N ASN I 65 2.57 1.92 -41.02
CA ASN I 65 3.68 1.21 -40.41
C ASN I 65 4.25 0.16 -41.34
N VAL I 66 5.41 -0.37 -40.97
CA VAL I 66 5.95 -1.53 -41.67
C VAL I 66 6.15 -2.61 -40.64
N ASN I 67 5.85 -3.82 -41.04
CA ASN I 67 5.93 -4.92 -40.12
C ASN I 67 7.24 -5.65 -40.39
N THR I 68 8.19 -5.43 -39.49
CA THR I 68 9.48 -6.08 -39.56
C THR I 68 9.89 -6.43 -38.14
N HIS I 69 10.72 -7.44 -38.01
CA HIS I 69 11.27 -7.83 -36.73
C HIS I 69 12.56 -7.06 -36.46
N VAL I 70 12.97 -7.01 -35.19
CA VAL I 70 14.25 -6.45 -34.84
C VAL I 70 15.33 -7.30 -35.52
N ASP I 71 15.85 -6.84 -36.66
CA ASP I 71 16.81 -7.66 -37.42
C ASP I 71 18.26 -7.55 -36.90
N GLU I 72 19.16 -8.27 -37.56
CA GLU I 72 20.52 -8.37 -37.06
C GLU I 72 21.24 -7.03 -37.06
N TYR I 73 20.84 -6.14 -37.96
CA TYR I 73 21.45 -4.83 -38.00
C TYR I 73 21.01 -4.01 -36.79
N MET I 74 19.71 -3.92 -36.55
CA MET I 74 19.15 -3.24 -35.37
C MET I 74 19.77 -3.73 -34.09
N LEU I 75 19.85 -5.05 -33.98
CA LEU I 75 20.36 -5.66 -32.78
C LEU I 75 21.79 -5.19 -32.54
N GLU I 76 22.58 -5.13 -33.61
CA GLU I 76 23.97 -4.72 -33.49
C GLU I 76 24.01 -3.27 -33.13
N ALA I 77 23.16 -2.52 -33.83
CA ALA I 77 22.97 -1.10 -33.60
C ALA I 77 22.71 -0.84 -32.15
N VAL I 78 21.84 -1.65 -31.56
CA VAL I 78 21.47 -1.40 -30.18
C VAL I 78 22.63 -1.65 -29.26
N ASP I 79 23.43 -2.67 -29.55
CA ASP I 79 24.49 -3.04 -28.65
C ASP I 79 25.59 -1.99 -28.67
N HIS I 80 25.81 -1.40 -29.83
CA HIS I 80 26.83 -0.38 -29.96
C HIS I 80 26.44 0.88 -29.19
N TYR I 81 25.24 1.39 -29.45
CA TYR I 81 24.75 2.59 -28.76
C TYR I 81 24.64 2.35 -27.25
N ALA I 82 24.30 1.12 -26.88
CA ALA I 82 24.15 0.81 -25.47
C ALA I 82 25.51 0.86 -24.77
N GLY I 83 26.55 0.45 -25.48
CA GLY I 83 27.87 0.33 -24.89
C GLY I 83 28.41 1.69 -24.55
N GLN I 84 28.07 2.68 -25.39
CA GLN I 84 28.39 4.07 -25.12
C GLN I 84 27.66 4.57 -23.86
N LEU I 85 26.32 4.45 -23.85
CA LEU I 85 25.50 4.98 -22.76
C LEU I 85 25.94 4.37 -21.43
N ALA I 86 26.49 3.17 -21.49
CA ALA I 86 26.88 2.46 -20.28
C ALA I 86 28.02 3.19 -19.59
N THR I 87 28.78 3.97 -20.33
CA THR I 87 29.90 4.72 -19.75
C THR I 87 29.41 5.83 -18.82
N LEU I 88 28.14 6.20 -18.96
CA LEU I 88 27.59 7.34 -18.22
C LEU I 88 27.04 6.98 -16.85
N ASP I 89 26.73 5.70 -16.67
CA ASP I 89 26.19 5.17 -15.41
C ASP I 89 24.81 5.75 -15.11
N ILE I 90 23.93 5.66 -16.10
CA ILE I 90 22.55 6.09 -15.96
C ILE I 90 21.82 5.34 -14.83
N SER I 91 21.36 6.03 -13.80
CA SER I 91 20.61 5.36 -12.75
C SER I 91 19.24 4.95 -13.23
N THR I 92 18.89 3.69 -13.01
CA THR I 92 17.56 3.22 -13.37
C THR I 92 16.63 3.34 -12.18
N GLU I 93 17.17 3.77 -11.04
CA GLU I 93 16.35 4.04 -9.85
C GLU I 93 15.37 5.17 -10.12
N PRO I 94 14.12 5.02 -9.65
CA PRO I 94 13.11 6.05 -9.92
C PRO I 94 13.48 7.36 -9.24
N MET I 95 13.30 8.50 -9.92
CA MET I 95 13.66 9.78 -9.34
C MET I 95 12.68 10.14 -8.21
N LYS I 96 13.25 10.65 -7.11
CA LYS I 96 12.48 11.18 -5.97
C LYS I 96 11.42 12.14 -6.49
N LEU I 97 10.18 11.98 -6.01
CA LEU I 97 9.05 12.71 -6.59
C LEU I 97 9.22 14.23 -6.54
N GLU I 98 9.83 14.77 -5.49
CA GLU I 98 10.00 16.23 -5.42
C GLU I 98 10.92 16.71 -6.54
N ASP I 99 11.91 15.91 -6.90
CA ASP I 99 12.82 16.31 -7.96
C ASP I 99 12.15 16.09 -9.31
N ALA I 100 11.45 14.98 -9.46
CA ALA I 100 10.81 14.67 -10.74
C ALA I 100 9.78 15.73 -11.14
N VAL I 101 9.17 16.39 -10.15
CA VAL I 101 8.10 17.37 -10.40
C VAL I 101 8.60 18.83 -10.38
N TYR I 102 9.43 19.13 -9.40
CA TYR I 102 9.83 20.50 -9.11
C TYR I 102 11.29 20.78 -9.46
N GLY I 103 11.83 20.02 -10.41
CA GLY I 103 13.17 20.27 -10.92
C GLY I 103 14.33 19.82 -10.04
N THR I 104 15.43 19.47 -10.70
CA THR I 104 16.67 19.11 -10.03
C THR I 104 17.80 19.43 -11.01
N GLU I 105 19.06 19.37 -10.57
CA GLU I 105 20.17 19.62 -11.50
C GLU I 105 20.06 18.65 -12.68
N GLY I 106 19.93 19.19 -13.89
CA GLY I 106 19.81 18.37 -15.08
C GLY I 106 18.38 18.11 -15.59
N LEU I 107 17.39 18.53 -14.81
CA LEU I 107 16.01 18.33 -15.21
C LEU I 107 15.08 19.38 -14.64
N GLU I 108 14.65 20.30 -15.51
CA GLU I 108 13.80 21.40 -15.07
C GLU I 108 12.44 20.91 -14.66
N ALA I 109 11.77 21.66 -13.80
CA ALA I 109 10.45 21.31 -13.29
C ALA I 109 9.43 21.21 -14.41
N LEU I 110 8.26 20.66 -14.09
CA LEU I 110 7.18 20.63 -15.03
C LEU I 110 6.83 22.07 -15.45
N ASP I 111 6.34 22.25 -16.67
CA ASP I 111 5.84 23.53 -17.12
C ASP I 111 4.47 23.87 -16.51
N LEU I 112 4.44 24.76 -15.52
CA LEU I 112 3.21 25.06 -14.80
C LEU I 112 2.32 26.04 -15.54
N THR I 113 2.74 26.46 -16.72
CA THR I 113 1.94 27.39 -17.50
C THR I 113 1.14 26.67 -18.57
N THR I 114 1.30 25.36 -18.68
CA THR I 114 0.62 24.64 -19.75
C THR I 114 -0.52 23.79 -19.23
N SER I 115 -1.30 23.24 -20.14
CA SER I 115 -2.43 22.39 -19.77
C SER I 115 -2.04 21.25 -18.84
N ALA I 116 -3.01 20.74 -18.08
CA ALA I 116 -2.73 19.58 -17.24
C ALA I 116 -3.17 18.32 -17.95
N GLY I 117 -3.80 18.51 -19.11
CA GLY I 117 -4.27 17.43 -19.93
C GLY I 117 -5.48 16.73 -19.33
N TYR I 118 -5.80 15.56 -19.86
CA TYR I 118 -6.93 14.77 -19.36
C TYR I 118 -6.61 14.19 -18.00
N PRO I 119 -7.61 14.11 -17.10
CA PRO I 119 -9.00 14.55 -17.23
C PRO I 119 -9.19 16.04 -16.92
N TYR I 120 -8.19 16.65 -16.29
CA TYR I 120 -8.30 18.01 -15.75
C TYR I 120 -8.73 19.07 -16.75
N VAL I 121 -8.33 18.92 -18.00
CA VAL I 121 -8.69 19.89 -19.02
C VAL I 121 -10.21 19.98 -19.21
N ALA I 122 -10.94 18.93 -18.85
CA ALA I 122 -12.39 18.98 -18.99
C ALA I 122 -13.05 19.23 -17.64
N LEU I 123 -12.23 19.25 -16.59
CA LEU I 123 -12.71 19.58 -15.24
C LEU I 123 -12.48 21.03 -14.95
N GLY I 124 -11.87 21.72 -15.92
CA GLY I 124 -11.46 23.10 -15.76
C GLY I 124 -10.37 23.27 -14.70
N ILE I 125 -9.49 22.28 -14.60
CA ILE I 125 -8.41 22.30 -13.61
C ILE I 125 -7.03 22.54 -14.24
N LYS I 126 -6.28 23.48 -13.68
CA LYS I 126 -4.98 23.86 -14.21
C LYS I 126 -3.85 23.24 -13.41
N LYS I 127 -2.68 23.10 -14.04
CA LYS I 127 -1.51 22.59 -13.35
C LYS I 127 -1.31 23.30 -12.00
N ARG I 128 -1.60 24.59 -11.97
CA ARG I 128 -1.35 25.37 -10.77
C ARG I 128 -2.37 25.15 -9.67
N ASP I 129 -3.53 24.59 -10.01
CA ASP I 129 -4.46 24.14 -8.97
C ASP I 129 -3.89 22.93 -8.19
N ILE I 130 -2.93 22.23 -8.82
CA ILE I 130 -2.36 21.02 -8.24
C ILE I 130 -0.91 21.20 -7.77
N LEU I 131 -0.16 22.09 -8.42
CA LEU I 131 1.25 22.27 -8.07
C LEU I 131 1.59 23.72 -7.77
N SER I 132 2.57 23.93 -6.90
CA SER I 132 3.19 25.24 -6.74
C SER I 132 4.69 25.10 -6.54
N LYS I 133 5.47 25.79 -7.38
CA LYS I 133 6.92 25.85 -7.21
C LYS I 133 7.29 26.51 -5.89
N LYS I 134 6.48 27.49 -5.49
CA LYS I 134 6.72 28.25 -4.26
C LYS I 134 6.61 27.37 -3.03
N THR I 135 5.69 26.41 -3.06
CA THR I 135 5.48 25.57 -1.89
C THR I 135 6.09 24.18 -2.04
N LYS I 136 6.24 23.74 -3.29
CA LYS I 136 6.71 22.39 -3.62
C LYS I 136 5.81 21.30 -3.01
N ASP I 137 4.50 21.56 -3.03
CA ASP I 137 3.52 20.65 -2.45
C ASP I 137 3.29 19.48 -3.38
N LEU I 138 3.22 18.29 -2.79
CA LEU I 138 2.93 17.06 -3.52
C LEU I 138 1.60 16.45 -3.03
N THR I 139 1.04 17.08 -2.00
CA THR I 139 -0.17 16.58 -1.36
C THR I 139 -1.32 16.36 -2.34
N LYS I 140 -1.71 17.42 -3.04
CA LYS I 140 -2.79 17.37 -4.02
C LYS I 140 -2.37 16.54 -5.25
N LEU I 141 -1.07 16.44 -5.49
CA LEU I 141 -0.59 15.70 -6.65
C LEU I 141 -0.89 14.20 -6.49
N LYS I 142 -0.32 13.57 -5.47
CA LYS I 142 -0.61 12.16 -5.14
C LYS I 142 -2.11 11.86 -5.14
N GLU I 143 -2.89 12.71 -4.48
CA GLU I 143 -4.34 12.63 -4.46
C GLU I 143 -4.92 12.45 -5.87
N CYS I 144 -4.59 13.39 -6.76
CA CYS I 144 -5.04 13.37 -8.16
C CYS I 144 -4.57 12.17 -8.98
N MET I 145 -3.35 11.72 -8.71
CA MET I 145 -2.82 10.55 -9.38
C MET I 145 -3.52 9.29 -8.94
N ASP I 146 -3.75 9.16 -7.63
CA ASP I 146 -4.53 8.05 -7.08
C ASP I 146 -5.91 7.98 -7.71
N LYS I 147 -6.53 9.14 -7.83
CA LYS I 147 -7.90 9.23 -8.29
C LYS I 147 -8.03 8.90 -9.77
N TYR I 148 -7.12 9.43 -10.58
CA TYR I 148 -7.24 9.35 -12.03
C TYR I 148 -6.27 8.37 -12.72
N GLY I 149 -5.23 7.97 -12.02
CA GLY I 149 -4.38 6.89 -12.50
C GLY I 149 -3.40 7.29 -13.59
N LEU I 150 -2.92 6.29 -14.32
CA LEU I 150 -1.98 6.53 -15.42
C LEU I 150 -2.50 6.05 -16.79
N ASN I 151 -1.64 6.15 -17.79
CA ASN I 151 -1.98 5.82 -19.16
C ASN I 151 -3.32 6.43 -19.56
N LEU I 152 -3.47 7.73 -19.29
CA LEU I 152 -4.65 8.52 -19.73
C LEU I 152 -4.55 8.91 -21.20
N PRO I 153 -5.68 9.19 -21.85
CA PRO I 153 -5.53 9.60 -23.25
C PRO I 153 -4.77 10.92 -23.38
N MET I 154 -4.08 11.06 -24.49
CA MET I 154 -3.42 12.32 -24.78
C MET I 154 -4.39 13.18 -25.53
N VAL I 155 -4.40 14.47 -25.24
CA VAL I 155 -5.33 15.38 -25.90
C VAL I 155 -4.66 16.03 -27.10
N THR I 156 -5.35 16.00 -28.23
CA THR I 156 -4.80 16.46 -29.49
C THR I 156 -5.27 17.88 -29.85
N TYR I 157 -4.30 18.79 -29.99
CA TYR I 157 -4.57 20.16 -30.43
C TYR I 157 -3.81 20.44 -31.70
N VAL I 158 -4.22 21.48 -32.41
CA VAL I 158 -3.45 22.00 -33.54
C VAL I 158 -2.49 23.09 -33.02
N LYS I 159 -1.27 23.16 -33.54
CA LYS I 159 -0.28 24.12 -33.02
C LYS I 159 -0.41 25.52 -33.64
N ASP I 160 -0.57 26.52 -32.79
CA ASP I 160 -0.55 27.92 -33.19
C ASP I 160 0.88 28.35 -33.47
N GLU I 161 1.20 28.54 -34.75
CA GLU I 161 2.57 28.83 -35.17
C GLU I 161 2.59 29.25 -36.63
N LEU I 162 3.71 29.81 -37.09
CA LEU I 162 3.80 30.17 -38.49
C LEU I 162 4.12 28.96 -39.36
N ARG I 163 3.52 28.92 -40.55
CA ARG I 163 3.75 27.87 -41.53
C ARG I 163 3.99 28.51 -42.88
N SER I 164 4.81 27.85 -43.71
CA SER I 164 5.01 28.28 -45.08
C SER I 164 3.68 28.38 -45.79
N ILE I 165 3.70 29.08 -46.92
CA ILE I 165 2.47 29.45 -47.58
C ILE I 165 1.83 28.22 -48.24
N GLU I 166 2.63 27.18 -48.45
CA GLU I 166 2.14 25.95 -49.07
C GLU I 166 1.55 25.03 -48.01
N LYS I 167 2.13 25.08 -46.81
CA LYS I 167 1.63 24.27 -45.70
C LYS I 167 0.34 24.85 -45.15
N VAL I 168 0.15 26.15 -45.34
CA VAL I 168 -1.10 26.77 -45.00
C VAL I 168 -2.13 26.38 -46.05
N ALA I 169 -1.71 26.45 -47.30
CA ALA I 169 -2.59 26.13 -48.43
C ALA I 169 -3.02 24.69 -48.42
N LYS I 170 -2.10 23.79 -48.06
CA LYS I 170 -2.38 22.36 -48.00
C LYS I 170 -2.92 21.90 -46.64
N GLY I 171 -3.12 22.83 -45.73
CA GLY I 171 -3.63 22.53 -44.41
C GLY I 171 -2.71 21.68 -43.55
N LYS I 172 -1.44 21.57 -43.91
CA LYS I 172 -0.51 20.78 -43.10
C LYS I 172 -0.10 21.48 -41.79
N SER I 173 -1.08 21.89 -41.00
CA SER I 173 -0.80 22.38 -39.65
C SER I 173 -0.25 21.22 -38.82
N ARG I 174 0.42 21.53 -37.72
CA ARG I 174 1.02 20.46 -36.92
C ARG I 174 0.22 20.17 -35.67
N LEU I 175 0.02 18.87 -35.42
CA LEU I 175 -0.66 18.39 -34.21
C LEU I 175 0.31 18.16 -33.09
N ILE I 176 -0.11 18.52 -31.88
CA ILE I 176 0.60 18.05 -30.69
C ILE I 176 -0.34 17.24 -29.83
N GLU I 177 0.23 16.47 -28.93
CA GLU I 177 -0.51 15.56 -28.08
C GLU I 177 -0.26 15.95 -26.64
N ALA I 178 -1.26 16.50 -25.97
CA ALA I 178 -1.11 16.93 -24.58
C ALA I 178 -1.07 15.72 -23.65
N SER I 179 0.06 15.55 -22.98
CA SER I 179 0.23 14.48 -22.00
C SER I 179 -0.39 14.88 -20.66
N SER I 180 -1.17 13.99 -20.07
CA SER I 180 -1.75 14.25 -18.77
C SER I 180 -0.65 14.52 -17.77
N LEU I 181 -0.90 15.43 -16.84
CA LEU I 181 0.04 15.68 -15.75
C LEU I 181 0.51 14.38 -15.10
N ASN I 182 -0.42 13.46 -14.91
CA ASN I 182 -0.15 12.19 -14.26
C ASN I 182 0.92 11.39 -14.98
N ASP I 183 0.75 11.27 -16.30
CA ASP I 183 1.70 10.53 -17.11
C ASP I 183 3.05 11.21 -17.20
N SER I 184 3.06 12.53 -17.39
CA SER I 184 4.31 13.28 -17.33
C SER I 184 5.03 13.06 -16.00
N VAL I 185 4.30 13.16 -14.90
CA VAL I 185 4.91 12.87 -13.62
C VAL I 185 5.43 11.43 -13.57
N ALA I 186 4.61 10.48 -13.96
CA ALA I 186 5.01 9.08 -13.83
C ALA I 186 6.23 8.79 -14.67
N MET I 187 6.26 9.36 -15.87
CA MET I 187 7.41 9.13 -16.73
C MET I 187 8.69 9.76 -16.22
N ARG I 188 8.57 10.96 -15.65
CA ARG I 188 9.73 11.67 -15.12
C ARG I 188 10.28 10.90 -13.92
N GLN I 189 9.38 10.41 -13.06
CA GLN I 189 9.77 9.51 -11.98
C GLN I 189 10.57 8.33 -12.50
N THR I 190 9.99 7.63 -13.47
CA THR I 190 10.59 6.43 -14.06
C THR I 190 11.89 6.73 -14.83
N PHE I 191 11.91 7.79 -15.65
CA PHE I 191 13.07 8.07 -16.50
C PHE I 191 13.83 9.37 -16.23
N GLY I 192 13.65 9.94 -15.03
CA GLY I 192 14.31 11.19 -14.69
C GLY I 192 15.81 11.18 -14.70
N ASN I 193 16.39 10.13 -14.15
CA ASN I 193 17.83 10.04 -14.09
C ASN I 193 18.42 9.87 -15.49
N LEU I 194 17.64 9.29 -16.40
CA LEU I 194 18.05 9.20 -17.80
C LEU I 194 18.03 10.57 -18.46
N TYR I 195 16.90 11.28 -18.29
CA TYR I 195 16.74 12.64 -18.80
C TYR I 195 17.87 13.51 -18.30
N LYS I 196 18.16 13.37 -17.01
CA LYS I 196 19.12 14.22 -16.33
C LYS I 196 20.51 13.98 -16.91
N THR I 197 20.89 12.71 -16.98
CA THR I 197 22.20 12.33 -17.47
C THR I 197 22.36 12.70 -18.94
N PHE I 198 21.28 12.61 -19.70
CA PHE I 198 21.32 13.07 -21.07
C PHE I 198 21.52 14.59 -21.12
N HIS I 199 20.69 15.31 -20.37
CA HIS I 199 20.76 16.78 -20.38
C HIS I 199 22.14 17.29 -19.96
N LEU I 200 22.73 16.70 -18.92
CA LEU I 200 24.03 17.12 -18.42
C LEU I 200 25.19 16.66 -19.28
N ASN I 201 24.91 15.82 -20.28
CA ASN I 201 25.98 15.25 -21.10
C ASN I 201 25.73 15.19 -22.61
N PRO I 202 25.38 16.34 -23.23
CA PRO I 202 25.18 16.35 -24.68
C PRO I 202 26.51 16.16 -25.40
N GLY I 203 26.51 15.51 -26.56
CA GLY I 203 27.74 15.18 -27.26
C GLY I 203 27.74 13.85 -28.00
N VAL I 204 28.91 13.29 -28.27
CA VAL I 204 28.98 12.13 -29.16
C VAL I 204 28.92 10.78 -28.43
N VAL I 205 28.89 10.86 -27.09
CA VAL I 205 28.68 9.67 -26.29
C VAL I 205 27.20 9.39 -26.20
N THR I 206 26.41 10.39 -25.77
CA THR I 206 24.96 10.27 -25.78
C THR I 206 24.41 10.32 -27.20
N GLY I 207 25.17 10.93 -28.10
CA GLY I 207 24.67 11.17 -29.45
C GLY I 207 23.51 12.13 -29.45
N SER I 208 23.42 12.95 -28.39
CA SER I 208 22.32 13.90 -28.26
C SER I 208 22.77 15.37 -28.03
N ALA I 209 22.08 16.31 -28.67
CA ALA I 209 22.33 17.75 -28.46
C ALA I 209 21.49 18.36 -27.36
N VAL I 210 20.59 17.55 -26.78
CA VAL I 210 19.68 18.04 -25.76
C VAL I 210 20.48 18.53 -24.56
N GLY I 211 20.29 19.78 -24.19
CA GLY I 211 20.99 20.34 -23.06
C GLY I 211 22.11 21.29 -23.46
N CYS I 212 22.39 21.36 -24.75
CA CYS I 212 23.44 22.25 -25.26
C CYS I 212 22.96 23.69 -25.40
N ASP I 213 23.92 24.61 -25.45
CA ASP I 213 23.72 26.00 -25.81
C ASP I 213 24.58 26.23 -27.05
N PRO I 214 23.92 26.35 -28.22
CA PRO I 214 24.58 26.51 -29.52
C PRO I 214 25.74 27.51 -29.52
N ASP I 215 25.66 28.50 -28.65
CA ASP I 215 26.70 29.51 -28.55
C ASP I 215 28.01 28.87 -28.13
N LEU I 216 27.96 28.16 -27.01
CA LEU I 216 29.18 27.53 -26.53
C LEU I 216 29.54 26.22 -27.28
N PHE I 217 28.55 25.59 -27.90
CA PHE I 217 28.63 24.18 -28.27
C PHE I 217 29.06 23.95 -29.72
N TRP I 218 28.76 24.92 -30.57
CA TRP I 218 29.14 24.86 -31.96
C TRP I 218 30.66 24.75 -32.10
N SER I 219 31.36 25.29 -31.12
CA SER I 219 32.82 25.24 -31.15
C SER I 219 33.29 23.82 -30.87
N LYS I 220 32.58 23.11 -29.98
CA LYS I 220 32.94 21.72 -29.65
C LYS I 220 32.56 20.72 -30.75
N ILE I 221 31.53 21.02 -31.53
CA ILE I 221 31.02 20.05 -32.52
C ILE I 221 32.04 19.63 -33.60
N PRO I 222 32.73 20.58 -34.25
CA PRO I 222 33.68 20.11 -35.28
C PRO I 222 34.85 19.30 -34.73
N VAL I 223 35.16 19.46 -33.45
CA VAL I 223 36.21 18.66 -32.84
C VAL I 223 35.73 17.22 -32.66
N MET I 224 34.49 17.08 -32.25
CA MET I 224 33.89 15.75 -32.09
C MET I 224 33.58 15.03 -33.42
N LEU I 225 33.11 15.74 -34.45
CA LEU I 225 32.84 15.12 -35.74
C LEU I 225 33.97 15.43 -36.72
N ASP I 226 35.13 14.81 -36.50
CA ASP I 226 36.34 15.11 -37.27
C ASP I 226 36.38 14.48 -38.67
N GLY I 227 35.50 13.52 -38.93
CA GLY I 227 35.47 12.84 -40.22
C GLY I 227 34.69 13.57 -41.31
N HIS I 228 34.31 12.80 -42.33
CA HIS I 228 33.43 13.28 -43.38
C HIS I 228 31.98 13.42 -42.90
N LEU I 229 31.33 14.54 -43.22
CA LEU I 229 29.99 14.80 -42.70
C LEU I 229 28.88 13.94 -43.30
N ILE I 230 27.96 13.55 -42.43
CA ILE I 230 26.72 12.87 -42.81
C ILE I 230 25.54 13.67 -42.27
N ALA I 231 24.62 14.03 -43.15
CA ALA I 231 23.40 14.72 -42.73
C ALA I 231 22.31 14.61 -43.76
N PHE I 232 21.11 14.32 -43.26
CA PHE I 232 19.92 14.27 -44.09
C PHE I 232 18.79 14.86 -43.28
N ASP I 233 17.63 14.98 -43.91
CA ASP I 233 16.42 15.39 -43.21
C ASP I 233 15.43 14.25 -43.17
N TYR I 234 14.51 14.32 -42.22
CA TYR I 234 13.41 13.39 -42.16
C TYR I 234 12.11 14.11 -42.51
N SER I 235 11.21 13.41 -43.20
CA SER I 235 9.84 13.87 -43.35
C SER I 235 8.96 13.19 -42.31
N GLY I 236 8.36 13.99 -41.44
CA GLY I 236 7.48 13.49 -40.41
C GLY I 236 8.04 12.29 -39.68
N TYR I 237 9.17 12.48 -39.02
CA TYR I 237 9.86 11.42 -38.28
C TYR I 237 8.96 10.77 -37.23
N ASP I 238 8.49 11.60 -36.30
CA ASP I 238 7.75 11.15 -35.12
C ASP I 238 6.59 10.22 -35.52
N ALA I 239 5.83 10.66 -36.50
CA ALA I 239 4.69 9.91 -36.99
C ALA I 239 5.08 8.73 -37.88
N SER I 240 6.33 8.67 -38.32
CA SER I 240 6.71 7.57 -39.20
C SER I 240 7.37 6.37 -38.47
N LEU I 241 7.74 6.56 -37.20
CA LEU I 241 8.37 5.49 -36.41
C LEU I 241 7.47 4.27 -36.18
N SER I 242 7.79 3.16 -36.84
CA SER I 242 7.05 1.90 -36.66
C SER I 242 7.30 1.29 -35.30
N PRO I 243 6.45 0.34 -34.90
CA PRO I 243 6.64 -0.27 -33.59
C PRO I 243 8.00 -0.89 -33.40
N VAL I 244 8.59 -1.35 -34.50
CA VAL I 244 9.84 -2.07 -34.37
C VAL I 244 10.95 -1.21 -33.77
N TRP I 245 10.96 0.09 -34.07
CA TRP I 245 11.98 0.99 -33.49
C TRP I 245 11.75 1.12 -31.98
N PHE I 246 10.48 1.07 -31.58
CA PHE I 246 10.11 1.04 -30.17
C PHE I 246 10.53 -0.28 -29.52
N ALA I 247 10.36 -1.38 -30.22
CA ALA I 247 10.94 -2.63 -29.71
C ALA I 247 12.46 -2.46 -29.50
N CYS I 248 13.10 -1.81 -30.48
CA CYS I 248 14.54 -1.53 -30.40
C CYS I 248 14.87 -0.69 -29.19
N LEU I 249 14.13 0.41 -29.00
CA LEU I 249 14.31 1.26 -27.82
C LEU I 249 14.11 0.55 -26.48
N LYS I 250 13.08 -0.29 -26.39
CA LYS I 250 12.88 -1.10 -25.20
C LYS I 250 14.08 -2.01 -24.97
N MET I 251 14.59 -2.62 -26.04
CA MET I 251 15.73 -3.53 -25.87
C MET I 251 16.96 -2.82 -25.32
N ILE I 252 17.16 -1.55 -25.71
CA ILE I 252 18.34 -0.84 -25.24
C ILE I 252 18.10 -0.35 -23.82
N LEU I 253 16.88 0.09 -23.55
CA LEU I 253 16.51 0.41 -22.17
C LEU I 253 16.80 -0.82 -21.29
N GLU I 254 16.35 -2.01 -21.73
CA GLU I 254 16.62 -3.22 -20.97
C GLU I 254 18.13 -3.40 -20.75
N LYS I 255 18.95 -3.20 -21.79
CA LYS I 255 20.41 -3.31 -21.59
C LYS I 255 20.90 -2.38 -20.49
N LEU I 256 20.28 -1.21 -20.37
CA LEU I 256 20.74 -0.21 -19.41
C LEU I 256 20.35 -0.56 -17.97
N GLY I 257 19.46 -1.53 -17.80
CA GLY I 257 19.14 -1.98 -16.46
C GLY I 257 17.67 -1.86 -16.15
N TYR I 258 16.91 -1.46 -17.14
CA TYR I 258 15.48 -1.26 -16.97
C TYR I 258 14.72 -2.59 -16.91
N THR I 259 13.82 -2.68 -15.94
CA THR I 259 12.91 -3.80 -15.76
C THR I 259 11.87 -3.84 -16.88
N HIS I 260 11.33 -5.01 -17.19
CA HIS I 260 10.18 -5.11 -18.09
C HIS I 260 9.02 -4.21 -17.64
N LYS I 261 8.95 -3.93 -16.35
CA LYS I 261 7.94 -3.05 -15.78
C LYS I 261 8.03 -1.63 -16.30
N GLU I 262 9.26 -1.15 -16.37
CA GLU I 262 9.55 0.24 -16.69
C GLU I 262 9.57 0.49 -18.20
N THR I 263 10.19 -0.42 -18.95
CA THR I 263 10.12 -0.38 -20.40
C THR I 263 8.70 -0.37 -20.95
N ASN I 264 7.73 -0.87 -20.19
CA ASN I 264 6.36 -0.92 -20.66
C ASN I 264 5.73 0.48 -20.85
N TYR I 265 6.28 1.52 -20.22
CA TYR I 265 5.82 2.88 -20.50
C TYR I 265 6.06 3.29 -21.95
N ILE I 266 7.01 2.62 -22.61
CA ILE I 266 7.30 2.94 -24.01
C ILE I 266 6.16 2.48 -24.85
N ASP I 267 5.47 1.42 -24.38
CA ASP I 267 4.27 0.91 -25.03
C ASP I 267 3.16 1.94 -25.11
N TYR I 268 3.07 2.79 -24.08
CA TYR I 268 2.07 3.85 -24.01
C TYR I 268 2.42 4.93 -25.02
N LEU I 269 3.67 4.96 -25.45
CA LEU I 269 4.05 5.92 -26.46
C LEU I 269 3.80 5.34 -27.83
N CYS I 270 4.20 4.09 -28.02
CA CYS I 270 4.15 3.48 -29.32
C CYS I 270 2.71 3.21 -29.71
N ASN I 271 1.98 2.67 -28.75
CA ASN I 271 0.60 2.28 -28.95
C ASN I 271 -0.31 3.23 -28.19
N SER I 272 -0.67 4.34 -28.82
CA SER I 272 -1.20 5.46 -28.05
C SER I 272 -2.66 5.81 -28.32
N HIS I 273 -3.09 6.77 -27.54
CA HIS I 273 -4.41 6.80 -26.98
C HIS I 273 -4.79 8.27 -26.97
N HIS I 274 -5.78 8.66 -27.76
CA HIS I 274 -5.97 10.08 -27.98
C HIS I 274 -7.41 10.57 -27.92
N LEU I 275 -7.55 11.86 -27.61
CA LEU I 275 -8.78 12.63 -27.77
C LEU I 275 -8.57 13.80 -28.74
N TYR I 276 -9.47 13.94 -29.70
CA TYR I 276 -9.48 15.10 -30.59
C TYR I 276 -10.91 15.53 -30.83
N ARG I 277 -11.35 16.58 -30.15
CA ARG I 277 -12.69 17.14 -30.34
C ARG I 277 -13.79 16.19 -29.87
N ASP I 278 -14.47 15.53 -30.80
CA ASP I 278 -15.52 14.60 -30.38
C ASP I 278 -15.11 13.13 -30.58
N LYS I 279 -13.81 12.88 -30.73
CA LYS I 279 -13.38 11.54 -31.06
C LYS I 279 -12.29 10.99 -30.14
N HIS I 280 -12.27 9.66 -30.06
CA HIS I 280 -11.27 8.94 -29.32
C HIS I 280 -10.66 7.99 -30.32
N TYR I 281 -9.34 8.01 -30.47
CA TYR I 281 -8.69 7.14 -31.46
C TYR I 281 -7.35 6.58 -31.00
N PHE I 282 -6.92 5.55 -31.72
CA PHE I 282 -5.79 4.73 -31.31
C PHE I 282 -4.70 4.72 -32.36
N VAL I 283 -3.48 5.07 -31.92
CA VAL I 283 -2.35 5.06 -32.83
C VAL I 283 -1.39 3.94 -32.47
N ARG I 284 -1.04 3.16 -33.46
CA ARG I 284 -0.01 2.15 -33.30
C ARG I 284 1.25 2.66 -33.99
N GLY I 285 2.34 2.72 -33.23
CA GLY I 285 3.56 3.31 -33.73
C GLY I 285 3.48 4.81 -33.70
N GLY I 286 4.55 5.48 -34.10
CA GLY I 286 4.63 6.92 -34.02
C GLY I 286 5.04 7.36 -32.63
N MET I 287 5.96 8.32 -32.58
CA MET I 287 6.27 8.97 -31.32
C MET I 287 5.28 10.10 -31.12
N PRO I 288 4.55 10.06 -30.02
CA PRO I 288 3.56 11.14 -29.83
C PRO I 288 4.25 12.41 -29.39
N SER I 289 4.24 13.43 -30.26
CA SER I 289 4.92 14.71 -30.00
C SER I 289 4.20 15.45 -28.89
N GLY I 290 4.80 15.49 -27.70
CA GLY I 290 4.16 16.15 -26.58
C GLY I 290 4.14 15.32 -25.33
N CYS I 291 4.47 14.05 -25.49
CA CYS I 291 4.64 13.16 -24.36
C CYS I 291 5.88 13.62 -23.59
N SER I 292 6.01 13.25 -22.32
CA SER I 292 7.29 13.45 -21.66
C SER I 292 8.30 12.46 -22.28
N GLY I 293 9.55 12.89 -22.41
CA GLY I 293 10.59 12.06 -22.96
C GLY I 293 10.74 12.16 -24.46
N THR I 294 9.79 12.83 -25.12
CA THR I 294 9.79 12.89 -26.58
C THR I 294 11.16 13.27 -27.18
N SER I 295 11.86 14.29 -26.67
CA SER I 295 13.17 14.60 -27.26
C SER I 295 14.24 13.52 -27.01
N ILE I 296 14.31 13.00 -25.78
CA ILE I 296 15.32 11.98 -25.47
C ILE I 296 15.07 10.68 -26.23
N PHE I 297 13.80 10.26 -26.33
CA PHE I 297 13.52 8.95 -26.94
C PHE I 297 13.59 9.01 -28.47
N ASN I 298 13.07 10.08 -29.05
CA ASN I 298 13.33 10.38 -30.46
C ASN I 298 14.84 10.36 -30.76
N SER I 299 15.65 10.86 -29.84
CA SER I 299 17.07 10.97 -30.10
C SER I 299 17.76 9.60 -29.99
N MET I 300 17.47 8.87 -28.91
CA MET I 300 17.98 7.53 -28.76
C MET I 300 17.60 6.69 -29.99
N ILE I 301 16.35 6.79 -30.43
CA ILE I 301 15.89 6.01 -31.58
C ILE I 301 16.66 6.40 -32.83
N ASN I 302 16.95 7.68 -32.98
CA ASN I 302 17.69 8.13 -34.14
C ASN I 302 19.09 7.53 -34.14
N ASN I 303 19.68 7.42 -32.95
CA ASN I 303 20.97 6.78 -32.83
C ASN I 303 20.90 5.32 -33.26
N ILE I 304 19.79 4.67 -32.97
CA ILE I 304 19.65 3.29 -33.35
C ILE I 304 19.41 3.22 -34.86
N ILE I 305 18.51 4.07 -35.33
CA ILE I 305 18.20 4.14 -36.75
C ILE I 305 19.44 4.30 -37.64
N ILE I 306 20.14 5.41 -37.50
CA ILE I 306 21.27 5.67 -38.39
C ILE I 306 22.33 4.55 -38.31
N ARG I 307 22.62 4.05 -37.12
CA ARG I 307 23.58 2.95 -36.97
C ARG I 307 23.10 1.72 -37.75
N THR I 308 21.80 1.49 -37.73
CA THR I 308 21.21 0.37 -38.43
C THR I 308 21.38 0.45 -39.94
N LEU I 309 20.94 1.57 -40.52
CA LEU I 309 21.08 1.84 -41.94
C LEU I 309 22.53 1.66 -42.41
N MET I 310 23.47 2.12 -41.57
CA MET I 310 24.88 2.00 -41.88
C MET I 310 25.32 0.56 -41.92
N LEU I 311 25.03 -0.16 -40.84
CA LEU I 311 25.37 -1.58 -40.77
C LEU I 311 24.72 -2.35 -41.89
N LYS I 312 23.54 -1.90 -42.33
CA LYS I 312 22.81 -2.65 -43.36
C LYS I 312 23.33 -2.35 -44.76
N VAL I 313 23.46 -1.07 -45.06
CA VAL I 313 23.88 -0.65 -46.39
C VAL I 313 25.36 -0.95 -46.61
N TYR I 314 26.21 -0.59 -45.66
CA TYR I 314 27.64 -0.85 -45.75
C TYR I 314 28.02 -1.99 -44.86
N LYS I 315 27.80 -3.21 -45.32
CA LYS I 315 28.11 -4.35 -44.48
C LYS I 315 29.61 -4.39 -44.23
N GLY I 316 30.00 -4.67 -42.99
CA GLY I 316 31.37 -4.47 -42.59
C GLY I 316 31.71 -2.99 -42.50
N ILE I 317 31.30 -2.37 -41.38
CA ILE I 317 31.55 -0.95 -41.14
C ILE I 317 31.93 -0.76 -39.68
N ASP I 318 32.84 0.15 -39.38
CA ASP I 318 33.32 0.21 -38.00
C ASP I 318 32.66 1.35 -37.24
N LEU I 319 31.64 1.02 -36.45
CA LEU I 319 30.90 2.07 -35.75
C LEU I 319 31.70 2.66 -34.61
N ASP I 320 32.85 2.06 -34.27
CA ASP I 320 33.71 2.68 -33.28
C ASP I 320 34.32 3.98 -33.80
N GLN I 321 34.14 4.24 -35.09
CA GLN I 321 34.66 5.45 -35.73
C GLN I 321 33.55 6.35 -36.26
N PHE I 322 32.32 5.98 -35.98
CA PHE I 322 31.14 6.76 -36.35
C PHE I 322 30.80 7.71 -35.22
N ARG I 323 30.32 8.90 -35.56
CA ARG I 323 29.98 9.91 -34.57
C ARG I 323 28.70 10.62 -34.99
N MET I 324 27.76 10.74 -34.08
CA MET I 324 26.56 11.52 -34.39
C MET I 324 26.06 12.25 -33.17
N ILE I 325 25.40 13.37 -33.45
CA ILE I 325 24.68 14.17 -32.47
C ILE I 325 23.28 14.28 -32.97
N ALA I 326 22.32 13.89 -32.14
CA ALA I 326 20.95 13.97 -32.59
C ALA I 326 20.20 14.95 -31.71
N TYR I 327 19.29 15.70 -32.31
CA TYR I 327 18.29 16.41 -31.52
C TYR I 327 16.90 16.05 -32.07
N GLY I 328 16.34 14.96 -31.56
CA GLY I 328 15.09 14.44 -32.04
C GLY I 328 15.37 13.86 -33.39
N ASP I 329 14.67 14.35 -34.41
CA ASP I 329 14.92 13.86 -35.76
C ASP I 329 16.17 14.52 -36.32
N ASP I 330 16.54 15.66 -35.77
CA ASP I 330 17.65 16.42 -36.32
C ASP I 330 18.98 15.77 -35.99
N VAL I 331 19.81 15.64 -37.02
CA VAL I 331 21.06 14.92 -36.87
C VAL I 331 22.22 15.53 -37.64
N ILE I 332 23.36 15.56 -36.99
CA ILE I 332 24.57 15.87 -37.69
C ILE I 332 25.53 14.73 -37.37
N ALA I 333 26.25 14.22 -38.36
CA ALA I 333 27.11 13.07 -38.09
C ALA I 333 28.33 13.08 -38.99
N SER I 334 29.25 12.17 -38.71
CA SER I 334 30.42 12.01 -39.56
C SER I 334 30.95 10.60 -39.45
N TYR I 335 31.58 10.17 -40.54
CA TYR I 335 32.31 8.90 -40.64
C TYR I 335 33.62 9.17 -41.37
N PRO I 336 34.71 8.48 -41.01
CA PRO I 336 36.00 8.69 -41.68
C PRO I 336 35.99 8.46 -43.20
N TRP I 337 34.98 7.78 -43.73
CA TRP I 337 34.90 7.61 -45.17
C TRP I 337 33.57 8.11 -45.75
N PRO I 338 33.59 8.50 -47.04
CA PRO I 338 32.40 8.92 -47.77
C PRO I 338 31.25 7.93 -47.67
N ILE I 339 30.13 8.42 -47.16
CA ILE I 339 28.92 7.62 -47.06
C ILE I 339 27.85 8.23 -47.93
N ASP I 340 27.25 7.41 -48.78
CA ASP I 340 26.21 7.85 -49.69
C ASP I 340 24.87 7.86 -48.93
N ALA I 341 24.42 9.04 -48.52
CA ALA I 341 23.19 9.11 -47.73
C ALA I 341 21.95 8.80 -48.57
N SER I 342 22.10 8.75 -49.89
CA SER I 342 20.97 8.36 -50.72
C SER I 342 20.72 6.86 -50.54
N LEU I 343 21.80 6.13 -50.29
CA LEU I 343 21.66 4.71 -50.05
C LEU I 343 21.07 4.48 -48.66
N LEU I 344 21.48 5.31 -47.69
CA LEU I 344 20.91 5.20 -46.35
C LEU I 344 19.45 5.56 -46.39
N ALA I 345 19.10 6.41 -47.35
CA ALA I 345 17.72 6.80 -47.53
C ALA I 345 16.93 5.63 -48.07
N GLU I 346 17.48 4.96 -49.09
CA GLU I 346 16.84 3.78 -49.66
C GLU I 346 16.55 2.72 -48.58
N ALA I 347 17.58 2.36 -47.80
CA ALA I 347 17.41 1.41 -46.70
C ALA I 347 16.34 1.92 -45.73
N GLY I 348 16.50 3.16 -45.29
CA GLY I 348 15.52 3.80 -44.43
C GLY I 348 14.09 3.62 -44.88
N LYS I 349 13.85 3.67 -46.18
CA LYS I 349 12.50 3.54 -46.73
C LYS I 349 11.89 2.16 -46.40
N GLY I 350 12.73 1.14 -46.44
CA GLY I 350 12.29 -0.22 -46.17
C GLY I 350 11.84 -0.40 -44.74
N TYR I 351 12.35 0.45 -43.84
CA TYR I 351 11.92 0.45 -42.45
C TYR I 351 10.85 1.51 -42.14
N GLY I 352 10.15 2.02 -43.14
CA GLY I 352 9.12 3.02 -42.93
C GLY I 352 9.58 4.48 -42.84
N LEU I 353 10.89 4.73 -42.82
CA LEU I 353 11.41 6.08 -42.63
C LEU I 353 11.60 6.80 -43.96
N ILE I 354 11.22 8.08 -44.00
CA ILE I 354 11.38 8.87 -45.22
C ILE I 354 12.50 9.93 -45.11
N MET I 355 13.67 9.61 -45.65
CA MET I 355 14.81 10.51 -45.56
C MET I 355 15.03 11.29 -46.85
N THR I 356 15.28 12.58 -46.70
CA THR I 356 15.46 13.49 -47.83
C THR I 356 16.79 14.23 -47.70
N PRO I 357 17.26 14.85 -48.80
CA PRO I 357 18.53 15.59 -48.67
C PRO I 357 18.42 16.74 -47.65
N ALA I 358 19.47 16.95 -46.85
CA ALA I 358 19.44 17.95 -45.79
C ALA I 358 19.21 19.36 -46.35
N ASP I 359 18.33 20.10 -45.67
CA ASP I 359 18.04 21.52 -45.95
C ASP I 359 17.39 21.76 -47.32
N LYS I 360 16.42 20.91 -47.66
CA LYS I 360 15.56 21.08 -48.83
C LYS I 360 16.28 21.19 -50.19
N GLY I 361 16.91 20.10 -50.61
CA GLY I 361 17.51 20.01 -51.93
C GLY I 361 16.98 18.78 -52.66
N GLU I 362 17.31 18.63 -53.94
CA GLU I 362 16.84 17.47 -54.71
C GLU I 362 18.01 16.62 -55.19
N CYS I 363 19.17 16.88 -54.60
CA CYS I 363 20.35 16.04 -54.75
C CYS I 363 20.96 15.78 -53.38
N PHE I 364 21.36 14.54 -53.12
CA PHE I 364 22.10 14.22 -51.91
C PHE I 364 23.55 14.62 -52.11
N ASN I 365 23.76 15.93 -52.27
CA ASN I 365 25.09 16.48 -52.49
C ASN I 365 26.09 16.14 -51.40
N GLU I 366 27.30 16.62 -51.58
CA GLU I 366 28.24 16.60 -50.50
C GLU I 366 27.75 17.57 -49.44
N VAL I 367 27.83 17.12 -48.19
CA VAL I 367 27.50 17.95 -47.05
C VAL I 367 28.79 18.51 -46.47
N THR I 368 29.00 19.79 -46.70
CA THR I 368 30.23 20.46 -46.28
C THR I 368 29.97 21.17 -44.96
N TRP I 369 31.02 21.64 -44.28
CA TRP I 369 30.81 22.42 -43.08
C TRP I 369 30.24 23.79 -43.43
N THR I 370 30.21 24.08 -44.71
CA THR I 370 29.74 25.36 -45.19
C THR I 370 28.22 25.36 -45.26
N ASN I 371 27.66 24.29 -45.81
CA ASN I 371 26.23 24.25 -46.05
C ASN I 371 25.45 23.38 -45.07
N VAL I 372 26.15 22.67 -44.19
CA VAL I 372 25.47 21.86 -43.17
C VAL I 372 24.82 22.70 -42.08
N THR I 373 23.62 22.31 -41.65
CA THR I 373 22.98 22.98 -40.52
C THR I 373 22.63 22.02 -39.39
N PHE I 374 22.45 22.59 -38.21
CA PHE I 374 21.98 21.82 -37.07
C PHE I 374 21.14 22.78 -36.23
N LEU I 375 20.01 22.31 -35.68
CA LEU I 375 19.10 23.17 -34.91
C LEU I 375 18.83 24.49 -35.65
N LYS I 376 18.73 24.37 -36.98
CA LYS I 376 18.50 25.49 -37.92
C LYS I 376 19.69 26.45 -38.07
N ARG I 377 20.78 26.18 -37.36
CA ARG I 377 21.94 27.06 -37.35
C ARG I 377 23.07 26.49 -38.22
N TYR I 378 23.65 27.36 -39.04
CA TYR I 378 24.87 27.07 -39.78
C TYR I 378 26.09 27.12 -38.88
N PHE I 379 27.22 26.62 -39.39
CA PHE I 379 28.49 26.68 -38.69
C PHE I 379 29.46 27.67 -39.36
N ARG I 380 29.85 28.75 -38.69
CA ARG I 380 30.89 29.67 -39.20
C ARG I 380 31.96 29.92 -38.16
N ALA I 381 33.22 29.73 -38.54
CA ALA I 381 34.28 30.01 -37.58
C ALA I 381 34.55 31.50 -37.53
N ASP I 382 34.91 31.99 -36.35
CA ASP I 382 35.31 33.38 -36.20
C ASP I 382 36.45 33.69 -37.14
N GLU I 383 36.42 34.89 -37.71
CA GLU I 383 37.50 35.29 -38.60
C GLU I 383 38.74 35.63 -37.78
N GLN I 384 38.53 35.89 -36.49
CA GLN I 384 39.58 36.34 -35.57
C GLN I 384 40.11 35.22 -34.67
N TYR I 385 39.22 34.35 -34.21
CA TYR I 385 39.63 33.17 -33.44
C TYR I 385 39.04 31.93 -34.09
N PRO I 386 39.79 31.31 -35.01
CA PRO I 386 39.23 30.28 -35.91
C PRO I 386 38.81 28.96 -35.23
N PHE I 387 39.07 28.84 -33.93
CA PHE I 387 38.65 27.68 -33.19
C PHE I 387 37.32 27.89 -32.47
N LEU I 388 36.84 29.13 -32.46
CA LEU I 388 35.49 29.45 -31.97
C LEU I 388 34.55 29.49 -33.17
N VAL I 389 33.43 28.77 -33.10
CA VAL I 389 32.49 28.69 -34.24
C VAL I 389 31.15 29.33 -33.92
N HIS I 390 30.58 30.02 -34.90
CA HIS I 390 29.32 30.73 -34.71
C HIS I 390 28.13 29.84 -35.08
N PRO I 391 27.11 29.81 -34.21
CA PRO I 391 25.87 29.19 -34.64
C PRO I 391 25.15 30.20 -35.52
N VAL I 392 24.96 29.90 -36.81
CA VAL I 392 24.45 30.98 -37.65
C VAL I 392 23.04 30.76 -38.17
N MET I 393 22.09 31.31 -37.42
CA MET I 393 20.70 31.35 -37.83
C MET I 393 20.52 32.28 -39.00
N PRO I 394 19.98 31.74 -40.11
CA PRO I 394 19.73 32.56 -41.30
C PRO I 394 18.86 33.79 -40.98
N MET I 395 19.26 34.95 -41.50
CA MET I 395 18.52 36.18 -41.22
C MET I 395 17.10 36.08 -41.78
N LYS I 396 16.90 35.21 -42.76
CA LYS I 396 15.59 35.07 -43.35
C LYS I 396 14.63 34.41 -42.36
N ASP I 397 15.15 33.57 -41.46
CA ASP I 397 14.24 32.91 -40.51
C ASP I 397 13.95 33.79 -39.32
N ILE I 398 14.90 34.65 -38.98
CA ILE I 398 14.69 35.62 -37.93
C ILE I 398 13.67 36.65 -38.42
N HIS I 399 13.79 37.04 -39.68
CA HIS I 399 12.79 37.88 -40.33
C HIS I 399 11.36 37.35 -40.16
N GLU I 400 11.15 36.07 -40.46
CA GLU I 400 9.83 35.46 -40.32
C GLU I 400 9.24 35.70 -38.92
N SER I 401 10.04 35.45 -37.88
CA SER I 401 9.62 35.64 -36.48
C SER I 401 9.19 37.06 -36.14
N ILE I 402 9.95 38.04 -36.59
CA ILE I 402 9.73 39.40 -36.12
C ILE I 402 8.47 40.00 -36.72
N ARG I 403 8.06 39.49 -37.88
CA ARG I 403 6.90 40.03 -38.60
C ARG I 403 5.60 39.73 -37.92
N TRP I 404 5.61 38.90 -36.86
CA TRP I 404 4.38 38.58 -36.15
C TRP I 404 4.54 38.69 -34.64
N THR I 405 3.41 38.71 -33.94
CA THR I 405 3.44 38.65 -32.49
C THR I 405 2.16 38.00 -31.97
N LYS I 406 2.22 37.42 -30.77
CA LYS I 406 1.03 36.90 -30.15
C LYS I 406 0.49 37.92 -29.15
N ASP I 407 1.32 38.94 -28.89
CA ASP I 407 1.03 39.99 -27.93
C ASP I 407 2.15 41.04 -27.99
N PRO I 408 1.84 42.25 -28.49
CA PRO I 408 2.80 43.35 -28.71
C PRO I 408 3.37 43.92 -27.41
N LYS I 409 2.77 43.58 -26.27
CA LYS I 409 3.35 43.88 -24.96
C LYS I 409 4.75 43.27 -24.80
N ASN I 410 5.08 42.29 -25.64
CA ASN I 410 6.33 41.56 -25.51
C ASN I 410 7.35 41.96 -26.57
N THR I 411 7.01 42.98 -27.35
CA THR I 411 7.80 43.38 -28.52
C THR I 411 9.26 43.67 -28.18
N GLN I 412 9.50 44.11 -26.95
CA GLN I 412 10.87 44.43 -26.54
C GLN I 412 11.67 43.14 -26.33
N ASP I 413 11.12 42.27 -25.48
CA ASP I 413 11.69 40.97 -25.22
C ASP I 413 11.88 40.20 -26.52
N HIS I 414 10.82 40.16 -27.32
CA HIS I 414 10.86 39.47 -28.60
C HIS I 414 12.04 39.95 -29.48
N VAL I 415 12.09 41.25 -29.75
CA VAL I 415 13.15 41.78 -30.59
C VAL I 415 14.54 41.57 -29.98
N ARG I 416 14.72 41.82 -28.68
CA ARG I 416 15.99 41.49 -28.01
C ARG I 416 16.42 40.02 -28.20
N SER I 417 15.48 39.10 -28.00
CA SER I 417 15.81 37.70 -28.19
C SER I 417 16.23 37.41 -29.65
N LEU I 418 15.54 38.03 -30.60
CA LEU I 418 15.92 37.89 -31.99
C LEU I 418 17.33 38.41 -32.21
N CYS I 419 17.69 39.48 -31.50
CA CYS I 419 19.02 40.10 -31.66
C CYS I 419 20.14 39.13 -31.28
N LEU I 420 19.97 38.42 -30.16
CA LEU I 420 20.94 37.40 -29.74
C LEU I 420 21.03 36.23 -30.71
N LEU I 421 20.11 36.14 -31.68
CA LEU I 421 20.30 35.13 -32.72
C LEU I 421 20.97 35.75 -33.94
N ALA I 422 20.59 36.98 -34.27
CA ALA I 422 20.97 37.59 -35.54
C ALA I 422 22.44 37.95 -35.62
N TRP I 423 23.03 38.28 -34.48
CA TRP I 423 24.34 38.93 -34.49
C TRP I 423 25.46 38.03 -34.96
N HIS I 424 25.30 36.72 -34.78
CA HIS I 424 26.26 35.74 -35.29
C HIS I 424 26.32 35.76 -36.83
N ASN I 425 25.40 36.46 -37.49
CA ASN I 425 25.49 36.62 -38.94
C ASN I 425 26.58 37.65 -39.31
N GLY I 426 27.11 38.37 -38.32
CA GLY I 426 28.13 39.37 -38.57
C GLY I 426 27.74 40.81 -38.30
N GLU I 427 28.72 41.73 -38.25
CA GLU I 427 28.40 43.13 -37.92
C GLU I 427 27.62 43.83 -39.04
N HIS I 428 27.95 43.55 -40.30
CA HIS I 428 27.21 44.16 -41.41
C HIS I 428 25.73 43.85 -41.31
N GLU I 429 25.42 42.56 -41.30
CA GLU I 429 24.04 42.07 -41.30
C GLU I 429 23.29 42.54 -40.05
N TYR I 430 23.95 42.50 -38.90
CA TYR I 430 23.29 42.84 -37.65
C TYR I 430 22.89 44.30 -37.66
N GLU I 431 23.73 45.17 -38.22
CA GLU I 431 23.42 46.60 -38.19
C GLU I 431 22.32 46.97 -39.18
N GLU I 432 22.32 46.28 -40.33
CA GLU I 432 21.23 46.39 -41.32
C GLU I 432 19.90 45.98 -40.68
N PHE I 433 19.99 45.01 -39.79
CA PHE I 433 18.86 44.46 -39.07
C PHE I 433 18.40 45.49 -38.04
N ILE I 434 19.36 45.97 -37.26
CA ILE I 434 19.07 46.99 -36.27
C ILE I 434 18.57 48.25 -36.97
N ARG I 435 19.01 48.48 -38.20
CA ARG I 435 18.55 49.63 -38.95
C ARG I 435 17.10 49.45 -39.35
N LYS I 436 16.81 48.35 -40.03
CA LYS I 436 15.44 48.11 -40.46
C LYS I 436 14.49 48.16 -39.26
N ILE I 437 14.93 47.64 -38.11
CA ILE I 437 14.12 47.70 -36.88
C ILE I 437 13.88 49.15 -36.47
N ARG I 438 14.92 49.96 -36.63
CA ARG I 438 14.84 51.38 -36.27
C ARG I 438 14.01 52.16 -37.30
N SER I 439 13.84 51.61 -38.49
CA SER I 439 13.13 52.28 -39.57
C SER I 439 11.63 52.40 -39.33
N VAL I 440 11.22 52.21 -38.08
CA VAL I 440 9.81 52.17 -37.74
C VAL I 440 9.63 52.68 -36.32
N PRO I 441 8.70 53.64 -36.13
CA PRO I 441 8.55 54.41 -34.88
C PRO I 441 8.70 53.60 -33.59
N VAL I 442 8.09 52.42 -33.54
CA VAL I 442 8.17 51.56 -32.36
C VAL I 442 9.57 50.99 -32.19
N GLY I 443 10.22 50.67 -33.29
CA GLY I 443 11.60 50.19 -33.27
C GLY I 443 12.55 51.16 -32.61
N ARG I 444 12.24 52.45 -32.76
CA ARG I 444 13.02 53.52 -32.16
C ARG I 444 12.76 53.68 -30.66
N CYS I 445 11.86 52.85 -30.12
CA CYS I 445 11.48 52.96 -28.71
C CYS I 445 12.05 51.83 -27.90
N LEU I 446 12.84 51.00 -28.57
CA LEU I 446 13.41 49.79 -27.96
C LEU I 446 14.87 49.93 -27.56
N THR I 447 15.20 49.30 -26.44
CA THR I 447 16.58 49.05 -26.05
C THR I 447 17.13 47.83 -26.81
N LEU I 448 17.96 48.07 -27.82
CA LEU I 448 18.61 46.99 -28.56
C LEU I 448 20.06 46.85 -28.12
N PRO I 449 20.56 45.59 -27.99
CA PRO I 449 21.95 45.42 -27.57
C PRO I 449 22.92 45.82 -28.66
N ALA I 450 24.05 46.41 -28.28
CA ALA I 450 25.10 46.73 -29.26
C ALA I 450 25.87 45.45 -29.68
N PHE I 451 26.11 45.31 -30.98
CA PHE I 451 26.91 44.20 -31.52
C PHE I 451 28.16 43.92 -30.70
N SER I 452 29.00 44.93 -30.57
CA SER I 452 30.25 44.86 -29.82
C SER I 452 30.05 44.26 -28.45
N THR I 453 28.92 44.57 -27.82
CA THR I 453 28.63 43.97 -26.51
C THR I 453 28.31 42.49 -26.63
N LEU I 454 27.62 42.13 -27.71
CA LEU I 454 27.29 40.75 -27.94
C LEU I 454 28.57 39.95 -28.16
N ARG I 455 29.34 40.35 -29.16
CA ARG I 455 30.63 39.71 -29.44
C ARG I 455 31.51 39.58 -28.20
N ARG I 456 31.56 40.64 -27.39
CA ARG I 456 32.37 40.62 -26.19
C ARG I 456 31.90 39.54 -25.21
N LYS I 457 30.61 39.55 -24.88
CA LYS I 457 30.08 38.57 -23.93
C LYS I 457 30.30 37.15 -24.40
N TRP I 458 30.19 36.96 -25.71
CA TRP I 458 30.37 35.65 -26.35
C TRP I 458 31.79 35.13 -26.13
N LEU I 459 32.77 35.91 -26.60
CA LEU I 459 34.20 35.64 -26.39
C LEU I 459 34.52 35.40 -24.92
N ASP I 460 33.85 36.18 -24.07
CA ASP I 460 34.01 36.07 -22.62
C ASP I 460 33.53 34.70 -22.08
N SER I 461 32.60 34.07 -22.82
CA SER I 461 31.99 32.80 -22.40
C SER I 461 33.01 31.65 -22.38
N PHE I 462 33.84 31.59 -23.40
CA PHE I 462 34.97 30.69 -23.42
C PHE I 462 36.03 31.21 -22.44
N GLY I 463 35.75 31.05 -21.15
CA GLY I 463 36.63 31.52 -20.09
C GLY I 463 36.15 31.04 -18.73
N GLY M 1 60.58 66.84 25.19
CA GLY M 1 59.73 67.93 24.75
C GLY M 1 59.81 69.17 25.63
N GLU M 2 60.01 70.32 25.01
CA GLU M 2 60.14 71.55 25.79
C GLU M 2 59.67 72.75 24.99
N ILE M 3 58.92 73.63 25.66
CA ILE M 3 58.50 74.88 25.05
C ILE M 3 59.61 75.89 25.19
N GLU M 4 60.21 76.28 24.07
CA GLU M 4 61.37 77.17 24.12
C GLU M 4 60.97 78.64 24.25
N PHE M 5 59.89 78.98 23.56
CA PHE M 5 59.51 80.37 23.41
C PHE M 5 58.01 80.51 23.29
N ILE M 6 57.47 81.55 23.93
CA ILE M 6 56.08 81.94 23.75
C ILE M 6 56.06 83.39 23.33
N GLU M 7 55.24 83.72 22.34
CA GLU M 7 55.06 85.11 21.95
C GLU M 7 53.60 85.27 21.59
N SER M 8 53.12 86.52 21.60
CA SER M 8 51.79 86.81 21.09
C SER M 8 51.70 86.54 19.59
N SER M 9 50.60 85.93 19.16
CA SER M 9 50.42 85.65 17.74
C SER M 9 50.35 86.93 16.90
N LYS M 10 49.76 87.99 17.43
CA LYS M 10 49.75 89.29 16.73
C LYS M 10 51.18 89.70 16.37
N ASP M 11 52.09 89.57 17.34
CA ASP M 11 53.51 89.84 17.16
C ASP M 11 54.10 89.08 15.97
N ALA M 12 53.58 87.90 15.69
CA ALA M 12 54.13 87.05 14.64
C ALA M 12 53.22 87.00 13.42
N GLY M 13 52.29 87.95 13.33
CA GLY M 13 51.43 88.02 12.16
C GLY M 13 50.40 86.91 12.12
N PHE M 14 50.09 86.33 13.28
CA PHE M 14 49.09 85.27 13.34
C PHE M 14 47.78 85.72 13.99
N PRO M 15 46.66 85.34 13.38
CA PRO M 15 45.32 85.61 13.92
C PRO M 15 45.08 84.84 15.20
N VAL M 16 44.15 85.31 16.04
CA VAL M 16 43.73 84.51 17.21
C VAL M 16 42.82 83.37 16.74
N ILE M 17 43.04 82.19 17.31
CA ILE M 17 42.34 80.97 16.94
C ILE M 17 41.13 80.67 17.85
N ASN M 18 39.98 80.45 17.24
CA ASN M 18 38.80 79.98 17.98
C ASN M 18 39.00 78.54 18.45
N THR M 19 39.24 78.37 19.75
CA THR M 19 39.37 77.01 20.29
C THR M 19 38.18 76.73 21.20
N PRO M 20 37.31 75.79 20.79
CA PRO M 20 36.09 75.41 21.51
C PRO M 20 36.31 75.11 23.01
N SER M 21 35.31 75.43 23.84
CA SER M 21 35.38 75.16 25.27
C SER M 21 34.16 74.39 25.81
N LYS M 22 33.23 74.05 24.91
CA LYS M 22 31.99 73.38 25.29
C LYS M 22 32.00 71.97 24.75
N THR M 23 31.92 70.99 25.64
CA THR M 23 31.95 69.59 25.23
C THR M 23 30.73 69.21 24.40
N LYS M 24 30.87 68.18 23.58
CA LYS M 24 29.74 67.66 22.83
C LYS M 24 29.17 66.41 23.49
N LEU M 25 29.77 66.00 24.61
CA LEU M 25 29.34 64.77 25.26
C LEU M 25 28.21 65.01 26.27
N GLU M 26 27.08 64.37 26.01
CA GLU M 26 25.94 64.37 26.94
C GLU M 26 25.82 62.96 27.54
N PRO M 27 25.35 62.87 28.79
CA PRO M 27 24.99 61.55 29.32
C PRO M 27 23.96 60.87 28.43
N SER M 28 24.13 59.57 28.17
CA SER M 28 23.25 58.87 27.24
C SER M 28 22.13 58.18 28.02
N VAL M 29 21.17 57.58 27.32
CA VAL M 29 20.11 56.84 28.01
C VAL M 29 20.67 55.72 28.88
N PHE M 30 21.87 55.26 28.58
CA PHE M 30 22.45 54.16 29.36
C PHE M 30 23.35 54.64 30.50
N HIS M 31 23.45 55.96 30.66
CA HIS M 31 24.36 56.55 31.66
C HIS M 31 24.11 55.98 33.07
N GLN M 32 22.87 55.51 33.30
CA GLN M 32 22.46 55.07 34.62
C GLN M 32 22.51 53.54 34.76
N VAL M 33 22.34 52.82 33.67
CA VAL M 33 22.37 51.36 33.71
C VAL M 33 23.76 50.84 34.08
N PHE M 34 24.80 51.45 33.50
CA PHE M 34 26.15 51.01 33.74
C PHE M 34 26.87 51.97 34.67
N GLU M 35 27.92 51.47 35.33
CA GLU M 35 28.76 52.32 36.17
C GLU M 35 29.98 52.81 35.39
N GLY M 36 30.46 54.01 35.73
CA GLY M 36 31.60 54.60 35.04
C GLY M 36 32.31 55.61 35.91
N ASN M 37 33.60 55.80 35.68
CA ASN M 37 34.31 56.84 36.42
C ASN M 37 34.74 58.05 35.59
N LYS M 38 34.54 57.99 34.27
CA LYS M 38 34.94 59.09 33.38
C LYS M 38 33.84 60.12 33.11
N GLU M 39 34.26 61.39 32.98
CA GLU M 39 33.39 62.48 32.54
C GLU M 39 34.06 63.11 31.35
N PRO M 40 33.36 64.05 30.67
CA PRO M 40 34.08 64.73 29.57
C PRO M 40 35.24 65.55 30.10
N ALA M 41 36.32 65.56 29.34
CA ALA M 41 37.54 66.25 29.72
C ALA M 41 37.26 67.74 29.91
N VAL M 42 37.96 68.34 30.86
CA VAL M 42 37.93 69.79 31.07
C VAL M 42 38.37 70.54 29.80
N LEU M 43 37.63 71.57 29.41
CA LEU M 43 37.94 72.28 28.17
C LEU M 43 38.18 73.78 28.38
N ARG M 44 38.06 74.22 29.62
CA ARG M 44 38.24 75.64 29.95
C ARG M 44 38.58 75.82 31.43
N SER M 45 39.10 77.00 31.78
CA SER M 45 39.63 77.24 33.12
C SER M 45 38.52 77.43 34.16
N GLY M 46 37.32 77.77 33.70
CA GLY M 46 36.21 77.97 34.61
C GLY M 46 35.43 76.70 34.96
N ASP M 47 35.96 75.55 34.57
CA ASP M 47 35.27 74.30 34.84
C ASP M 47 35.21 74.04 36.35
N PRO M 48 34.00 73.93 36.90
CA PRO M 48 33.76 73.74 38.34
C PRO M 48 34.51 72.55 38.95
N ARG M 49 34.87 71.56 38.12
CA ARG M 49 35.50 70.35 38.63
C ARG M 49 37.01 70.53 38.74
N LEU M 50 37.51 71.66 38.25
CA LEU M 50 38.94 71.99 38.32
C LEU M 50 39.46 72.19 39.75
N LYS M 51 40.44 71.37 40.11
CA LYS M 51 41.14 71.46 41.39
C LYS M 51 42.60 71.88 41.21
N ALA M 52 42.94 72.32 40.00
CA ALA M 52 44.31 72.73 39.70
C ALA M 52 44.31 73.71 38.52
N ASN M 53 45.46 74.31 38.21
CA ASN M 53 45.53 75.25 37.11
C ASN M 53 45.41 74.50 35.78
N PHE M 54 44.38 74.85 35.01
CA PHE M 54 44.09 74.18 33.75
C PHE M 54 45.23 74.37 32.71
N GLU M 55 45.52 75.61 32.33
CA GLU M 55 46.53 75.87 31.29
C GLU M 55 47.92 75.39 31.70
N GLU M 56 48.21 75.41 32.99
CA GLU M 56 49.44 74.83 33.52
C GLU M 56 49.48 73.33 33.23
N ALA M 57 48.33 72.71 33.44
CA ALA M 57 48.20 71.25 33.42
C ALA M 57 48.27 70.68 32.02
N ILE M 58 47.59 71.31 31.07
CA ILE M 58 47.55 70.76 29.71
C ILE M 58 48.94 70.77 29.08
N PHE M 59 49.75 71.76 29.46
CA PHE M 59 51.08 71.92 28.90
C PHE M 59 52.16 71.26 29.72
N SER M 60 51.81 70.84 30.93
CA SER M 60 52.75 70.16 31.82
C SER M 60 53.37 68.92 31.21
N LYS M 61 52.79 68.43 30.12
CA LYS M 61 53.30 67.23 29.45
C LYS M 61 54.71 67.39 28.92
N TYR M 62 55.09 68.63 28.64
CA TYR M 62 56.41 68.90 28.12
C TYR M 62 57.44 68.87 29.26
N ILE M 63 57.79 67.64 29.68
CA ILE M 63 58.62 67.43 30.88
C ILE M 63 59.99 68.11 30.80
N GLY M 64 60.46 68.34 29.57
CA GLY M 64 61.79 68.86 29.31
C GLY M 64 62.49 67.97 28.28
N ASN M 65 63.74 68.28 27.97
CA ASN M 65 64.54 67.40 27.14
C ASN M 65 65.78 66.95 27.88
N VAL M 66 66.50 66.00 27.32
CA VAL M 66 67.82 65.67 27.81
C VAL M 66 68.79 65.85 26.67
N ASN M 67 69.96 66.36 27.01
CA ASN M 67 70.92 66.65 26.00
C ASN M 67 71.95 65.55 25.98
N THR M 68 71.81 64.67 25.00
CA THR M 68 72.71 63.54 24.83
C THR M 68 72.91 63.37 23.35
N HIS M 69 74.04 62.77 23.00
CA HIS M 69 74.34 62.45 21.63
C HIS M 69 73.77 61.10 21.28
N VAL M 70 73.67 60.84 19.99
CA VAL M 70 73.35 59.52 19.50
C VAL M 70 74.50 58.61 19.95
N ASP M 71 74.29 57.85 21.03
CA ASP M 71 75.38 57.03 21.58
C ASP M 71 75.55 55.66 20.88
N GLU M 72 76.52 54.88 21.34
CA GLU M 72 76.90 53.64 20.65
C GLU M 72 75.77 52.63 20.65
N TYR M 73 74.92 52.71 21.66
CA TYR M 73 73.77 51.84 21.74
C TYR M 73 72.71 52.27 20.71
N MET M 74 72.32 53.54 20.69
CA MET M 74 71.39 54.04 19.66
C MET M 74 71.84 53.66 18.25
N LEU M 75 73.12 53.88 17.98
CA LEU M 75 73.67 53.62 16.66
C LEU M 75 73.47 52.16 16.28
N GLU M 76 73.71 51.25 17.24
CA GLU M 76 73.55 49.83 16.98
C GLU M 76 72.09 49.50 16.78
N ALA M 77 71.25 50.03 17.69
CA ALA M 77 69.80 49.90 17.65
C ALA M 77 69.24 50.27 16.30
N VAL M 78 69.79 51.33 15.72
CA VAL M 78 69.28 51.79 14.45
C VAL M 78 69.65 50.81 13.35
N ASP M 79 70.88 50.29 13.41
CA ASP M 79 71.39 49.47 12.32
C ASP M 79 70.62 48.19 12.26
N HIS M 80 70.23 47.72 13.44
CA HIS M 80 69.45 46.50 13.55
C HIS M 80 68.04 46.68 13.00
N TYR M 81 67.35 47.69 13.52
CA TYR M 81 66.00 47.96 13.05
C TYR M 81 66.00 48.26 11.55
N ALA M 82 67.07 48.90 11.09
CA ALA M 82 67.17 49.26 9.68
C ALA M 82 67.33 48.00 8.83
N GLY M 83 67.98 46.99 9.41
CA GLY M 83 68.27 45.76 8.70
C GLY M 83 67.01 44.98 8.43
N GLN M 84 66.07 45.09 9.36
CA GLN M 84 64.71 44.53 9.19
C GLN M 84 63.95 45.24 8.09
N LEU M 85 63.82 46.56 8.22
CA LEU M 85 63.02 47.34 7.31
C LEU M 85 63.54 47.19 5.89
N ALA M 86 64.81 46.88 5.76
CA ALA M 86 65.43 46.82 4.44
C ALA M 86 64.85 45.65 3.62
N THR M 87 64.35 44.63 4.30
CA THR M 87 63.76 43.49 3.61
C THR M 87 62.43 43.85 2.93
N LEU M 88 61.84 44.96 3.34
CA LEU M 88 60.51 45.34 2.84
C LEU M 88 60.55 46.14 1.53
N ASP M 89 61.71 46.70 1.22
CA ASP M 89 61.92 47.48 -0.01
C ASP M 89 61.04 48.73 -0.06
N ILE M 90 61.08 49.50 1.01
CA ILE M 90 60.37 50.76 1.09
C ILE M 90 60.84 51.73 0.01
N SER M 91 59.94 52.12 -0.89
CA SER M 91 60.33 53.08 -1.92
C SER M 91 60.51 54.45 -1.31
N THR M 92 61.63 55.08 -1.61
CA THR M 92 61.83 56.43 -1.12
C THR M 92 61.32 57.45 -2.15
N GLU M 93 60.87 56.95 -3.30
CA GLU M 93 60.27 57.81 -4.32
C GLU M 93 58.98 58.50 -3.80
N PRO M 94 58.82 59.78 -4.12
CA PRO M 94 57.66 60.50 -3.61
C PRO M 94 56.38 59.92 -4.20
N MET M 95 55.35 59.77 -3.38
CA MET M 95 54.09 59.18 -3.83
C MET M 95 53.37 60.15 -4.78
N LYS M 96 52.82 59.58 -5.85
CA LYS M 96 52.01 60.35 -6.80
C LYS M 96 50.94 61.15 -6.03
N LEU M 97 50.78 62.42 -6.38
CA LEU M 97 49.95 63.33 -5.60
C LEU M 97 48.49 62.86 -5.49
N GLU M 98 47.94 62.26 -6.53
CA GLU M 98 46.56 61.78 -6.47
C GLU M 98 46.41 60.65 -5.45
N ASP M 99 47.46 59.86 -5.30
CA ASP M 99 47.41 58.77 -4.34
C ASP M 99 47.66 59.32 -2.93
N ALA M 100 48.63 60.22 -2.81
CA ALA M 100 48.98 60.80 -1.51
C ALA M 100 47.79 61.53 -0.89
N VAL M 101 46.92 62.06 -1.74
CA VAL M 101 45.77 62.84 -1.27
C VAL M 101 44.44 62.04 -1.21
N TYR M 102 44.17 61.22 -2.23
CA TYR M 102 42.87 60.59 -2.35
C TYR M 102 42.92 59.08 -2.13
N GLY M 103 43.94 58.63 -1.42
CA GLY M 103 44.07 57.22 -1.08
C GLY M 103 44.61 56.28 -2.15
N THR M 104 45.27 55.22 -1.69
CA THR M 104 45.77 54.14 -2.55
C THR M 104 45.81 52.89 -1.70
N GLU M 105 46.08 51.74 -2.29
CA GLU M 105 46.21 50.50 -1.52
C GLU M 105 47.25 50.66 -0.44
N GLY M 106 46.83 50.51 0.82
CA GLY M 106 47.75 50.65 1.94
C GLY M 106 47.80 52.00 2.64
N LEU M 107 47.12 53.00 2.07
CA LEU M 107 47.08 54.35 2.63
C LEU M 107 45.80 55.07 2.26
N GLU M 108 44.92 55.25 3.24
CA GLU M 108 43.66 55.92 3.01
C GLU M 108 43.82 57.42 2.73
N ALA M 109 42.83 58.00 2.07
CA ALA M 109 42.81 59.39 1.69
C ALA M 109 42.84 60.31 2.91
N LEU M 110 43.06 61.59 2.68
CA LEU M 110 42.95 62.55 3.76
C LEU M 110 41.55 62.52 4.37
N ASP M 111 41.46 62.79 5.66
CA ASP M 111 40.17 62.95 6.33
C ASP M 111 39.52 64.29 5.97
N LEU M 112 38.52 64.26 5.09
CA LEU M 112 37.91 65.47 4.58
C LEU M 112 36.85 65.99 5.53
N THR M 113 36.67 65.34 6.66
CA THR M 113 35.67 65.81 7.63
C THR M 113 36.32 66.65 8.73
N THR M 114 37.65 66.76 8.69
CA THR M 114 38.36 67.44 9.77
C THR M 114 38.91 68.80 9.32
N SER M 115 39.43 69.56 10.27
CA SER M 115 39.98 70.88 9.98
C SER M 115 41.02 70.86 8.86
N ALA M 116 41.22 72.01 8.21
CA ALA M 116 42.27 72.09 7.21
C ALA M 116 43.50 72.75 7.83
N GLY M 117 43.33 73.23 9.06
CA GLY M 117 44.40 73.85 9.81
C GLY M 117 44.76 75.22 9.30
N TYR M 118 45.90 75.74 9.74
CA TYR M 118 46.37 77.04 9.31
C TYR M 118 46.85 76.99 7.87
N PRO M 119 46.59 78.06 7.09
CA PRO M 119 45.86 79.26 7.48
C PRO M 119 44.33 79.11 7.36
N TYR M 120 43.88 78.08 6.62
CA TYR M 120 42.46 77.97 6.26
C TYR M 120 41.51 78.04 7.43
N VAL M 121 41.94 77.56 8.60
CA VAL M 121 41.06 77.57 9.78
C VAL M 121 40.67 79.00 10.16
N ALA M 122 41.48 79.99 9.77
CA ALA M 122 41.13 81.37 10.12
C ALA M 122 40.54 82.09 8.92
N LEU M 123 40.57 81.45 7.77
CA LEU M 123 39.95 81.99 6.56
C LEU M 123 38.55 81.44 6.40
N GLY M 124 38.15 80.60 7.35
CA GLY M 124 36.88 79.90 7.29
C GLY M 124 36.81 78.94 6.12
N ILE M 125 37.94 78.28 5.82
CA ILE M 125 38.00 77.35 4.70
C ILE M 125 38.08 75.88 5.18
N LYS M 126 37.24 75.03 4.59
CA LYS M 126 37.19 73.64 5.00
C LYS M 126 37.93 72.76 3.99
N LYS M 127 38.41 71.60 4.44
CA LYS M 127 39.07 70.65 3.56
C LYS M 127 38.24 70.42 2.30
N ARG M 128 36.92 70.43 2.44
CA ARG M 128 36.06 70.15 1.30
C ARG M 128 35.97 71.33 0.33
N ASP M 129 36.31 72.52 0.78
CA ASP M 129 36.43 73.65 -0.15
C ASP M 129 37.60 73.45 -1.10
N ILE M 130 38.57 72.63 -0.70
CA ILE M 130 39.79 72.42 -1.50
C ILE M 130 39.83 71.02 -2.15
N LEU M 131 39.18 70.03 -1.54
CA LEU M 131 39.24 68.65 -2.04
C LEU M 131 37.87 68.02 -2.25
N SER M 132 37.78 67.14 -3.25
CA SER M 132 36.63 66.27 -3.36
C SER M 132 37.03 64.88 -3.82
N LYS M 133 36.66 63.86 -3.03
CA LYS M 133 36.88 62.47 -3.41
C LYS M 133 36.10 62.12 -4.68
N LYS M 134 34.92 62.70 -4.83
CA LYS M 134 34.05 62.41 -5.97
C LYS M 134 34.71 62.86 -7.26
N THR M 135 35.45 63.96 -7.22
CA THR M 135 36.07 64.49 -8.42
C THR M 135 37.56 64.19 -8.48
N LYS M 136 38.16 64.01 -7.31
CA LYS M 136 39.61 63.80 -7.18
C LYS M 136 40.41 64.96 -7.76
N ASP M 137 39.92 66.19 -7.56
CA ASP M 137 40.56 67.38 -8.08
C ASP M 137 41.79 67.78 -7.28
N LEU M 138 42.86 68.18 -7.97
CA LEU M 138 44.07 68.64 -7.33
C LEU M 138 44.31 70.10 -7.69
N THR M 139 43.46 70.62 -8.55
CA THR M 139 43.57 72.00 -9.04
C THR M 139 43.68 73.05 -7.93
N LYS M 140 42.65 73.14 -7.08
CA LYS M 140 42.63 74.12 -5.99
C LYS M 140 43.67 73.81 -4.91
N LEU M 141 44.08 72.54 -4.83
CA LEU M 141 45.07 72.15 -3.85
C LEU M 141 46.42 72.79 -4.18
N LYS M 142 47.00 72.42 -5.33
CA LYS M 142 48.25 73.02 -5.80
C LYS M 142 48.28 74.54 -5.66
N GLU M 143 47.19 75.18 -6.08
CA GLU M 143 46.98 76.61 -5.89
C GLU M 143 47.25 77.02 -4.44
N CYS M 144 46.55 76.40 -3.50
CA CYS M 144 46.70 76.68 -2.07
C CYS M 144 48.08 76.39 -1.51
N MET M 145 48.70 75.31 -2.00
CA MET M 145 50.04 74.97 -1.54
C MET M 145 51.06 75.98 -2.04
N ASP M 146 50.95 76.37 -3.31
CA ASP M 146 51.79 77.43 -3.85
C ASP M 146 51.67 78.71 -3.04
N LYS M 147 50.44 79.06 -2.71
CA LYS M 147 50.16 80.33 -2.03
C LYS M 147 50.65 80.35 -0.58
N TYR M 148 50.38 79.28 0.16
CA TYR M 148 50.60 79.29 1.61
C TYR M 148 51.82 78.50 2.09
N GLY M 149 52.34 77.64 1.23
CA GLY M 149 53.60 76.99 1.51
C GLY M 149 53.55 75.80 2.44
N LEU M 150 54.72 75.46 2.99
CA LEU M 150 54.85 74.33 3.92
C LEU M 150 55.38 74.82 5.27
N ASN M 151 55.60 73.88 6.18
CA ASN M 151 56.04 74.18 7.54
C ASN M 151 55.21 75.31 8.18
N LEU M 152 53.89 75.19 8.07
CA LEU M 152 52.96 76.11 8.74
C LEU M 152 52.77 75.75 10.21
N PRO M 153 52.37 76.73 11.05
CA PRO M 153 52.18 76.37 12.46
C PRO M 153 51.07 75.34 12.63
N MET M 154 51.21 74.52 13.66
CA MET M 154 50.20 73.57 13.99
C MET M 154 49.22 74.23 14.96
N VAL M 155 47.93 73.97 14.80
CA VAL M 155 46.95 74.61 15.68
C VAL M 155 46.59 73.66 16.83
N THR M 156 46.63 74.19 18.06
CA THR M 156 46.49 73.42 19.29
C THR M 156 45.08 73.49 19.86
N TYR M 157 44.43 72.33 19.94
CA TYR M 157 43.10 72.23 20.53
C TYR M 157 43.12 71.29 21.72
N VAL M 158 42.11 71.40 22.57
CA VAL M 158 41.96 70.42 23.64
C VAL M 158 41.04 69.29 23.15
N LYS M 159 41.31 68.04 23.49
CA LYS M 159 40.51 66.95 22.92
C LYS M 159 39.20 66.74 23.68
N ASP M 160 38.09 66.83 22.95
CA ASP M 160 36.75 66.50 23.47
C ASP M 160 36.64 64.99 23.58
N GLU M 161 36.70 64.49 24.81
CA GLU M 161 36.76 63.04 25.07
C GLU M 161 36.60 62.77 26.56
N LEU M 162 36.35 61.53 26.94
CA LEU M 162 36.21 61.17 28.36
C LEU M 162 37.57 61.02 29.05
N ARG M 163 37.64 61.47 30.31
CA ARG M 163 38.84 61.36 31.12
C ARG M 163 38.48 60.83 32.48
N SER M 164 39.43 60.13 33.10
CA SER M 164 39.27 59.69 34.48
C SER M 164 38.93 60.88 35.36
N ILE M 165 38.42 60.59 36.56
CA ILE M 165 37.87 61.64 37.41
C ILE M 165 38.97 62.48 38.06
N GLU M 166 40.18 61.94 38.06
CA GLU M 166 41.37 62.60 38.61
C GLU M 166 41.99 63.46 37.54
N LYS M 167 41.88 63.01 36.29
CA LYS M 167 42.41 63.77 35.17
C LYS M 167 41.52 64.98 34.85
N VAL M 168 40.24 64.86 35.18
CA VAL M 168 39.34 65.99 35.10
C VAL M 168 39.64 66.94 36.24
N ALA M 169 39.81 66.37 37.42
CA ALA M 169 40.11 67.16 38.62
C ALA M 169 41.43 67.89 38.47
N LYS M 170 42.41 67.24 37.86
CA LYS M 170 43.74 67.83 37.69
C LYS M 170 43.93 68.64 36.39
N GLY M 171 42.86 68.74 35.60
CA GLY M 171 42.90 69.46 34.35
C GLY M 171 43.81 68.80 33.31
N LYS M 172 44.17 67.55 33.52
CA LYS M 172 45.01 66.87 32.54
C LYS M 172 44.23 66.44 31.27
N SER M 173 43.56 67.41 30.65
CA SER M 173 42.98 67.20 29.33
C SER M 173 44.12 67.04 28.32
N ARG M 174 43.82 66.45 27.16
CA ARG M 174 44.84 66.17 26.15
C ARG M 174 44.84 67.20 25.02
N LEU M 175 46.04 67.67 24.65
CA LEU M 175 46.19 68.55 23.50
C LEU M 175 46.45 67.78 22.22
N ILE M 176 45.86 68.23 21.12
CA ILE M 176 46.31 67.76 19.84
C ILE M 176 46.79 68.96 19.02
N GLU M 177 47.54 68.67 17.95
CA GLU M 177 48.15 69.71 17.13
C GLU M 177 47.66 69.52 15.72
N ALA M 178 46.78 70.40 15.27
CA ALA M 178 46.21 70.28 13.93
C ALA M 178 47.24 70.65 12.87
N SER M 179 47.60 69.67 12.07
CA SER M 179 48.56 69.86 11.00
C SER M 179 47.88 70.52 9.81
N SER M 180 48.53 71.53 9.24
CA SER M 180 47.96 72.19 8.07
C SER M 180 47.75 71.18 6.95
N LEU M 181 46.66 71.35 6.21
CA LEU M 181 46.39 70.53 5.03
C LEU M 181 47.64 70.39 4.16
N ASN M 182 48.34 71.50 3.98
CA ASN M 182 49.54 71.54 3.15
C ASN M 182 50.62 70.58 3.64
N ASP M 183 50.92 70.63 4.93
CA ASP M 183 51.97 69.81 5.54
C ASP M 183 51.60 68.32 5.52
N SER M 184 50.34 68.03 5.79
CA SER M 184 49.83 66.67 5.67
C SER M 184 50.06 66.14 4.25
N VAL M 185 49.70 66.93 3.25
CA VAL M 185 49.93 66.55 1.87
C VAL M 185 51.43 66.36 1.54
N ALA M 186 52.27 67.28 1.97
CA ALA M 186 53.68 67.18 1.64
C ALA M 186 54.30 65.94 2.28
N MET M 187 53.91 65.68 3.52
CA MET M 187 54.45 64.53 4.23
C MET M 187 53.99 63.23 3.61
N ARG M 188 52.74 63.19 3.19
CA ARG M 188 52.20 61.99 2.57
C ARG M 188 52.90 61.77 1.23
N GLN M 189 53.07 62.84 0.45
CA GLN M 189 53.87 62.79 -0.77
C GLN M 189 55.24 62.18 -0.53
N THR M 190 55.96 62.78 0.41
CA THR M 190 57.32 62.34 0.75
C THR M 190 57.39 60.94 1.38
N PHE M 191 56.50 60.65 2.32
CA PHE M 191 56.61 59.41 3.08
C PHE M 191 55.47 58.42 2.87
N GLY M 192 54.72 58.58 1.78
CA GLY M 192 53.60 57.70 1.52
C GLY M 192 53.93 56.24 1.32
N ASN M 193 54.98 55.98 0.55
CA ASN M 193 55.38 54.60 0.26
C ASN M 193 55.89 53.91 1.55
N LEU M 194 56.42 54.72 2.48
CA LEU M 194 56.78 54.22 3.81
C LEU M 194 55.52 53.89 4.62
N TYR M 195 54.59 54.86 4.64
CA TYR M 195 53.29 54.66 5.28
C TYR M 195 52.60 53.40 4.78
N LYS M 196 52.59 53.24 3.47
CA LYS M 196 51.87 52.16 2.80
C LYS M 196 52.50 50.81 3.13
N THR M 197 53.83 50.73 3.00
CA THR M 197 54.51 49.46 3.28
C THR M 197 54.34 49.11 4.75
N PHE M 198 54.31 50.12 5.61
CA PHE M 198 54.03 49.83 7.02
C PHE M 198 52.62 49.28 7.25
N HIS M 199 51.61 49.97 6.72
CA HIS M 199 50.22 49.57 6.91
C HIS M 199 49.98 48.18 6.35
N LEU M 200 50.54 47.92 5.16
CA LEU M 200 50.40 46.61 4.49
C LEU M 200 51.24 45.47 5.11
N ASN M 201 52.07 45.78 6.11
CA ASN M 201 52.94 44.77 6.72
C ASN M 201 53.10 44.86 8.25
N PRO M 202 51.99 44.87 8.99
CA PRO M 202 52.16 44.91 10.46
C PRO M 202 52.67 43.58 11.00
N GLY M 203 53.50 43.60 12.04
CA GLY M 203 54.17 42.42 12.56
C GLY M 203 55.57 42.64 13.13
N VAL M 204 56.39 41.60 13.21
CA VAL M 204 57.66 41.69 13.94
C VAL M 204 58.83 42.13 13.06
N VAL M 205 58.59 42.25 11.76
CA VAL M 205 59.55 42.82 10.84
C VAL M 205 59.46 44.33 10.87
N THR M 206 58.25 44.87 10.66
CA THR M 206 58.05 46.31 10.83
C THR M 206 58.11 46.69 12.30
N GLY M 207 57.80 45.73 13.17
CA GLY M 207 57.70 46.04 14.58
C GLY M 207 56.54 46.99 14.85
N SER M 208 55.59 47.03 13.92
CA SER M 208 54.44 47.90 14.07
C SER M 208 53.13 47.14 13.92
N ALA M 209 52.15 47.49 14.75
CA ALA M 209 50.81 46.92 14.64
C ALA M 209 49.86 47.74 13.75
N VAL M 210 50.34 48.87 13.24
CA VAL M 210 49.49 49.75 12.43
C VAL M 210 48.98 49.05 11.18
N GLY M 211 47.66 48.97 11.03
CA GLY M 211 47.09 48.32 9.86
C GLY M 211 46.48 46.96 10.17
N CYS M 212 46.68 46.51 11.41
CA CYS M 212 46.16 45.22 11.86
C CYS M 212 44.68 45.34 12.25
N ASP M 213 44.02 44.20 12.28
CA ASP M 213 42.69 44.06 12.83
C ASP M 213 42.76 43.01 13.96
N PRO M 214 42.68 43.48 15.20
CA PRO M 214 42.77 42.70 16.45
C PRO M 214 41.98 41.39 16.39
N ASP M 215 40.90 41.39 15.62
CA ASP M 215 40.08 40.20 15.46
C ASP M 215 40.93 39.10 14.84
N LEU M 216 41.53 39.40 13.69
CA LEU M 216 42.36 38.45 12.98
C LEU M 216 43.79 38.36 13.51
N PHE M 217 44.24 39.40 14.19
CA PHE M 217 45.68 39.60 14.37
C PHE M 217 46.18 39.06 15.69
N TRP M 218 45.31 39.02 16.68
CA TRP M 218 45.66 38.46 17.98
C TRP M 218 46.11 37.00 17.88
N SER M 219 45.60 36.29 16.88
CA SER M 219 45.96 34.89 16.72
C SER M 219 47.41 34.78 16.26
N LYS M 220 47.84 35.71 15.40
CA LYS M 220 49.22 35.71 14.91
C LYS M 220 50.27 36.19 15.93
N ILE M 221 49.86 37.00 16.91
CA ILE M 221 50.82 37.62 17.82
C ILE M 221 51.60 36.63 18.69
N PRO M 222 50.93 35.65 19.32
CA PRO M 222 51.73 34.73 20.17
C PRO M 222 52.70 33.85 19.39
N VAL M 223 52.44 33.65 18.10
CA VAL M 223 53.33 32.87 17.25
C VAL M 223 54.60 33.65 16.96
N MET M 224 54.43 34.94 16.69
CA MET M 224 55.56 35.84 16.46
C MET M 224 56.37 36.13 17.73
N LEU M 225 55.71 36.34 18.86
CA LEU M 225 56.39 36.61 20.12
C LEU M 225 56.44 35.37 20.99
N ASP M 226 57.26 34.39 20.57
CA ASP M 226 57.34 33.08 21.22
C ASP M 226 58.20 33.06 22.50
N GLY M 227 59.01 34.08 22.73
CA GLY M 227 59.87 34.10 23.91
C GLY M 227 59.12 34.55 25.15
N HIS M 228 59.86 34.98 26.18
CA HIS M 228 59.28 35.58 27.39
C HIS M 228 58.78 37.02 27.12
N LEU M 229 57.59 37.36 27.61
CA LEU M 229 56.97 38.66 27.33
C LEU M 229 57.64 39.85 28.02
N ILE M 230 57.76 40.96 27.28
CA ILE M 230 58.23 42.26 27.78
C ILE M 230 57.16 43.32 27.49
N ALA M 231 56.74 44.05 28.53
CA ALA M 231 55.77 45.13 28.35
C ALA M 231 55.77 46.12 29.49
N PHE M 232 55.76 47.39 29.11
CA PHE M 232 55.69 48.48 30.06
C PHE M 232 54.81 49.50 29.40
N ASP M 233 54.50 50.56 30.15
CA ASP M 233 53.76 51.70 29.64
C ASP M 233 54.65 52.92 29.65
N TYR M 234 54.29 53.93 28.85
CA TYR M 234 54.98 55.20 28.89
C TYR M 234 54.06 56.26 29.50
N SER M 235 54.64 57.19 30.26
CA SER M 235 53.90 58.39 30.63
C SER M 235 54.23 59.53 29.65
N GLY M 236 53.21 59.98 28.93
CA GLY M 236 53.37 61.03 27.95
C GLY M 236 54.55 60.83 27.02
N TYR M 237 54.54 59.72 26.30
CA TYR M 237 55.61 59.39 25.36
C TYR M 237 55.88 60.50 24.35
N ASP M 238 54.84 60.90 23.61
CA ASP M 238 55.01 61.84 22.49
C ASP M 238 55.76 63.09 22.93
N ALA M 239 55.31 63.66 24.05
CA ALA M 239 55.89 64.86 24.63
C ALA M 239 57.22 64.64 25.35
N SER M 240 57.57 63.39 25.58
CA SER M 240 58.81 63.13 26.31
C SER M 240 59.98 62.84 25.37
N LEU M 241 59.71 62.62 24.09
CA LEU M 241 60.76 62.36 23.11
C LEU M 241 61.75 63.53 22.92
N SER M 242 62.98 63.39 23.41
CA SER M 242 64.00 64.42 23.18
C SER M 242 64.48 64.46 21.73
N PRO M 243 65.14 65.56 21.33
CA PRO M 243 65.57 65.63 19.93
C PRO M 243 66.45 64.48 19.47
N VAL M 244 67.18 63.88 20.40
CA VAL M 244 68.12 62.84 20.03
C VAL M 244 67.43 61.61 19.41
N TRP M 245 66.21 61.29 19.87
CA TRP M 245 65.44 60.20 19.24
C TRP M 245 65.05 60.56 17.80
N PHE M 246 64.82 61.85 17.57
CA PHE M 246 64.58 62.32 16.21
C PHE M 246 65.85 62.24 15.37
N ALA M 247 67.01 62.57 15.96
CA ALA M 247 68.27 62.33 15.28
C ALA M 247 68.36 60.86 14.89
N CYS M 248 68.00 59.99 15.82
CA CYS M 248 68.02 58.56 15.55
C CYS M 248 67.08 58.25 14.38
N LEU M 249 65.84 58.74 14.45
CA LEU M 249 64.87 58.53 13.38
C LEU M 249 65.38 59.04 12.02
N LYS M 250 66.00 60.21 11.99
CA LYS M 250 66.57 60.70 10.74
C LYS M 250 67.66 59.75 10.24
N MET M 251 68.52 59.29 11.14
CA MET M 251 69.61 58.41 10.71
C MET M 251 69.10 57.13 10.07
N ILE M 252 68.00 56.59 10.59
CA ILE M 252 67.48 55.35 10.06
C ILE M 252 66.78 55.59 8.73
N LEU M 253 66.06 56.72 8.66
CA LEU M 253 65.51 57.14 7.39
C LEU M 253 66.64 57.22 6.35
N GLU M 254 67.76 57.85 6.71
CA GLU M 254 68.90 57.95 5.80
C GLU M 254 69.35 56.55 5.35
N LYS M 255 69.49 55.59 6.27
CA LYS M 255 69.85 54.21 5.87
C LYS M 255 68.88 53.66 4.84
N LEU M 256 67.60 54.02 4.95
CA LEU M 256 66.59 53.46 4.05
C LEU M 256 66.64 54.08 2.66
N GLY M 257 67.38 55.17 2.49
CA GLY M 257 67.59 55.74 1.17
C GLY M 257 67.15 57.17 1.06
N TYR M 258 66.70 57.71 2.19
CA TYR M 258 66.17 59.07 2.21
C TYR M 258 67.27 60.14 2.15
N THR M 259 67.05 61.11 1.28
CA THR M 259 67.93 62.26 1.10
C THR M 259 67.86 63.13 2.35
N HIS M 260 68.92 63.89 2.60
CA HIS M 260 68.93 64.92 3.66
C HIS M 260 67.75 65.88 3.49
N LYS M 261 67.32 66.05 2.25
CA LYS M 261 66.19 66.91 1.92
C LYS M 261 64.92 66.43 2.57
N GLU M 262 64.73 65.12 2.52
CA GLU M 262 63.50 64.51 2.96
C GLU M 262 63.46 64.27 4.46
N THR M 263 64.57 63.83 5.02
CA THR M 263 64.70 63.72 6.46
C THR M 263 64.42 65.03 7.20
N ASN M 264 64.61 66.15 6.52
CA ASN M 264 64.43 67.44 7.17
C ASN M 264 62.97 67.70 7.57
N TYR M 265 62.02 66.97 6.99
CA TYR M 265 60.63 67.10 7.46
C TYR M 265 60.50 66.64 8.92
N ILE M 266 61.42 65.80 9.39
CA ILE M 266 61.37 65.30 10.76
C ILE M 266 61.73 66.44 11.69
N ASP M 267 62.55 67.36 11.18
CA ASP M 267 62.87 68.61 11.90
C ASP M 267 61.63 69.45 12.22
N TYR M 268 60.67 69.43 11.30
CA TYR M 268 59.42 70.16 11.51
C TYR M 268 58.60 69.51 12.59
N LEU M 269 58.87 68.23 12.87
CA LEU M 269 58.16 67.54 13.95
C LEU M 269 58.88 67.77 15.28
N CYS M 270 60.20 67.60 15.23
CA CYS M 270 60.96 67.69 16.46
C CYS M 270 61.03 69.11 16.93
N ASN M 271 61.23 70.03 16.01
CA ASN M 271 61.34 71.43 16.37
C ASN M 271 60.14 72.18 15.86
N SER M 272 59.07 72.24 16.67
CA SER M 272 57.79 72.61 16.08
C SER M 272 57.25 73.94 16.57
N HIS M 273 56.11 74.24 15.98
CA HIS M 273 55.67 75.55 15.63
C HIS M 273 54.16 75.53 15.85
N HIS M 274 53.64 76.28 16.83
CA HIS M 274 52.24 76.11 17.20
C HIS M 274 51.46 77.41 17.37
N LEU M 275 50.14 77.31 17.22
CA LEU M 275 49.19 78.36 17.65
C LEU M 275 48.23 77.80 18.70
N TYR M 276 48.06 78.52 19.80
CA TYR M 276 47.05 78.18 20.79
C TYR M 276 46.38 79.44 21.23
N ARG M 277 45.18 79.69 20.71
CA ARG M 277 44.38 80.86 21.07
C ARG M 277 45.03 82.17 20.61
N ASP M 278 45.65 82.90 21.55
CA ASP M 278 46.28 84.16 21.23
C ASP M 278 47.81 84.08 21.26
N LYS M 279 48.36 82.87 21.24
CA LYS M 279 49.80 82.70 21.38
C LYS M 279 50.41 81.88 20.27
N HIS M 280 51.68 82.13 20.04
CA HIS M 280 52.46 81.40 19.08
C HIS M 280 53.66 80.91 19.84
N TYR M 281 53.92 79.60 19.82
CA TYR M 281 55.04 79.08 20.60
C TYR M 281 55.82 77.98 19.90
N PHE M 282 57.02 77.73 20.41
CA PHE M 282 57.97 76.84 19.75
C PHE M 282 58.34 75.66 20.63
N VAL M 283 58.17 74.45 20.10
CA VAL M 283 58.54 73.29 20.88
C VAL M 283 59.76 72.62 20.29
N ARG M 284 60.74 72.37 21.14
CA ARG M 284 61.91 71.60 20.71
C ARG M 284 61.74 70.21 21.28
N GLY M 285 61.79 69.21 20.39
CA GLY M 285 61.52 67.85 20.81
C GLY M 285 60.02 67.63 20.94
N GLY M 286 59.67 66.40 21.30
CA GLY M 286 58.28 66.01 21.41
C GLY M 286 57.74 65.66 20.04
N MET M 287 57.02 64.56 19.94
CA MET M 287 56.30 64.25 18.71
C MET M 287 54.96 64.97 18.78
N PRO M 288 54.66 65.83 17.81
CA PRO M 288 53.39 66.57 17.90
C PRO M 288 52.20 65.70 17.53
N SER M 289 51.35 65.39 18.50
CA SER M 289 50.24 64.44 18.29
C SER M 289 49.22 65.01 17.32
N GLY M 290 49.21 64.53 16.09
CA GLY M 290 48.31 65.12 15.11
C GLY M 290 48.98 65.49 13.80
N CYS M 291 50.30 65.41 13.76
CA CYS M 291 51.02 65.59 12.52
C CYS M 291 50.69 64.39 11.63
N SER M 292 50.90 64.49 10.33
CA SER M 292 50.90 63.28 9.53
C SER M 292 52.13 62.47 9.93
N GLY M 293 51.97 61.15 9.94
CA GLY M 293 53.04 60.23 10.28
C GLY M 293 53.15 59.88 11.75
N THR M 294 52.43 60.59 12.59
CA THR M 294 52.56 60.39 14.04
C THR M 294 52.53 58.91 14.47
N SER M 295 51.61 58.08 13.98
CA SER M 295 51.69 56.66 14.38
C SER M 295 52.96 55.97 13.86
N ILE M 296 53.33 56.19 12.60
CA ILE M 296 54.48 55.49 12.03
C ILE M 296 55.82 55.93 12.66
N PHE M 297 55.98 57.23 12.90
CA PHE M 297 57.27 57.69 13.39
C PHE M 297 57.41 57.44 14.89
N ASN M 298 56.34 57.66 15.65
CA ASN M 298 56.28 57.20 17.04
C ASN M 298 56.64 55.69 17.20
N SER M 299 56.23 54.87 16.24
CA SER M 299 56.43 53.45 16.32
C SER M 299 57.86 53.07 15.98
N MET M 300 58.35 53.66 14.89
CA MET M 300 59.76 53.49 14.52
C MET M 300 60.65 53.93 15.66
N ILE M 301 60.31 55.06 16.27
CA ILE M 301 61.12 55.54 17.36
C ILE M 301 61.06 54.57 18.52
N ASN M 302 59.92 53.97 18.79
CA ASN M 302 59.85 52.99 19.86
C ASN M 302 60.72 51.74 19.58
N ASN M 303 60.78 51.32 18.32
CA ASN M 303 61.66 50.23 17.94
C ASN M 303 63.12 50.57 18.22
N ILE M 304 63.49 51.83 18.00
CA ILE M 304 64.86 52.27 18.29
C ILE M 304 65.07 52.39 19.80
N ILE M 305 64.12 53.01 20.50
CA ILE M 305 64.19 53.16 21.94
C ILE M 305 64.41 51.80 22.65
N ILE M 306 63.44 50.90 22.56
CA ILE M 306 63.54 49.65 23.31
C ILE M 306 64.83 48.88 22.96
N ARG M 307 65.21 48.86 21.68
CA ARG M 307 66.44 48.17 21.31
C ARG M 307 67.64 48.77 22.02
N THR M 308 67.64 50.10 22.12
CA THR M 308 68.72 50.83 22.75
C THR M 308 68.87 50.49 24.22
N LEU M 309 67.76 50.60 24.93
CA LEU M 309 67.72 50.25 26.35
C LEU M 309 68.24 48.83 26.59
N MET M 310 67.91 47.92 25.69
CA MET M 310 68.33 46.53 25.85
C MET M 310 69.83 46.46 25.69
N LEU M 311 70.33 46.97 24.58
CA LEU M 311 71.78 47.00 24.33
C LEU M 311 72.54 47.71 25.46
N LYS M 312 71.89 48.66 26.13
CA LYS M 312 72.58 49.41 27.16
C LYS M 312 72.58 48.68 28.48
N VAL M 313 71.40 48.24 28.91
CA VAL M 313 71.27 47.58 30.20
C VAL M 313 71.90 46.19 30.17
N TYR M 314 71.58 45.40 29.16
CA TYR M 314 72.12 44.05 29.00
C TYR M 314 73.20 44.02 27.93
N LYS M 315 74.40 44.42 28.30
CA LYS M 315 75.47 44.46 27.32
C LYS M 315 75.79 43.05 26.88
N GLY M 316 76.01 42.87 25.57
CA GLY M 316 76.07 41.53 25.02
C GLY M 316 74.70 40.89 25.06
N ILE M 317 73.87 41.27 24.10
CA ILE M 317 72.51 40.75 23.99
C ILE M 317 72.21 40.57 22.50
N ASP M 318 71.48 39.51 22.14
CA ASP M 318 71.31 39.23 20.72
C ASP M 318 69.95 39.65 20.18
N LEU M 319 69.91 40.79 19.50
CA LEU M 319 68.64 41.33 19.03
C LEU M 319 68.04 40.53 17.86
N ASP M 320 68.79 39.59 17.31
CA ASP M 320 68.22 38.73 16.28
C ASP M 320 67.15 37.84 16.89
N GLN M 321 67.10 37.80 18.22
CA GLN M 321 66.14 36.96 18.93
C GLN M 321 65.15 37.82 19.72
N PHE M 322 65.25 39.12 19.54
CA PHE M 322 64.31 40.06 20.16
C PHE M 322 63.16 40.29 19.18
N ARG M 323 61.96 40.44 19.73
CA ARG M 323 60.77 40.65 18.91
C ARG M 323 59.84 41.67 19.56
N MET M 324 59.42 42.69 18.80
CA MET M 324 58.46 43.63 19.32
C MET M 324 57.47 44.11 18.28
N ILE M 325 56.28 44.43 18.79
CA ILE M 325 55.25 45.05 17.99
C ILE M 325 54.91 46.34 18.68
N ALA M 326 54.99 47.43 17.95
CA ALA M 326 54.73 48.73 18.56
C ALA M 326 53.50 49.33 17.89
N TYR M 327 52.66 50.01 18.66
CA TYR M 327 51.65 50.88 18.05
C TYR M 327 51.76 52.28 18.67
N GLY M 328 52.69 53.08 18.14
CA GLY M 328 52.96 54.38 18.71
C GLY M 328 53.72 54.11 19.99
N ASP M 329 53.19 54.54 21.14
CA ASP M 329 53.88 54.28 22.42
C ASP M 329 53.57 52.86 22.92
N ASP M 330 52.46 52.31 22.46
CA ASP M 330 52.02 51.01 22.94
C ASP M 330 52.90 49.91 22.36
N VAL M 331 53.38 49.03 23.23
CA VAL M 331 54.30 47.99 22.81
C VAL M 331 54.09 46.66 23.53
N ILE M 332 54.13 45.60 22.75
CA ILE M 332 54.17 44.27 23.28
C ILE M 332 55.43 43.60 22.69
N ALA M 333 56.21 42.90 23.52
CA ALA M 333 57.46 42.33 23.02
C ALA M 333 57.87 41.07 23.76
N SER M 334 58.91 40.42 23.25
CA SER M 334 59.43 39.22 23.89
C SER M 334 60.90 39.05 23.60
N TYR M 335 61.58 38.39 24.54
CA TYR M 335 62.95 37.98 24.41
C TYR M 335 63.08 36.58 24.98
N PRO M 336 63.92 35.71 24.38
CA PRO M 336 64.07 34.34 24.90
C PRO M 336 64.48 34.23 26.37
N TRP M 337 65.03 35.29 26.97
CA TRP M 337 65.39 35.24 28.38
C TRP M 337 64.73 36.36 29.20
N PRO M 338 64.55 36.11 30.51
CA PRO M 338 63.99 37.09 31.44
C PRO M 338 64.68 38.42 31.38
N ILE M 339 63.90 39.46 31.09
CA ILE M 339 64.40 40.82 31.05
C ILE M 339 63.74 41.63 32.15
N ASP M 340 64.53 42.34 32.93
CA ASP M 340 63.98 43.16 33.99
C ASP M 340 63.62 44.54 33.43
N ALA M 341 62.32 44.78 33.24
CA ALA M 341 61.87 46.05 32.66
C ALA M 341 62.04 47.22 33.60
N SER M 342 62.31 46.96 34.87
CA SER M 342 62.56 48.07 35.80
C SER M 342 63.93 48.67 35.47
N LEU M 343 64.83 47.81 35.00
CA LEU M 343 66.17 48.24 34.61
C LEU M 343 66.12 49.00 33.28
N LEU M 344 65.24 48.54 32.38
CA LEU M 344 65.04 49.23 31.10
C LEU M 344 64.38 50.57 31.38
N ALA M 345 63.63 50.62 32.48
CA ALA M 345 62.98 51.85 32.87
C ALA M 345 64.04 52.81 33.38
N GLU M 346 64.90 52.31 34.28
CA GLU M 346 66.00 53.12 34.81
C GLU M 346 66.84 53.71 33.67
N ALA M 347 67.26 52.85 32.74
CA ALA M 347 67.98 53.26 31.55
C ALA M 347 67.18 54.31 30.80
N GLY M 348 65.93 53.96 30.48
CA GLY M 348 65.00 54.88 29.84
C GLY M 348 64.97 56.26 30.45
N LYS M 349 65.00 56.32 31.79
CA LYS M 349 64.93 57.60 32.49
C LYS M 349 66.10 58.52 32.12
N GLY M 350 67.27 57.93 31.92
CA GLY M 350 68.46 58.66 31.58
C GLY M 350 68.37 59.33 30.23
N TYR M 351 67.53 58.78 29.33
CA TYR M 351 67.28 59.40 28.03
C TYR M 351 65.97 60.22 27.98
N GLY M 352 65.46 60.63 29.13
CA GLY M 352 64.23 61.42 29.13
C GLY M 352 62.90 60.65 29.11
N LEU M 353 62.92 59.33 28.96
CA LEU M 353 61.68 58.56 28.87
C LEU M 353 61.23 58.11 30.23
N ILE M 354 59.92 58.19 30.46
CA ILE M 354 59.33 57.79 31.72
C ILE M 354 58.54 56.48 31.55
N MET M 355 59.15 55.37 31.94
CA MET M 355 58.54 54.06 31.77
C MET M 355 57.98 53.54 33.08
N THR M 356 56.75 53.04 33.04
CA THR M 356 56.03 52.55 34.21
C THR M 356 55.55 51.12 33.97
N PRO M 357 55.25 50.38 35.05
CA PRO M 357 54.77 49.00 34.87
C PRO M 357 53.48 48.93 34.06
N ALA M 358 53.38 47.91 33.20
CA ALA M 358 52.25 47.78 32.28
C ALA M 358 50.90 47.72 32.99
N ASP M 359 49.95 48.50 32.48
CA ASP M 359 48.54 48.49 32.92
C ASP M 359 48.36 48.94 34.37
N LYS M 360 49.05 50.01 34.72
CA LYS M 360 48.89 50.71 36.01
C LYS M 360 49.12 49.84 37.26
N GLY M 361 50.36 49.38 37.45
CA GLY M 361 50.74 48.67 38.66
C GLY M 361 51.91 49.37 39.33
N GLU M 362 52.28 48.93 40.54
CA GLU M 362 53.39 49.54 41.28
C GLU M 362 54.50 48.53 41.51
N CYS M 363 54.41 47.41 40.79
CA CYS M 363 55.48 46.43 40.68
C CYS M 363 55.68 46.04 39.22
N PHE M 364 56.94 45.96 38.78
CA PHE M 364 57.25 45.46 37.45
C PHE M 364 57.16 43.96 37.48
N ASN M 365 55.95 43.46 37.73
CA ASN M 365 55.67 42.04 37.83
C ASN M 365 56.08 41.30 36.58
N GLU M 366 55.91 39.99 36.62
CA GLU M 366 56.00 39.20 35.42
C GLU M 366 54.83 39.57 34.51
N VAL M 367 55.14 39.72 33.24
CA VAL M 367 54.12 40.02 32.25
C VAL M 367 53.71 38.70 31.60
N THR M 368 52.53 38.21 31.94
CA THR M 368 52.07 36.92 31.45
C THR M 368 51.16 37.13 30.25
N TRP M 369 50.85 36.06 29.51
CA TRP M 369 49.89 36.18 28.43
C TRP M 369 48.51 36.40 29.00
N THR M 370 48.41 36.25 30.31
CA THR M 370 47.13 36.36 31.00
C THR M 370 46.83 37.82 31.29
N ASN M 371 47.84 38.53 31.77
CA ASN M 371 47.62 39.89 32.23
C ASN M 371 48.15 40.95 31.26
N VAL M 372 48.83 40.52 30.20
CA VAL M 372 49.34 41.46 29.19
C VAL M 372 48.22 42.07 28.34
N THR M 373 48.31 43.37 28.06
CA THR M 373 47.34 43.94 27.13
C THR M 373 48.05 44.60 25.97
N PHE M 374 47.32 44.77 24.88
CA PHE M 374 47.85 45.49 23.75
C PHE M 374 46.65 46.14 23.10
N LEU M 375 46.81 47.38 22.63
CA LEU M 375 45.71 48.20 22.08
C LEU M 375 44.48 48.11 23.00
N LYS M 376 44.74 48.11 24.30
CA LYS M 376 43.72 48.02 25.36
C LYS M 376 43.01 46.62 25.44
N ARG M 377 43.43 45.68 24.60
CA ARG M 377 42.82 44.35 24.56
C ARG M 377 43.69 43.29 25.22
N TYR M 378 43.07 42.46 26.06
CA TYR M 378 43.72 41.28 26.59
C TYR M 378 43.76 40.17 25.56
N PHE M 379 44.56 39.15 25.82
CA PHE M 379 44.62 37.97 24.94
C PHE M 379 43.97 36.72 25.57
N ARG M 380 42.90 36.19 24.99
CA ARG M 380 42.34 34.90 25.46
C ARG M 380 42.17 33.95 24.29
N ALA M 381 42.66 32.73 24.43
CA ALA M 381 42.46 31.75 23.38
C ALA M 381 41.06 31.20 23.49
N ASP M 382 40.49 30.86 22.35
CA ASP M 382 39.20 30.17 22.31
C ASP M 382 39.25 28.89 23.11
N GLU M 383 38.15 28.58 23.77
CA GLU M 383 38.08 27.35 24.54
C GLU M 383 37.90 26.16 23.59
N GLN M 384 37.46 26.46 22.37
CA GLN M 384 37.10 25.44 21.36
C GLN M 384 38.17 25.28 20.28
N TYR M 385 38.80 26.39 19.89
CA TYR M 385 39.92 26.36 18.96
C TYR M 385 41.12 27.11 19.56
N PRO M 386 42.00 26.40 20.26
CA PRO M 386 42.99 27.09 21.11
C PRO M 386 44.07 27.87 20.36
N PHE M 387 44.07 27.78 19.03
CA PHE M 387 45.03 28.54 18.24
C PHE M 387 44.46 29.87 17.76
N LEU M 388 43.16 30.04 17.93
CA LEU M 388 42.52 31.32 17.65
C LEU M 388 42.42 32.13 18.94
N VAL M 389 42.88 33.39 18.92
CA VAL M 389 42.93 34.20 20.12
C VAL M 389 41.97 35.39 20.06
N HIS M 390 41.29 35.63 21.18
CA HIS M 390 40.31 36.68 21.27
C HIS M 390 41.00 37.93 21.74
N PRO M 391 40.74 39.06 21.05
CA PRO M 391 41.15 40.34 21.61
C PRO M 391 40.10 40.76 22.63
N VAL M 392 40.49 40.85 23.89
CA VAL M 392 39.47 41.05 24.92
C VAL M 392 39.53 42.42 25.56
N MET M 393 38.71 43.32 25.01
CA MET M 393 38.49 44.61 25.63
C MET M 393 37.66 44.44 26.89
N PRO M 394 38.18 44.90 28.05
CA PRO M 394 37.47 44.79 29.32
C PRO M 394 36.07 45.42 29.28
N MET M 395 35.08 44.75 29.85
CA MET M 395 33.72 45.28 29.80
C MET M 395 33.60 46.63 30.50
N LYS M 396 34.52 46.94 31.40
CA LYS M 396 34.47 48.22 32.13
C LYS M 396 34.82 49.38 31.21
N ASP M 397 35.62 49.12 30.18
CA ASP M 397 35.99 50.19 29.25
C ASP M 397 34.91 50.43 28.21
N ILE M 398 34.20 49.36 27.88
CA ILE M 398 33.02 49.45 27.02
C ILE M 398 31.88 50.17 27.74
N HIS M 399 31.70 49.81 29.01
CA HIS M 399 30.79 50.54 29.88
C HIS M 399 31.05 52.05 29.85
N GLU M 400 32.30 52.49 30.00
CA GLU M 400 32.61 53.93 29.93
C GLU M 400 32.07 54.59 28.67
N SER M 401 32.32 53.99 27.50
CA SER M 401 31.85 54.53 26.22
C SER M 401 30.33 54.72 26.13
N ILE M 402 29.59 53.70 26.56
CA ILE M 402 28.16 53.66 26.31
C ILE M 402 27.40 54.69 27.15
N ARG M 403 27.97 55.08 28.29
CA ARG M 403 27.32 56.02 29.18
C ARG M 403 27.24 57.46 28.66
N TRP M 404 27.90 57.74 27.53
CA TRP M 404 27.88 59.08 26.93
C TRP M 404 27.61 58.98 25.43
N THR M 405 27.28 60.15 24.87
CA THR M 405 27.11 60.30 23.43
C THR M 405 27.45 61.73 22.98
N LYS M 406 27.85 61.88 21.72
CA LYS M 406 28.05 63.22 21.17
C LYS M 406 26.83 63.61 20.36
N ASP M 407 25.94 62.65 20.15
CA ASP M 407 24.71 62.83 19.38
C ASP M 407 23.90 61.55 19.41
N PRO M 408 22.71 61.58 20.06
CA PRO M 408 21.87 60.38 20.25
C PRO M 408 21.30 59.83 18.94
N LYS M 409 21.37 60.62 17.87
CA LYS M 409 21.05 60.12 16.53
C LYS M 409 21.89 58.90 16.18
N ASN M 410 23.00 58.70 16.86
CA ASN M 410 23.93 57.63 16.52
C ASN M 410 23.88 56.42 17.46
N THR M 411 22.93 56.41 18.40
CA THR M 411 22.89 55.39 19.45
C THR M 411 22.91 53.95 18.92
N GLN M 412 22.37 53.76 17.73
CA GLN M 412 22.26 52.43 17.16
C GLN M 412 23.64 51.98 16.72
N ASP M 413 24.24 52.80 15.87
CA ASP M 413 25.57 52.57 15.37
C ASP M 413 26.55 52.43 16.53
N HIS M 414 26.47 53.39 17.46
CA HIS M 414 27.31 53.36 18.64
C HIS M 414 27.21 52.00 19.36
N VAL M 415 26.02 51.62 19.77
CA VAL M 415 25.86 50.39 20.53
C VAL M 415 26.27 49.15 19.74
N ARG M 416 25.88 49.03 18.45
CA ARG M 416 26.39 47.94 17.58
C ARG M 416 27.92 47.82 17.57
N SER M 417 28.59 48.96 17.44
CA SER M 417 30.04 48.96 17.45
C SER M 417 30.56 48.42 18.79
N LEU M 418 29.95 48.86 19.88
CA LEU M 418 30.36 48.37 21.19
C LEU M 418 30.17 46.85 21.27
N CYS M 419 29.09 46.35 20.67
CA CYS M 419 28.76 44.91 20.76
C CYS M 419 29.89 44.09 20.13
N LEU M 420 30.35 44.52 18.95
CA LEU M 420 31.50 43.91 18.27
C LEU M 420 32.80 44.01 19.06
N LEU M 421 32.81 44.75 20.16
CA LEU M 421 33.94 44.71 21.07
C LEU M 421 33.66 43.76 22.23
N ALA M 422 32.44 43.81 22.75
CA ALA M 422 32.10 43.15 24.01
C ALA M 422 32.06 41.66 23.91
N TRP M 423 31.68 41.13 22.75
CA TRP M 423 31.33 39.72 22.66
C TRP M 423 32.54 38.82 22.88
N HIS M 424 33.73 39.33 22.58
CA HIS M 424 34.95 38.57 22.86
C HIS M 424 35.15 38.35 24.36
N ASN M 425 34.34 38.99 25.21
CA ASN M 425 34.37 38.68 26.66
C ASN M 425 33.64 37.34 26.97
N GLY M 426 32.95 36.79 25.98
CA GLY M 426 32.23 35.55 26.19
C GLY M 426 30.71 35.66 26.16
N GLU M 427 30.02 34.52 26.07
CA GLU M 427 28.57 34.56 25.94
C GLU M 427 27.89 35.06 27.22
N HIS M 428 28.38 34.63 28.38
CA HIS M 428 27.80 35.11 29.63
C HIS M 428 27.80 36.62 29.69
N GLU M 429 29.01 37.18 29.60
CA GLU M 429 29.22 38.60 29.75
C GLU M 429 28.43 39.35 28.69
N TYR M 430 28.47 38.83 27.47
CA TYR M 430 27.82 39.51 26.37
C TYR M 430 26.31 39.58 26.59
N GLU M 431 25.72 38.52 27.12
CA GLU M 431 24.28 38.51 27.28
C GLU M 431 23.86 39.38 28.45
N GLU M 432 24.69 39.42 29.50
CA GLU M 432 24.49 40.35 30.62
C GLU M 432 24.52 41.81 30.13
N PHE M 433 25.36 42.03 29.13
CA PHE M 433 25.53 43.35 28.52
C PHE M 433 24.29 43.65 27.69
N ILE M 434 23.92 42.71 26.83
CA ILE M 434 22.71 42.84 26.02
C ILE M 434 21.47 42.99 26.93
N ARG M 435 21.52 42.40 28.11
CA ARG M 435 20.40 42.53 29.04
C ARG M 435 20.32 43.94 29.60
N LYS M 436 21.42 44.40 30.17
CA LYS M 436 21.46 45.74 30.74
C LYS M 436 21.05 46.77 29.67
N ILE M 437 21.52 46.58 28.43
CA ILE M 437 21.12 47.45 27.32
C ILE M 437 19.61 47.38 27.09
N ARG M 438 19.04 46.17 27.21
CA ARG M 438 17.60 46.00 27.00
C ARG M 438 16.81 46.54 28.19
N SER M 439 17.47 46.70 29.34
CA SER M 439 16.80 47.13 30.56
C SER M 439 16.34 48.59 30.55
N VAL M 440 16.26 49.16 29.35
CA VAL M 440 15.99 50.58 29.19
C VAL M 440 15.26 50.83 27.87
N PRO M 441 14.14 51.57 27.91
CA PRO M 441 13.19 51.72 26.79
C PRO M 441 13.85 51.87 25.42
N VAL M 442 14.89 52.70 25.32
CA VAL M 442 15.59 52.91 24.06
C VAL M 442 16.39 51.67 23.66
N GLY M 443 16.96 51.00 24.65
CA GLY M 443 17.68 49.75 24.40
C GLY M 443 16.82 48.72 23.73
N ARG M 444 15.53 48.73 24.04
CA ARG M 444 14.57 47.79 23.44
C ARG M 444 14.18 48.18 22.02
N CYS M 445 14.74 49.30 21.52
CA CYS M 445 14.38 49.79 20.19
C CYS M 445 15.51 49.58 19.21
N LEU M 446 16.60 48.98 19.69
CA LEU M 446 17.77 48.79 18.83
C LEU M 446 17.90 47.39 18.31
N THR M 447 18.34 47.30 17.06
CA THR M 447 18.81 46.04 16.48
C THR M 447 20.22 45.70 16.93
N LEU M 448 20.32 44.76 17.87
CA LEU M 448 21.60 44.26 18.37
C LEU M 448 21.92 42.91 17.76
N PRO M 449 23.20 42.67 17.44
CA PRO M 449 23.63 41.39 16.85
C PRO M 449 23.58 40.25 17.85
N ALA M 450 23.26 39.05 17.38
CA ALA M 450 23.29 37.84 18.21
C ALA M 450 24.74 37.35 18.41
N PHE M 451 25.10 36.99 19.65
CA PHE M 451 26.40 36.40 19.94
C PHE M 451 26.81 35.36 18.91
N SER M 452 25.96 34.36 18.76
CA SER M 452 26.18 33.25 17.84
C SER M 452 26.55 33.73 16.43
N THR M 453 26.00 34.85 16.02
CA THR M 453 26.33 35.39 14.70
C THR M 453 27.73 36.01 14.70
N LEU M 454 28.08 36.64 15.82
CA LEU M 454 29.39 37.24 16.00
C LEU M 454 30.46 36.17 16.01
N ARG M 455 30.32 35.19 16.90
CA ARG M 455 31.23 34.06 16.93
C ARG M 455 31.38 33.39 15.57
N ARG M 456 30.26 33.18 14.88
CA ARG M 456 30.29 32.50 13.60
C ARG M 456 31.11 33.29 12.60
N LYS M 457 30.78 34.56 12.42
CA LYS M 457 31.51 35.40 11.46
C LYS M 457 33.01 35.43 11.76
N TRP M 458 33.35 35.46 13.04
CA TRP M 458 34.74 35.51 13.47
C TRP M 458 35.47 34.26 13.02
N LEU M 459 34.98 33.09 13.45
CA LEU M 459 35.54 31.81 13.02
C LEU M 459 35.61 31.73 11.48
N ASP M 460 34.57 32.26 10.83
CA ASP M 460 34.52 32.27 9.37
C ASP M 460 35.65 33.13 8.77
N SER M 461 36.18 34.08 9.55
CA SER M 461 37.23 34.98 9.05
C SER M 461 38.50 34.21 8.70
N PHE M 462 38.91 33.35 9.63
CA PHE M 462 40.01 32.44 9.42
C PHE M 462 39.64 31.35 8.40
N GLY M 463 39.59 31.73 7.13
CA GLY M 463 39.24 30.84 6.04
C GLY M 463 39.45 31.46 4.66
#